data_6JIX
#
_entry.id   6JIX
#
_cell.length_a   68.390
_cell.length_b   164.544
_cell.length_c   109.240
_cell.angle_alpha   90.000
_cell.angle_beta   105.810
_cell.angle_gamma   90.000
#
_symmetry.space_group_name_H-M   'P 1 21 1'
#
loop_
_entity.id
_entity.type
_entity.pdbx_description
1 polymer 'taurine:2-oxoglutarate aminotransferase'
2 non-polymer 'GLUTAMIC ACID'
3 non-polymer "PYRIDOXAL-5'-PHOSPHATE"
4 water water
#
_entity_poly.entity_id   1
_entity_poly.type   'polypeptide(L)'
_entity_poly.pdbx_seq_one_letter_code
;SNMEELTGEEVASLHSEYVMQSWHKQGGPVKPIKKADGIYFWDYDGKRYTDMSSLLVCSNLGHELPEIVDAIKEQADNMC
FMAPAYASEPKSRLAKMLVDVADPDFYQRVFFTNGGADSNENAIKMARMVTGRPKIFSCYRSYHGSTIGASNASGDWRRF
ATELGGSAPGFVHFMNPNMYEDGYTRGVDDATVTADYLHRLDEQLQYEGPDSVAAILMESIVGANGVILPPEGYMEGVRA
LCDKYGILMICDEVMAGFGRTGKMFAWQNFDVKPDMFTFAKGVTCGYVPLGGVVVSKRISDYFTDHVLQCGLTYSGHTLA
CAAGVAAVNYYLEHDVCAHVKEMEGILKPFLESMVEKHKCVGEARCIGLFSALTIVKNKETRELMAPYHTPNSVMPQIMA
KLMDLGFSTFGRETNINICPPLIITAEQLEEELPKLDKVLTWVDENLCD
;
_entity_poly.pdbx_strand_id   B,A,C,D
#
loop_
_chem_comp.id
_chem_comp.type
_chem_comp.name
_chem_comp.formula
PLP non-polymer PYRIDOXAL-5'-PHOSPHATE 'C8 H10 N O6 P'
#
# COMPACT_ATOMS: atom_id res chain seq x y z
N MET A 3 -32.37 -0.42 38.00
CA MET A 3 -33.64 -0.46 37.27
C MET A 3 -34.31 -1.82 37.38
N GLU A 4 -35.40 -1.96 36.64
CA GLU A 4 -36.18 -3.19 36.66
C GLU A 4 -35.58 -4.24 35.77
N GLU A 5 -35.34 -5.43 36.33
CA GLU A 5 -34.73 -6.50 35.57
C GLU A 5 -35.54 -6.78 34.29
N LEU A 6 -34.84 -7.09 33.21
CA LEU A 6 -35.47 -7.32 31.92
C LEU A 6 -35.84 -8.79 31.73
N THR A 7 -37.01 -9.03 31.14
CA THR A 7 -37.43 -10.37 30.74
C THR A 7 -36.59 -10.86 29.57
N GLY A 8 -36.58 -12.19 29.39
CA GLY A 8 -35.92 -12.75 28.24
C GLY A 8 -36.40 -12.09 26.95
N GLU A 9 -37.72 -11.95 26.80
CA GLU A 9 -38.25 -11.37 25.56
C GLU A 9 -37.82 -9.92 25.40
N GLU A 10 -37.69 -9.18 26.51
CA GLU A 10 -37.20 -7.80 26.42
C GLU A 10 -35.72 -7.76 26.08
N VAL A 11 -34.93 -8.68 26.63
CA VAL A 11 -33.49 -8.67 26.40
C VAL A 11 -33.18 -9.03 24.96
N ALA A 12 -33.87 -10.04 24.40
CA ALA A 12 -33.62 -10.45 23.03
C ALA A 12 -34.15 -9.43 22.03
N SER A 13 -35.26 -8.76 22.36
CA SER A 13 -35.82 -7.74 21.49
C SER A 13 -34.89 -6.53 21.40
N LEU A 14 -34.41 -6.04 22.54
CA LEU A 14 -33.49 -4.90 22.54
C LEU A 14 -32.21 -5.23 21.80
N HIS A 15 -31.70 -6.45 21.96
CA HIS A 15 -30.50 -6.84 21.22
C HIS A 15 -30.76 -6.81 19.71
N SER A 16 -31.89 -7.41 19.29
CA SER A 16 -32.21 -7.49 17.86
C SER A 16 -32.38 -6.12 17.24
N GLU A 17 -32.74 -5.12 18.05
CA GLU A 17 -33.10 -3.80 17.59
C GLU A 17 -31.96 -2.78 17.70
N TYR A 18 -31.11 -2.93 18.73
CA TYR A 18 -30.15 -1.89 19.10
C TYR A 18 -28.70 -2.34 19.13
N VAL A 19 -28.41 -3.63 19.13
CA VAL A 19 -27.05 -4.17 19.23
C VAL A 19 -26.53 -4.45 17.84
N MET A 20 -25.27 -4.14 17.59
CA MET A 20 -24.65 -4.50 16.33
C MET A 20 -23.91 -5.83 16.48
N GLN A 21 -24.42 -6.84 15.80
CA GLN A 21 -23.93 -8.22 15.91
C GLN A 21 -22.72 -8.44 15.00
N SER A 22 -21.69 -9.09 15.53
CA SER A 22 -20.52 -9.43 14.72
C SER A 22 -20.85 -10.52 13.70
N TRP A 23 -20.32 -10.33 12.48
CA TRP A 23 -20.29 -11.35 11.42
C TRP A 23 -21.67 -11.85 11.01
N HIS A 24 -22.68 -10.97 11.02
CA HIS A 24 -24.06 -11.36 10.74
C HIS A 24 -24.77 -10.17 10.12
N LYS A 25 -25.90 -10.44 9.47
CA LYS A 25 -26.82 -9.35 9.16
C LYS A 25 -27.53 -8.94 10.43
N GLN A 26 -27.89 -7.67 10.50
CA GLN A 26 -28.44 -7.17 11.75
C GLN A 26 -29.89 -7.61 11.90
N GLY A 27 -30.35 -7.69 13.14
CA GLY A 27 -31.77 -7.81 13.44
C GLY A 27 -32.36 -9.20 13.40
N GLY A 28 -31.55 -10.26 13.30
CA GLY A 28 -32.10 -11.58 13.31
C GLY A 28 -32.74 -11.93 14.65
N PRO A 29 -33.26 -13.15 14.75
CA PRO A 29 -33.62 -13.68 16.07
C PRO A 29 -32.37 -14.00 16.88
N VAL A 30 -32.51 -14.05 18.21
CA VAL A 30 -31.36 -14.24 19.08
C VAL A 30 -31.77 -14.93 20.38
N LYS A 31 -30.90 -15.84 20.85
CA LYS A 31 -31.12 -16.52 22.12
C LYS A 31 -30.62 -15.63 23.26
N PRO A 32 -31.49 -15.28 24.24
CA PRO A 32 -31.02 -14.48 25.38
C PRO A 32 -30.50 -15.34 26.51
N ILE A 33 -29.29 -15.04 27.01
CA ILE A 33 -28.64 -15.83 28.04
C ILE A 33 -28.70 -15.06 29.35
N LYS A 34 -29.17 -15.74 30.40
CA LYS A 34 -29.49 -15.14 31.69
C LYS A 34 -28.40 -15.35 32.73
N LYS A 35 -27.68 -16.48 32.63
CA LYS A 35 -26.75 -16.88 33.67
C LYS A 35 -25.79 -17.91 33.08
N ALA A 36 -24.58 -17.96 33.65
CA ALA A 36 -23.60 -18.98 33.31
C ALA A 36 -22.90 -19.45 34.57
N ASP A 37 -22.48 -20.71 34.57
CA ASP A 37 -21.81 -21.30 35.73
C ASP A 37 -21.15 -22.65 35.39
N GLY A 38 -19.89 -22.81 35.77
CA GLY A 38 -19.18 -24.02 35.41
C GLY A 38 -19.09 -24.13 33.91
N ILE A 39 -19.49 -25.29 33.38
CA ILE A 39 -19.42 -25.55 31.96
C ILE A 39 -20.79 -25.32 31.28
N TYR A 40 -21.70 -24.59 31.92
CA TYR A 40 -23.05 -24.40 31.41
C TYR A 40 -23.42 -22.93 31.34
N PHE A 41 -24.46 -22.66 30.55
CA PHE A 41 -25.16 -21.38 30.61
C PHE A 41 -26.63 -21.66 30.27
N TRP A 42 -27.50 -20.69 30.62
CA TRP A 42 -28.95 -20.88 30.56
C TRP A 42 -29.62 -19.73 29.84
N ASP A 43 -30.61 -20.06 29.00
CA ASP A 43 -31.45 -19.02 28.44
C ASP A 43 -32.54 -18.67 29.45
N TYR A 44 -33.40 -17.70 29.11
CA TYR A 44 -34.34 -17.22 30.12
C TYR A 44 -35.49 -18.18 30.37
N ASP A 45 -35.67 -19.20 29.53
CA ASP A 45 -36.63 -20.29 29.79
C ASP A 45 -36.06 -21.40 30.67
N GLY A 46 -34.78 -21.34 31.04
CA GLY A 46 -34.23 -22.35 31.91
C GLY A 46 -33.55 -23.52 31.20
N LYS A 47 -33.60 -23.57 29.86
CA LYS A 47 -32.88 -24.64 29.17
C LYS A 47 -31.38 -24.47 29.35
N ARG A 48 -30.68 -25.58 29.55
CA ARG A 48 -29.26 -25.57 29.86
C ARG A 48 -28.44 -25.97 28.64
N TYR A 49 -27.40 -25.20 28.34
CA TYR A 49 -26.48 -25.52 27.27
C TYR A 49 -25.14 -25.88 27.89
N THR A 50 -24.55 -26.99 27.44
CA THR A 50 -23.23 -27.39 27.89
C THR A 50 -22.24 -26.74 26.94
N ASP A 51 -21.33 -25.93 27.50
CA ASP A 51 -20.48 -25.07 26.68
C ASP A 51 -19.29 -25.88 26.17
N MET A 52 -19.55 -26.70 25.15
CA MET A 52 -18.53 -27.57 24.59
C MET A 52 -17.50 -26.86 23.71
N SER A 53 -17.69 -25.56 23.41
CA SER A 53 -16.68 -24.79 22.69
C SER A 53 -16.02 -23.73 23.57
N SER A 54 -16.28 -23.76 24.87
CA SER A 54 -15.74 -22.77 25.79
C SER A 54 -16.02 -21.35 25.30
N LEU A 55 -17.24 -21.15 24.79
CA LEU A 55 -17.67 -19.95 24.09
C LEU A 55 -16.84 -19.77 22.81
N LEU A 56 -15.82 -18.90 22.82
CA LEU A 56 -14.96 -18.82 21.65
C LEU A 56 -13.59 -19.44 21.96
N VAL A 57 -13.62 -20.65 22.53
CA VAL A 57 -12.41 -21.32 23.02
C VAL A 57 -11.66 -20.36 23.94
N CYS A 58 -12.38 -19.70 24.86
CA CYS A 58 -11.76 -18.72 25.77
C CYS A 58 -12.08 -18.98 27.23
N SER A 59 -13.28 -19.51 27.52
CA SER A 59 -13.69 -19.73 28.90
C SER A 59 -13.01 -20.99 29.46
N ASN A 60 -11.68 -20.90 29.59
CA ASN A 60 -10.86 -22.08 29.82
C ASN A 60 -11.15 -22.73 31.17
N LEU A 61 -11.50 -21.94 32.19
CA LEU A 61 -11.81 -22.46 33.51
C LEU A 61 -13.31 -22.49 33.79
N GLY A 62 -14.13 -22.64 32.76
CA GLY A 62 -15.56 -22.59 32.94
C GLY A 62 -16.01 -21.17 33.24
N HIS A 63 -17.24 -21.07 33.72
CA HIS A 63 -17.87 -19.80 34.00
C HIS A 63 -18.03 -19.59 35.51
N GLU A 64 -17.90 -18.34 35.94
CA GLU A 64 -18.13 -17.94 37.32
C GLU A 64 -17.24 -18.68 38.30
N LEU A 65 -16.10 -19.16 37.84
CA LEU A 65 -15.13 -19.78 38.72
C LEU A 65 -14.88 -18.85 39.90
N PRO A 66 -15.16 -19.29 41.13
CA PRO A 66 -15.03 -18.37 42.27
C PRO A 66 -13.67 -17.69 42.38
N GLU A 67 -12.57 -18.38 42.03
CA GLU A 67 -11.25 -17.78 42.23
C GLU A 67 -11.09 -16.50 41.42
N ILE A 68 -11.54 -16.50 40.15
CA ILE A 68 -11.43 -15.29 39.32
C ILE A 68 -12.51 -14.29 39.70
N VAL A 69 -13.74 -14.76 39.91
CA VAL A 69 -14.82 -13.87 40.31
C VAL A 69 -14.43 -13.09 41.54
N ASP A 70 -13.90 -13.79 42.55
CA ASP A 70 -13.56 -13.11 43.79
C ASP A 70 -12.42 -12.12 43.60
N ALA A 71 -11.39 -12.51 42.84
CA ALA A 71 -10.28 -11.59 42.58
C ALA A 71 -10.77 -10.32 41.93
N ILE A 72 -11.76 -10.44 41.04
CA ILE A 72 -12.31 -9.28 40.36
C ILE A 72 -12.97 -8.35 41.38
N LYS A 73 -13.80 -8.91 42.27
CA LYS A 73 -14.47 -8.10 43.28
C LYS A 73 -13.47 -7.47 44.23
N GLU A 74 -12.45 -8.21 44.65
CA GLU A 74 -11.45 -7.62 45.54
C GLU A 74 -10.73 -6.47 44.86
N GLN A 75 -10.37 -6.65 43.59
CA GLN A 75 -9.68 -5.56 42.89
C GLN A 75 -10.62 -4.38 42.70
N ALA A 76 -11.91 -4.64 42.43
CA ALA A 76 -12.88 -3.56 42.26
C ALA A 76 -13.09 -2.77 43.54
N ASP A 77 -12.87 -3.39 44.72
CA ASP A 77 -13.01 -2.64 45.97
C ASP A 77 -11.79 -1.76 46.23
N ASN A 78 -10.67 -2.01 45.56
CA ASN A 78 -9.46 -1.22 45.74
C ASN A 78 -9.28 -0.19 44.64
N MET A 79 -9.17 -0.65 43.39
CA MET A 79 -8.74 0.19 42.30
C MET A 79 -9.04 -0.53 41.00
N CYS A 80 -10.10 -0.11 40.30
CA CYS A 80 -10.49 -0.77 39.05
C CYS A 80 -9.49 -0.52 37.93
N PHE A 81 -8.94 0.70 37.86
CA PHE A 81 -7.99 1.10 36.82
C PHE A 81 -7.01 2.12 37.36
N MET A 82 -5.74 1.95 36.97
CA MET A 82 -4.69 2.96 37.15
C MET A 82 -3.87 2.99 35.87
N ALA A 83 -3.36 4.16 35.52
CA ALA A 83 -2.86 4.41 34.17
C ALA A 83 -1.58 3.60 33.85
N PRO A 84 -1.25 3.46 32.56
CA PRO A 84 0.00 2.78 32.18
C PRO A 84 1.28 3.37 32.78
N ALA A 85 1.36 4.69 33.02
CA ALA A 85 2.62 5.22 33.55
C ALA A 85 2.90 4.81 35.00
N TYR A 86 1.98 4.13 35.67
CA TYR A 86 2.17 3.75 37.06
C TYR A 86 2.26 2.24 37.17
N ALA A 87 3.08 1.77 38.11
CA ALA A 87 3.09 0.35 38.43
C ALA A 87 1.90 0.02 39.33
N SER A 88 1.34 -1.17 39.15
CA SER A 88 0.29 -1.64 40.04
C SER A 88 0.57 -3.09 40.40
N GLU A 89 0.12 -3.49 41.59
CA GLU A 89 0.42 -4.84 42.05
C GLU A 89 -0.01 -5.90 41.04
N PRO A 90 -1.28 -5.93 40.64
CA PRO A 90 -1.72 -6.98 39.71
C PRO A 90 -0.95 -6.99 38.39
N LYS A 91 -0.56 -5.82 37.88
CA LYS A 91 0.16 -5.77 36.62
C LYS A 91 1.59 -6.28 36.77
N SER A 92 2.28 -5.88 37.84
CA SER A 92 3.63 -6.40 38.06
C SER A 92 3.60 -7.91 38.31
N ARG A 93 2.66 -8.37 39.12
CA ARG A 93 2.61 -9.78 39.43
C ARG A 93 2.27 -10.60 38.20
N LEU A 94 1.43 -10.06 37.32
CA LEU A 94 1.01 -10.87 36.19
C LEU A 94 2.13 -10.97 35.15
N ALA A 95 2.86 -9.87 34.93
CA ALA A 95 3.98 -9.91 33.99
C ALA A 95 5.03 -10.92 34.43
N LYS A 96 5.40 -10.92 35.72
CA LYS A 96 6.39 -11.89 36.18
C LYS A 96 5.85 -13.32 36.06
N MET A 97 4.62 -13.55 36.53
CA MET A 97 4.05 -14.89 36.45
C MET A 97 4.04 -15.40 35.01
N LEU A 98 3.69 -14.52 34.07
CA LEU A 98 3.61 -14.94 32.68
C LEU A 98 5.00 -15.26 32.13
N VAL A 99 5.96 -14.36 32.35
CA VAL A 99 7.34 -14.63 31.96
C VAL A 99 7.82 -15.95 32.57
N ASP A 100 7.46 -16.18 33.85
CA ASP A 100 7.91 -17.38 34.57
C ASP A 100 7.36 -18.67 33.94
N VAL A 101 6.05 -18.74 33.66
CA VAL A 101 5.49 -19.97 33.10
C VAL A 101 5.92 -20.19 31.64
N ALA A 102 6.31 -19.13 30.93
CA ALA A 102 6.75 -19.23 29.55
C ALA A 102 8.18 -19.74 29.46
N ASP A 103 9.13 -18.99 30.08
CA ASP A 103 10.50 -19.40 30.28
C ASP A 103 11.37 -18.24 30.75
N PRO A 104 11.77 -18.21 32.03
CA PRO A 104 12.41 -17.01 32.58
C PRO A 104 13.82 -16.81 32.08
N ASP A 105 14.43 -17.85 31.50
CA ASP A 105 15.77 -17.72 30.96
C ASP A 105 15.75 -17.17 29.56
N PHE A 106 14.60 -17.20 28.89
CA PHE A 106 14.47 -16.65 27.55
C PHE A 106 13.65 -15.36 27.48
N TYR A 107 12.51 -15.28 28.15
CA TYR A 107 11.63 -14.12 28.04
C TYR A 107 11.88 -13.15 29.18
N GLN A 108 11.43 -11.91 28.98
CA GLN A 108 11.72 -10.84 29.92
C GLN A 108 10.50 -10.02 30.29
N ARG A 109 9.76 -9.52 29.31
CA ARG A 109 8.70 -8.56 29.58
C ARG A 109 7.40 -9.02 28.94
N VAL A 110 6.31 -8.40 29.37
CA VAL A 110 4.97 -8.61 28.80
C VAL A 110 4.36 -7.26 28.44
N PHE A 111 3.81 -7.16 27.22
CA PHE A 111 3.13 -5.96 26.78
C PHE A 111 1.63 -6.23 26.79
N PHE A 112 0.91 -5.66 27.76
CA PHE A 112 -0.50 -5.98 27.94
C PHE A 112 -1.36 -5.17 26.97
N THR A 113 -2.37 -5.85 26.41
CA THR A 113 -3.30 -5.25 25.48
C THR A 113 -4.72 -5.58 25.93
N ASN A 114 -5.71 -5.28 25.12
CA ASN A 114 -7.09 -5.55 25.46
C ASN A 114 -7.60 -6.88 24.97
N GLY A 115 -6.95 -7.47 23.98
CA GLY A 115 -7.42 -8.73 23.41
C GLY A 115 -6.38 -9.32 22.50
N GLY A 116 -6.84 -10.18 21.59
CA GLY A 116 -5.94 -10.84 20.66
C GLY A 116 -5.48 -9.99 19.48
N ALA A 117 -6.42 -9.30 18.83
CA ALA A 117 -6.07 -8.54 17.64
C ALA A 117 -5.02 -7.47 17.94
N ASP A 118 -5.20 -6.69 19.01
CA ASP A 118 -4.22 -5.61 19.23
C ASP A 118 -2.87 -6.19 19.66
N SER A 119 -2.86 -7.36 20.29
CA SER A 119 -1.57 -7.94 20.63
C SER A 119 -0.82 -8.42 19.38
N ASN A 120 -1.52 -8.94 18.37
CA ASN A 120 -0.83 -9.24 17.12
C ASN A 120 -0.39 -7.97 16.40
N GLU A 121 -1.26 -6.95 16.38
CA GLU A 121 -0.89 -5.64 15.83
C GLU A 121 0.42 -5.15 16.43
N ASN A 122 0.53 -5.25 17.74
CA ASN A 122 1.69 -4.70 18.41
C ASN A 122 2.90 -5.61 18.22
N ALA A 123 2.69 -6.93 18.20
CA ALA A 123 3.80 -7.84 17.91
C ALA A 123 4.39 -7.55 16.54
N ILE A 124 3.52 -7.35 15.54
CA ILE A 124 3.98 -6.92 14.23
C ILE A 124 4.81 -5.64 14.33
N LYS A 125 4.25 -4.61 14.97
CA LYS A 125 4.96 -3.33 15.06
C LYS A 125 6.32 -3.49 15.68
N MET A 126 6.40 -4.28 16.76
CA MET A 126 7.68 -4.49 17.44
C MET A 126 8.67 -5.23 16.56
N ALA A 127 8.21 -6.25 15.81
CA ALA A 127 9.13 -6.99 14.94
C ALA A 127 9.70 -6.07 13.86
N ARG A 128 8.87 -5.21 13.28
CA ARG A 128 9.38 -4.28 12.29
C ARG A 128 10.38 -3.31 12.91
N MET A 129 10.11 -2.84 14.15
CA MET A 129 11.03 -1.93 14.83
C MET A 129 12.34 -2.64 15.21
N VAL A 130 12.24 -3.85 15.76
CA VAL A 130 13.43 -4.55 16.22
C VAL A 130 14.33 -4.93 15.04
N THR A 131 13.76 -5.56 14.02
CA THR A 131 14.58 -6.02 12.91
C THR A 131 14.85 -4.92 11.88
N GLY A 132 14.07 -3.85 11.89
CA GLY A 132 14.21 -2.87 10.83
C GLY A 132 13.74 -3.32 9.46
N ARG A 133 13.08 -4.47 9.36
CA ARG A 133 12.66 -5.00 8.07
C ARG A 133 11.16 -4.81 7.89
N PRO A 134 10.67 -4.69 6.66
CA PRO A 134 9.25 -4.30 6.49
C PRO A 134 8.24 -5.44 6.49
N LYS A 135 8.62 -6.64 6.06
CA LYS A 135 7.65 -7.66 5.66
C LYS A 135 7.29 -8.60 6.79
N ILE A 136 6.02 -9.04 6.79
CA ILE A 136 5.49 -10.04 7.70
C ILE A 136 4.99 -11.21 6.85
N PHE A 137 5.49 -12.41 7.13
CA PHE A 137 4.93 -13.63 6.54
C PHE A 137 3.89 -14.23 7.48
N SER A 138 2.77 -14.69 6.91
CA SER A 138 1.79 -15.40 7.72
C SER A 138 1.02 -16.37 6.84
N CYS A 139 0.32 -17.30 7.50
CA CYS A 139 -0.30 -18.42 6.80
C CYS A 139 -1.65 -18.02 6.23
N TYR A 140 -1.96 -18.56 5.05
CA TYR A 140 -3.30 -18.40 4.47
C TYR A 140 -4.36 -19.04 5.36
N ARG A 141 -4.06 -20.20 5.96
CA ARG A 141 -5.00 -20.87 6.87
C ARG A 141 -4.73 -20.39 8.29
N SER A 142 -5.26 -19.22 8.60
CA SER A 142 -4.99 -18.59 9.89
C SER A 142 -5.98 -17.45 10.11
N TYR A 143 -6.21 -17.15 11.39
CA TYR A 143 -6.92 -15.95 11.81
C TYR A 143 -6.17 -15.29 12.96
N HIS A 144 -5.95 -13.98 12.84
CA HIS A 144 -5.20 -13.21 13.83
C HIS A 144 -5.91 -11.96 14.34
N GLY A 145 -7.16 -11.73 13.94
CA GLY A 145 -7.90 -10.56 14.37
C GLY A 145 -8.49 -9.82 13.19
N SER A 146 -9.32 -8.82 13.52
CA SER A 146 -10.13 -8.14 12.52
C SER A 146 -9.72 -6.70 12.27
N THR A 147 -8.89 -6.11 13.12
CA THR A 147 -8.42 -4.76 12.84
C THR A 147 -7.48 -4.79 11.65
N ILE A 148 -7.28 -3.62 11.03
CA ILE A 148 -6.63 -3.57 9.71
C ILE A 148 -5.29 -4.32 9.73
N GLY A 149 -4.51 -4.14 10.80
CA GLY A 149 -3.21 -4.81 10.86
C GLY A 149 -3.34 -6.32 11.01
N ALA A 150 -4.10 -6.76 12.03
CA ALA A 150 -4.23 -8.20 12.25
C ALA A 150 -4.99 -8.88 11.12
N SER A 151 -5.91 -8.16 10.46
CA SER A 151 -6.72 -8.77 9.41
C SER A 151 -5.92 -8.92 8.12
N ASN A 152 -5.05 -7.95 7.81
CA ASN A 152 -4.14 -8.14 6.68
C ASN A 152 -3.22 -9.33 6.93
N ALA A 153 -2.81 -9.54 8.18
CA ALA A 153 -1.99 -10.69 8.51
C ALA A 153 -2.80 -12.00 8.48
N SER A 154 -4.11 -11.92 8.68
CA SER A 154 -4.94 -13.12 8.72
C SER A 154 -5.14 -13.70 7.32
N GLY A 155 -5.19 -15.03 7.25
CA GLY A 155 -5.36 -15.74 5.99
C GLY A 155 -6.80 -15.91 5.52
N ASP A 156 -7.73 -16.18 6.43
CA ASP A 156 -9.05 -16.57 5.96
C ASP A 156 -9.81 -15.35 5.41
N TRP A 157 -10.92 -15.64 4.73
CA TRP A 157 -11.60 -14.68 3.88
C TRP A 157 -12.14 -13.47 4.62
N ARG A 158 -12.15 -13.48 5.95
CA ARG A 158 -12.57 -12.28 6.69
C ARG A 158 -11.63 -11.10 6.44
N ARG A 159 -10.45 -11.36 5.88
CA ARG A 159 -9.52 -10.31 5.46
C ARG A 159 -10.01 -9.52 4.23
N PHE A 160 -10.87 -10.11 3.39
CA PHE A 160 -11.25 -9.48 2.13
C PHE A 160 -11.92 -8.12 2.38
N ALA A 161 -12.81 -8.06 3.38
CA ALA A 161 -13.44 -6.79 3.72
C ALA A 161 -12.40 -5.77 4.15
N THR A 162 -11.46 -6.18 5.02
CA THR A 162 -10.44 -5.24 5.46
C THR A 162 -9.63 -4.72 4.27
N GLU A 163 -9.54 -5.53 3.21
CA GLU A 163 -8.79 -5.16 2.02
C GLU A 163 -9.50 -4.15 1.14
N LEU A 164 -10.74 -3.77 1.45
CA LEU A 164 -11.37 -2.67 0.73
C LEU A 164 -10.52 -1.41 0.88
N GLY A 165 -10.22 -0.77 -0.23
CA GLY A 165 -9.25 0.31 -0.19
C GLY A 165 -7.79 -0.11 -0.41
N GLY A 166 -7.48 -1.41 -0.45
CA GLY A 166 -6.12 -1.91 -0.66
C GLY A 166 -5.52 -2.76 0.45
N SER A 167 -4.60 -3.67 0.10
CA SER A 167 -3.89 -4.45 1.10
C SER A 167 -2.81 -3.59 1.74
N ALA A 168 -2.63 -3.72 3.04
CA ALA A 168 -1.57 -2.98 3.68
C ALA A 168 -0.22 -3.59 3.25
N PRO A 169 0.79 -2.77 2.98
CA PRO A 169 2.03 -3.32 2.41
C PRO A 169 2.80 -4.16 3.42
N GLY A 170 3.57 -5.10 2.89
CA GLY A 170 4.46 -5.88 3.70
C GLY A 170 3.85 -7.10 4.32
N PHE A 171 2.71 -7.55 3.83
CA PHE A 171 2.02 -8.73 4.34
C PHE A 171 2.01 -9.80 3.26
N VAL A 172 2.92 -10.77 3.37
CA VAL A 172 3.06 -11.88 2.43
C VAL A 172 2.48 -13.14 3.06
N HIS A 173 1.62 -13.83 2.31
CA HIS A 173 0.95 -15.02 2.80
C HIS A 173 1.53 -16.26 2.15
N PHE A 174 1.76 -17.29 2.97
CA PHE A 174 2.19 -18.59 2.47
C PHE A 174 1.19 -19.66 2.87
N MET A 175 1.07 -20.66 2.01
CA MET A 175 0.14 -21.75 2.26
C MET A 175 0.74 -22.75 3.25
N ASN A 176 0.00 -23.03 4.34
CA ASN A 176 0.39 -24.05 5.29
C ASN A 176 -0.39 -25.33 5.04
N PRO A 177 0.15 -26.49 5.42
CA PRO A 177 -0.50 -27.75 5.09
C PRO A 177 -1.68 -28.04 6.01
N ASN A 178 -2.78 -28.48 5.40
CA ASN A 178 -3.89 -29.12 6.12
C ASN A 178 -3.87 -30.56 5.65
N MET A 179 -3.18 -31.41 6.40
CA MET A 179 -2.83 -32.74 5.91
C MET A 179 -4.01 -33.46 5.28
N TYR A 180 -5.13 -33.58 5.99
CA TYR A 180 -6.26 -34.32 5.43
C TYR A 180 -6.76 -33.66 4.14
N GLU A 181 -7.03 -32.34 4.17
CA GLU A 181 -7.62 -31.69 3.01
C GLU A 181 -6.68 -31.68 1.80
N ASP A 182 -5.38 -31.87 2.00
CA ASP A 182 -4.43 -31.89 0.91
C ASP A 182 -4.17 -33.30 0.38
N GLY A 183 -4.78 -34.33 0.98
CA GLY A 183 -4.65 -35.67 0.45
C GLY A 183 -3.70 -36.60 1.19
N TYR A 184 -3.15 -36.21 2.33
CA TYR A 184 -2.20 -37.04 3.08
C TYR A 184 -2.85 -37.58 4.35
N THR A 185 -2.03 -38.28 5.15
CA THR A 185 -2.52 -39.04 6.31
C THR A 185 -1.57 -38.84 7.49
N ARG A 186 -2.09 -38.23 8.57
CA ARG A 186 -1.24 -37.80 9.70
C ARG A 186 -0.38 -38.94 10.25
N GLY A 187 -0.79 -40.17 10.12
CA GLY A 187 0.13 -41.16 10.65
C GLY A 187 1.39 -41.28 9.80
N VAL A 188 1.23 -41.72 8.56
CA VAL A 188 2.34 -42.15 7.71
C VAL A 188 3.00 -41.07 6.85
N ASP A 189 2.49 -39.83 6.82
CA ASP A 189 2.93 -38.92 5.76
C ASP A 189 3.68 -37.66 6.21
N ASP A 190 3.95 -37.50 7.50
CA ASP A 190 4.41 -36.20 7.99
C ASP A 190 5.76 -35.80 7.40
N ALA A 191 6.70 -36.73 7.25
CA ALA A 191 8.04 -36.32 6.86
C ALA A 191 8.07 -35.74 5.44
N THR A 192 7.20 -36.24 4.55
CA THR A 192 7.10 -35.74 3.18
C THR A 192 6.42 -34.37 3.15
N VAL A 193 5.27 -34.28 3.81
CA VAL A 193 4.55 -33.02 3.85
C VAL A 193 5.41 -31.94 4.50
N THR A 194 6.10 -32.29 5.58
CA THR A 194 6.95 -31.32 6.26
C THR A 194 8.08 -30.88 5.35
N ALA A 195 8.74 -31.83 4.71
CA ALA A 195 9.84 -31.48 3.82
C ALA A 195 9.37 -30.58 2.69
N ASP A 196 8.22 -30.89 2.10
CA ASP A 196 7.71 -30.10 0.98
C ASP A 196 7.31 -28.70 1.44
N TYR A 197 6.55 -28.61 2.54
CA TYR A 197 6.06 -27.28 2.91
C TYR A 197 7.17 -26.38 3.48
N LEU A 198 8.15 -26.96 4.17
CA LEU A 198 9.32 -26.17 4.54
C LEU A 198 10.07 -25.66 3.32
N HIS A 199 10.14 -26.47 2.25
CA HIS A 199 10.87 -26.01 1.07
C HIS A 199 10.10 -24.93 0.34
N ARG A 200 8.78 -25.07 0.23
CA ARG A 200 7.93 -24.01 -0.31
C ARG A 200 8.13 -22.70 0.44
N LEU A 201 8.19 -22.76 1.77
CA LEU A 201 8.35 -21.54 2.55
C LEU A 201 9.75 -20.94 2.36
N ASP A 202 10.78 -21.78 2.46
CA ASP A 202 12.15 -21.33 2.17
C ASP A 202 12.23 -20.67 0.79
N GLU A 203 11.65 -21.32 -0.21
CA GLU A 203 11.73 -20.76 -1.57
C GLU A 203 11.02 -19.43 -1.66
N GLN A 204 9.85 -19.31 -1.03
CA GLN A 204 9.13 -18.04 -1.04
C GLN A 204 9.87 -16.97 -0.25
N LEU A 205 10.44 -17.33 0.90
CA LEU A 205 11.29 -16.39 1.61
C LEU A 205 12.42 -15.90 0.71
N GLN A 206 13.07 -16.81 0.01
CA GLN A 206 14.16 -16.41 -0.88
C GLN A 206 13.68 -15.46 -1.96
N TYR A 207 12.49 -15.70 -2.51
CA TYR A 207 11.97 -14.86 -3.58
C TYR A 207 11.38 -13.54 -3.07
N GLU A 208 11.22 -13.37 -1.76
CA GLU A 208 10.82 -12.09 -1.20
C GLU A 208 11.99 -11.31 -0.59
N GLY A 209 13.18 -11.91 -0.52
CA GLY A 209 14.32 -11.31 0.12
C GLY A 209 14.31 -11.51 1.63
N PRO A 210 15.00 -12.55 2.11
CA PRO A 210 14.93 -12.89 3.55
C PRO A 210 15.37 -11.75 4.45
N ASP A 211 16.27 -10.89 3.98
CA ASP A 211 16.69 -9.70 4.71
C ASP A 211 15.59 -8.68 4.88
N SER A 212 14.47 -8.81 4.18
CA SER A 212 13.36 -7.88 4.31
C SER A 212 12.19 -8.43 5.12
N VAL A 213 12.31 -9.63 5.68
CA VAL A 213 11.23 -10.26 6.41
C VAL A 213 11.51 -10.08 7.90
N ALA A 214 10.68 -9.27 8.56
CA ALA A 214 10.87 -9.02 9.98
C ALA A 214 10.42 -10.19 10.84
N ALA A 215 9.35 -10.87 10.42
CA ALA A 215 8.75 -11.88 11.26
C ALA A 215 7.91 -12.83 10.43
N ILE A 216 7.88 -14.09 10.86
CA ILE A 216 6.88 -15.05 10.44
C ILE A 216 5.91 -15.18 11.59
N LEU A 217 4.62 -14.95 11.32
CA LEU A 217 3.60 -14.99 12.35
C LEU A 217 2.67 -16.18 12.08
N MET A 218 2.59 -17.10 13.03
CA MET A 218 1.72 -18.26 12.86
C MET A 218 1.07 -18.65 14.18
N GLU A 219 -0.20 -19.03 14.11
CA GLU A 219 -0.85 -19.74 15.20
C GLU A 219 -0.07 -21.00 15.53
N SER A 220 0.21 -21.18 16.83
CA SER A 220 0.95 -22.37 17.25
C SER A 220 0.32 -23.63 16.67
N ILE A 221 -0.99 -23.77 16.83
CA ILE A 221 -1.81 -24.76 16.14
C ILE A 221 -2.99 -23.99 15.57
N VAL A 222 -3.19 -24.06 14.25
CA VAL A 222 -4.27 -23.27 13.63
C VAL A 222 -5.59 -23.64 14.28
N GLY A 223 -6.28 -22.65 14.86
CA GLY A 223 -7.42 -22.91 15.72
C GLY A 223 -8.79 -22.77 15.12
N ALA A 224 -9.31 -21.53 15.06
CA ALA A 224 -10.69 -21.37 14.63
C ALA A 224 -10.93 -22.02 13.29
N ASN A 225 -9.90 -22.04 12.44
CA ASN A 225 -10.01 -22.63 11.11
C ASN A 225 -9.81 -24.14 11.13
N GLY A 226 -9.85 -24.77 12.29
CA GLY A 226 -10.06 -26.22 12.32
C GLY A 226 -9.14 -27.09 13.15
N VAL A 227 -8.44 -26.54 14.13
CA VAL A 227 -7.49 -27.32 14.93
C VAL A 227 -6.63 -28.13 13.98
N ILE A 228 -5.93 -27.44 13.08
CA ILE A 228 -5.16 -28.09 12.02
C ILE A 228 -3.79 -28.39 12.60
N LEU A 229 -3.68 -29.55 13.26
CA LEU A 229 -2.41 -30.01 13.79
C LEU A 229 -1.37 -30.06 12.68
N PRO A 230 -0.19 -29.48 12.88
CA PRO A 230 0.84 -29.48 11.83
C PRO A 230 1.48 -30.84 11.69
N PRO A 231 2.03 -31.16 10.51
CA PRO A 231 2.83 -32.37 10.38
C PRO A 231 4.04 -32.31 11.28
N GLU A 232 4.48 -33.48 11.74
CA GLU A 232 5.64 -33.60 12.60
C GLU A 232 6.81 -32.84 12.01
N GLY A 233 7.51 -32.07 12.85
CA GLY A 233 8.72 -31.40 12.43
C GLY A 233 8.56 -30.07 11.72
N TYR A 234 7.33 -29.71 11.30
CA TYR A 234 7.11 -28.47 10.56
C TYR A 234 7.41 -27.22 11.40
N MET A 235 6.84 -27.13 12.61
CA MET A 235 7.08 -25.93 13.43
C MET A 235 8.56 -25.78 13.75
N GLU A 236 9.26 -26.89 13.96
CA GLU A 236 10.69 -26.81 14.25
C GLU A 236 11.45 -26.30 13.04
N GLY A 237 11.02 -26.69 11.84
CA GLY A 237 11.69 -26.23 10.64
C GLY A 237 11.46 -24.76 10.38
N VAL A 238 10.24 -24.28 10.64
CA VAL A 238 9.97 -22.85 10.57
C VAL A 238 10.91 -22.09 11.50
N ARG A 239 11.03 -22.54 12.75
CA ARG A 239 11.97 -21.93 13.69
C ARG A 239 13.38 -21.93 13.13
N ALA A 240 13.75 -22.99 12.42
CA ALA A 240 15.08 -23.07 11.84
C ALA A 240 15.26 -22.03 10.74
N LEU A 241 14.27 -21.88 9.85
CA LEU A 241 14.38 -20.87 8.80
C LEU A 241 14.50 -19.48 9.39
N CYS A 242 13.71 -19.18 10.43
CA CYS A 242 13.82 -17.88 11.08
C CYS A 242 15.23 -17.66 11.60
N ASP A 243 15.78 -18.68 12.27
CA ASP A 243 17.13 -18.60 12.79
C ASP A 243 18.14 -18.36 11.66
N LYS A 244 18.00 -19.13 10.59
CA LYS A 244 18.90 -18.99 9.45
C LYS A 244 18.89 -17.56 8.91
N TYR A 245 17.73 -16.93 8.84
CA TYR A 245 17.54 -15.68 8.11
C TYR A 245 17.45 -14.45 9.00
N GLY A 246 17.47 -14.59 10.31
CA GLY A 246 17.33 -13.46 11.20
C GLY A 246 15.91 -12.95 11.32
N ILE A 247 14.92 -13.76 11.02
CA ILE A 247 13.51 -13.43 11.10
C ILE A 247 13.00 -13.82 12.48
N LEU A 248 12.23 -12.93 13.11
CA LEU A 248 11.60 -13.29 14.38
C LEU A 248 10.44 -14.22 14.13
N MET A 249 10.28 -15.20 15.01
CA MET A 249 9.12 -16.08 14.97
C MET A 249 8.14 -15.62 16.02
N ILE A 250 6.90 -15.38 15.60
CA ILE A 250 5.84 -14.96 16.51
C ILE A 250 4.77 -16.04 16.47
N CYS A 251 4.56 -16.70 17.60
CA CYS A 251 3.47 -17.66 17.71
C CYS A 251 2.26 -16.97 18.31
N ASP A 252 1.10 -17.23 17.72
CA ASP A 252 -0.18 -16.70 18.22
C ASP A 252 -0.79 -17.76 19.15
N GLU A 253 -0.82 -17.47 20.45
CA GLU A 253 -1.41 -18.34 21.45
C GLU A 253 -2.78 -17.87 21.89
N VAL A 254 -3.40 -16.96 21.13
CA VAL A 254 -4.66 -16.38 21.59
C VAL A 254 -5.69 -17.48 21.86
N MET A 255 -5.80 -18.46 20.96
CA MET A 255 -6.77 -19.52 21.12
C MET A 255 -6.18 -20.77 21.77
N ALA A 256 -4.93 -21.10 21.50
CA ALA A 256 -4.35 -22.35 21.95
C ALA A 256 -3.58 -22.23 23.26
N GLY A 257 -3.56 -21.03 23.86
CA GLY A 257 -2.83 -20.84 25.11
C GLY A 257 -3.64 -21.25 26.35
N PHE A 258 -2.91 -21.31 27.46
CA PHE A 258 -3.49 -21.51 28.79
C PHE A 258 -4.21 -22.85 28.92
N GLY A 259 -3.44 -23.93 28.70
CA GLY A 259 -3.88 -25.27 29.00
C GLY A 259 -4.69 -25.93 27.92
N ARG A 260 -5.10 -25.17 26.89
CA ARG A 260 -5.98 -25.70 25.85
C ARG A 260 -5.47 -27.04 25.29
N THR A 261 -4.15 -27.17 25.10
CA THR A 261 -3.55 -28.33 24.45
C THR A 261 -2.90 -29.31 25.41
N GLY A 262 -2.98 -29.06 26.72
CA GLY A 262 -2.30 -29.86 27.71
C GLY A 262 -1.00 -29.27 28.20
N LYS A 263 -0.51 -28.22 27.58
CA LYS A 263 0.64 -27.46 28.04
C LYS A 263 0.20 -26.03 28.27
N MET A 264 0.97 -25.27 29.05
CA MET A 264 0.54 -23.90 29.32
C MET A 264 0.43 -23.10 28.03
N PHE A 265 1.42 -23.20 27.14
CA PHE A 265 1.32 -22.61 25.82
C PHE A 265 1.49 -23.70 24.78
N ALA A 266 0.70 -23.64 23.71
CA ALA A 266 0.75 -24.69 22.71
C ALA A 266 2.13 -24.79 22.07
N TRP A 267 2.82 -23.66 21.89
CA TRP A 267 4.14 -23.80 21.30
C TRP A 267 5.05 -24.66 22.17
N GLN A 268 4.68 -24.88 23.44
CA GLN A 268 5.47 -25.75 24.29
C GLN A 268 5.33 -27.23 23.92
N ASN A 269 4.44 -27.57 22.97
CA ASN A 269 4.38 -28.95 22.49
C ASN A 269 5.42 -29.22 21.43
N PHE A 270 6.26 -28.25 21.14
CA PHE A 270 7.20 -28.30 20.02
C PHE A 270 8.55 -27.85 20.54
N ASP A 271 9.59 -28.22 19.80
CA ASP A 271 10.96 -27.89 20.18
C ASP A 271 11.37 -26.53 19.63
N VAL A 272 10.63 -25.50 20.05
CA VAL A 272 10.85 -24.13 19.58
C VAL A 272 10.61 -23.16 20.73
N LYS A 273 11.45 -22.12 20.81
CA LYS A 273 11.13 -20.95 21.63
C LYS A 273 10.89 -19.77 20.70
N PRO A 274 9.65 -19.30 20.53
CA PRO A 274 9.39 -18.16 19.66
C PRO A 274 9.94 -16.86 20.23
N ASP A 275 10.33 -15.94 19.33
CA ASP A 275 10.85 -14.68 19.80
C ASP A 275 9.80 -13.86 20.52
N MET A 276 8.53 -14.06 20.14
CA MET A 276 7.40 -13.39 20.76
C MET A 276 6.22 -14.32 20.63
N PHE A 277 5.28 -14.21 21.56
CA PHE A 277 4.03 -14.88 21.33
C PHE A 277 2.92 -14.05 21.94
N THR A 278 1.73 -14.17 21.36
CA THR A 278 0.60 -13.34 21.68
C THR A 278 -0.49 -14.20 22.31
N PHE A 279 -1.29 -13.57 23.16
CA PHE A 279 -2.27 -14.27 23.97
C PHE A 279 -3.42 -13.30 24.23
N ALA A 280 -4.59 -13.87 24.48
CA ALA A 280 -5.71 -13.17 25.09
C ALA A 280 -6.55 -14.12 25.94
N LYS A 281 -7.29 -14.99 25.28
CA LYS A 281 -8.55 -15.49 25.82
C LYS A 281 -8.38 -16.04 27.24
N GLY A 282 -7.60 -17.11 27.40
CA GLY A 282 -7.59 -17.81 28.67
C GLY A 282 -6.78 -17.16 29.77
N VAL A 283 -5.99 -16.11 29.46
CA VAL A 283 -5.29 -15.39 30.53
C VAL A 283 -6.30 -14.91 31.57
N THR A 284 -7.54 -14.64 31.15
CA THR A 284 -8.59 -14.31 32.11
C THR A 284 -9.86 -15.11 31.85
N CYS A 285 -9.82 -16.16 31.02
CA CYS A 285 -11.03 -16.91 30.67
C CYS A 285 -12.15 -16.01 30.16
N GLY A 286 -11.78 -14.84 29.65
CA GLY A 286 -12.73 -13.89 29.09
C GLY A 286 -13.45 -13.05 30.13
N TYR A 287 -13.17 -13.25 31.42
CA TYR A 287 -13.92 -12.58 32.45
C TYR A 287 -13.68 -11.08 32.43
N VAL A 288 -12.48 -10.64 32.03
CA VAL A 288 -12.16 -9.24 31.78
C VAL A 288 -11.27 -9.17 30.55
N PRO A 289 -11.52 -8.25 29.62
CA PRO A 289 -10.69 -8.16 28.40
C PRO A 289 -9.22 -7.98 28.73
N LEU A 290 -8.39 -8.89 28.21
CA LEU A 290 -6.96 -8.81 28.43
C LEU A 290 -6.25 -9.61 27.36
N GLY A 291 -5.16 -9.06 26.85
CA GLY A 291 -4.30 -9.75 25.91
C GLY A 291 -2.88 -9.30 26.13
N GLY A 292 -1.94 -9.74 25.29
CA GLY A 292 -0.58 -9.28 25.46
C GLY A 292 0.39 -9.90 24.49
N VAL A 293 1.64 -9.44 24.62
CA VAL A 293 2.79 -9.95 23.88
C VAL A 293 3.87 -10.27 24.90
N VAL A 294 4.33 -11.50 24.91
CA VAL A 294 5.51 -11.88 25.69
C VAL A 294 6.73 -11.77 24.78
N VAL A 295 7.74 -11.02 25.23
CA VAL A 295 8.87 -10.74 24.38
C VAL A 295 10.12 -11.32 25.02
N SER A 296 11.05 -11.74 24.18
CA SER A 296 12.34 -12.30 24.56
C SER A 296 13.21 -11.25 25.26
N LYS A 297 14.28 -11.73 25.92
CA LYS A 297 15.26 -10.81 26.49
C LYS A 297 15.87 -9.93 25.41
N ARG A 298 16.22 -10.50 24.26
CA ARG A 298 16.79 -9.68 23.19
C ARG A 298 15.85 -8.54 22.83
N ILE A 299 14.58 -8.87 22.60
CA ILE A 299 13.61 -7.83 22.25
C ILE A 299 13.43 -6.84 23.40
N SER A 300 13.38 -7.32 24.64
CA SER A 300 13.33 -6.40 25.77
C SER A 300 14.53 -5.46 25.76
N ASP A 301 15.71 -6.01 25.46
CA ASP A 301 16.92 -5.19 25.37
C ASP A 301 16.77 -4.11 24.32
N TYR A 302 16.24 -4.46 23.15
CA TYR A 302 16.09 -3.46 22.09
C TYR A 302 15.31 -2.25 22.61
N PHE A 303 14.21 -2.51 23.33
CA PHE A 303 13.36 -1.43 23.81
C PHE A 303 13.82 -0.89 25.16
N THR A 304 14.96 -1.34 25.66
CA THR A 304 15.64 -0.57 26.69
C THR A 304 16.44 0.58 26.06
N ASP A 305 17.06 0.36 24.89
CA ASP A 305 17.78 1.40 24.16
C ASP A 305 16.91 2.26 23.26
N HIS A 306 15.75 1.76 22.82
CA HIS A 306 14.88 2.48 21.92
C HIS A 306 13.48 2.62 22.51
N VAL A 307 12.83 3.71 22.15
CA VAL A 307 11.48 3.96 22.65
C VAL A 307 10.53 2.93 22.03
N LEU A 308 9.75 2.27 22.89
CA LEU A 308 8.69 1.39 22.42
C LEU A 308 7.54 2.25 21.90
N GLN A 309 7.44 2.42 20.59
CA GLN A 309 6.40 3.26 20.00
C GLN A 309 5.09 2.48 19.83
N CYS A 310 4.63 1.91 20.95
CA CYS A 310 3.38 1.18 21.06
C CYS A 310 2.71 1.61 22.35
N GLY A 311 1.39 1.55 22.37
CA GLY A 311 0.65 1.96 23.55
C GLY A 311 -0.84 1.88 23.33
N LEU A 312 -1.56 1.87 24.45
CA LEU A 312 -3.02 1.96 24.42
C LEU A 312 -3.48 2.40 25.80
N THR A 313 -4.61 3.12 25.82
CA THR A 313 -5.11 3.69 27.06
C THR A 313 -5.17 2.65 28.17
N TYR A 314 -5.71 1.47 27.89
CA TYR A 314 -6.00 0.49 28.94
C TYR A 314 -4.91 -0.56 29.13
N SER A 315 -3.72 -0.39 28.54
CA SER A 315 -2.65 -1.41 28.65
C SER A 315 -2.32 -1.72 30.11
N GLY A 316 -2.25 -3.01 30.44
CA GLY A 316 -2.00 -3.39 31.82
C GLY A 316 -3.14 -3.06 32.76
N HIS A 317 -4.36 -3.09 32.23
CA HIS A 317 -5.55 -2.74 32.99
C HIS A 317 -5.58 -3.46 34.32
N THR A 318 -5.82 -2.70 35.39
CA THR A 318 -5.63 -3.24 36.73
C THR A 318 -6.62 -4.35 37.06
N LEU A 319 -7.92 -4.07 36.92
CA LEU A 319 -8.91 -5.13 37.13
C LEU A 319 -8.60 -6.35 36.27
N ALA A 320 -8.34 -6.13 34.98
CA ALA A 320 -8.11 -7.24 34.08
C ALA A 320 -6.94 -8.08 34.56
N CYS A 321 -5.85 -7.43 34.99
CA CYS A 321 -4.69 -8.15 35.47
C CYS A 321 -4.99 -8.93 36.73
N ALA A 322 -5.74 -8.33 37.68
CA ALA A 322 -6.13 -9.06 38.88
C ALA A 322 -6.85 -10.34 38.50
N ALA A 323 -7.79 -10.27 37.55
CA ALA A 323 -8.43 -11.49 37.09
C ALA A 323 -7.40 -12.46 36.51
N GLY A 324 -6.41 -11.93 35.77
CA GLY A 324 -5.36 -12.79 35.22
C GLY A 324 -4.55 -13.50 36.28
N VAL A 325 -4.10 -12.78 37.30
CA VAL A 325 -3.32 -13.40 38.36
C VAL A 325 -4.09 -14.59 38.94
N ALA A 326 -5.40 -14.41 39.16
CA ALA A 326 -6.20 -15.49 39.74
C ALA A 326 -6.31 -16.66 38.78
N ALA A 327 -6.56 -16.38 37.50
CA ALA A 327 -6.66 -17.45 36.52
C ALA A 327 -5.36 -18.24 36.42
N VAL A 328 -4.24 -17.55 36.26
CA VAL A 328 -2.99 -18.29 36.07
C VAL A 328 -2.66 -19.11 37.32
N ASN A 329 -2.86 -18.54 38.50
CA ASN A 329 -2.63 -19.27 39.75
C ASN A 329 -3.49 -20.52 39.83
N TYR A 330 -4.72 -20.43 39.34
CA TYR A 330 -5.58 -21.63 39.29
C TYR A 330 -4.99 -22.69 38.36
N TYR A 331 -4.63 -22.30 37.14
CA TYR A 331 -4.07 -23.28 36.19
C TYR A 331 -2.97 -24.06 36.88
N LEU A 332 -2.09 -23.34 37.58
CA LEU A 332 -0.93 -23.97 38.18
C LEU A 332 -1.32 -24.77 39.42
N GLU A 333 -1.97 -24.13 40.39
CA GLU A 333 -2.25 -24.77 41.67
C GLU A 333 -3.11 -26.02 41.50
N HIS A 334 -4.03 -26.02 40.55
CA HIS A 334 -4.95 -27.15 40.35
C HIS A 334 -4.49 -28.06 39.23
N ASP A 335 -3.23 -27.94 38.83
CA ASP A 335 -2.61 -28.72 37.78
C ASP A 335 -3.61 -29.00 36.66
N VAL A 336 -4.02 -27.91 36.00
CA VAL A 336 -5.04 -28.02 34.97
C VAL A 336 -4.48 -28.67 33.72
N CYS A 337 -3.20 -28.46 33.42
CA CYS A 337 -2.60 -29.13 32.27
C CYS A 337 -2.67 -30.64 32.42
N ALA A 338 -2.26 -31.16 33.59
CA ALA A 338 -2.30 -32.60 33.79
C ALA A 338 -3.71 -33.14 33.67
N HIS A 339 -4.68 -32.40 34.19
CA HIS A 339 -6.07 -32.84 34.05
C HIS A 339 -6.51 -32.79 32.59
N VAL A 340 -6.01 -31.82 31.82
CA VAL A 340 -6.36 -31.74 30.41
C VAL A 340 -5.80 -32.94 29.66
N LYS A 341 -4.52 -33.27 29.90
CA LYS A 341 -3.95 -34.47 29.27
C LYS A 341 -4.81 -35.71 29.55
N GLU A 342 -5.24 -35.88 30.81
CA GLU A 342 -6.05 -37.05 31.13
C GLU A 342 -7.44 -36.97 30.49
N MET A 343 -8.03 -35.77 30.38
CA MET A 343 -9.27 -35.69 29.62
C MET A 343 -9.01 -35.88 28.12
N GLU A 344 -7.81 -35.57 27.64
CA GLU A 344 -7.49 -35.88 26.26
C GLU A 344 -7.68 -37.37 26.00
N GLY A 345 -7.32 -38.19 27.00
CA GLY A 345 -7.44 -39.63 26.93
C GLY A 345 -8.87 -40.12 26.81
N ILE A 346 -9.85 -39.26 27.06
CA ILE A 346 -11.25 -39.58 26.81
C ILE A 346 -11.69 -39.04 25.47
N LEU A 347 -11.36 -37.78 25.18
CA LEU A 347 -11.93 -37.10 24.02
C LEU A 347 -11.31 -37.63 22.73
N LYS A 348 -9.98 -37.76 22.68
CA LYS A 348 -9.31 -38.23 21.46
C LYS A 348 -9.84 -39.58 20.98
N PRO A 349 -9.82 -40.65 21.80
CA PRO A 349 -10.39 -41.92 21.33
C PRO A 349 -11.85 -41.83 20.94
N PHE A 350 -12.64 -41.02 21.61
CA PHE A 350 -14.04 -40.91 21.20
C PHE A 350 -14.16 -40.33 19.80
N LEU A 351 -13.40 -39.26 19.51
CA LEU A 351 -13.48 -38.65 18.19
C LEU A 351 -12.89 -39.57 17.12
N GLU A 352 -11.75 -40.22 17.43
CA GLU A 352 -11.20 -41.22 16.52
C GLU A 352 -12.23 -42.29 16.18
N SER A 353 -12.99 -42.73 17.19
CA SER A 353 -14.05 -43.70 16.97
C SER A 353 -15.24 -43.12 16.22
N MET A 354 -15.39 -41.80 16.21
CA MET A 354 -16.40 -41.21 15.34
C MET A 354 -15.98 -41.30 13.87
N VAL A 355 -14.67 -41.33 13.60
CA VAL A 355 -14.19 -41.55 12.24
C VAL A 355 -14.58 -42.94 11.75
N GLU A 356 -14.28 -43.97 12.58
CA GLU A 356 -14.64 -45.33 12.21
C GLU A 356 -16.17 -45.50 12.11
N LYS A 357 -16.96 -44.75 12.86
CA LYS A 357 -18.38 -45.04 12.92
C LYS A 357 -19.26 -44.29 11.92
N HIS A 358 -18.76 -43.22 11.30
CA HIS A 358 -19.66 -42.34 10.55
C HIS A 358 -19.18 -42.09 9.12
N LYS A 359 -20.12 -42.17 8.16
CA LYS A 359 -19.77 -41.92 6.78
C LYS A 359 -19.38 -40.46 6.57
N CYS A 360 -19.83 -39.57 7.46
CA CYS A 360 -19.65 -38.12 7.31
C CYS A 360 -18.41 -37.55 8.01
N VAL A 361 -17.59 -38.37 8.67
CA VAL A 361 -16.46 -37.86 9.43
C VAL A 361 -15.16 -38.35 8.79
N GLY A 362 -14.43 -37.43 8.18
CA GLY A 362 -13.19 -37.80 7.50
C GLY A 362 -11.97 -37.88 8.40
N GLU A 363 -11.86 -36.98 9.38
CA GLU A 363 -10.68 -36.97 10.23
C GLU A 363 -11.04 -36.40 11.59
N ALA A 364 -10.28 -36.82 12.60
CA ALA A 364 -10.40 -36.26 13.93
C ALA A 364 -9.03 -35.78 14.35
N ARG A 365 -8.98 -34.57 14.87
CA ARG A 365 -7.76 -34.03 15.44
C ARG A 365 -8.08 -33.62 16.86
N CYS A 366 -7.16 -33.88 17.78
CA CYS A 366 -7.39 -33.57 19.18
C CYS A 366 -6.04 -33.54 19.86
N ILE A 367 -5.71 -32.41 20.49
CA ILE A 367 -4.60 -32.33 21.44
C ILE A 367 -5.12 -31.63 22.68
N GLY A 368 -4.96 -32.29 23.85
CA GLY A 368 -5.59 -31.81 25.05
C GLY A 368 -7.10 -31.76 24.88
N LEU A 369 -7.69 -30.62 25.21
CA LEU A 369 -9.10 -30.40 24.95
C LEU A 369 -9.27 -29.43 23.77
N PHE A 370 -8.40 -29.58 22.76
CA PHE A 370 -8.36 -28.78 21.54
C PHE A 370 -8.55 -29.73 20.35
N SER A 371 -9.76 -29.78 19.79
CA SER A 371 -10.11 -30.88 18.91
C SER A 371 -11.13 -30.42 17.87
N ALA A 372 -11.18 -31.16 16.76
CA ALA A 372 -12.10 -30.86 15.67
C ALA A 372 -12.32 -32.09 14.80
N LEU A 373 -13.49 -32.14 14.17
CA LEU A 373 -13.82 -33.16 13.18
C LEU A 373 -13.96 -32.51 11.81
N THR A 374 -13.34 -33.14 10.80
CA THR A 374 -13.58 -32.76 9.41
C THR A 374 -14.80 -33.51 8.88
N ILE A 375 -15.84 -32.77 8.54
CA ILE A 375 -17.09 -33.34 8.03
C ILE A 375 -17.02 -33.39 6.51
N VAL A 376 -17.39 -34.54 5.95
CA VAL A 376 -17.28 -34.77 4.52
C VAL A 376 -18.63 -35.20 3.96
N LYS A 377 -18.89 -34.82 2.71
CA LYS A 377 -20.04 -35.35 1.98
C LYS A 377 -19.78 -36.75 1.44
N ASN A 378 -18.53 -37.22 1.52
CA ASN A 378 -18.10 -38.41 0.83
C ASN A 378 -16.74 -38.88 1.33
N LYS A 379 -16.72 -39.89 2.21
CA LYS A 379 -15.45 -40.31 2.79
C LYS A 379 -14.45 -40.75 1.73
N GLU A 380 -14.93 -41.29 0.59
CA GLU A 380 -14.04 -41.96 -0.36
C GLU A 380 -13.34 -40.97 -1.27
N THR A 381 -14.06 -39.99 -1.80
CA THR A 381 -13.47 -38.95 -2.64
C THR A 381 -12.86 -37.82 -1.84
N ARG A 382 -13.01 -37.83 -0.50
CA ARG A 382 -12.62 -36.74 0.39
C ARG A 382 -13.35 -35.45 0.07
N GLU A 383 -14.52 -35.53 -0.57
CA GLU A 383 -15.30 -34.33 -0.85
C GLU A 383 -15.80 -33.70 0.44
N LEU A 384 -15.40 -32.45 0.69
CA LEU A 384 -15.74 -31.78 1.93
C LEU A 384 -17.23 -31.44 1.96
N MET A 385 -17.78 -31.43 3.17
CA MET A 385 -19.18 -31.07 3.34
C MET A 385 -19.40 -29.58 3.12
N ALA A 386 -18.36 -28.79 3.32
CA ALA A 386 -18.39 -27.36 2.98
C ALA A 386 -16.99 -26.98 2.53
N PRO A 387 -16.73 -26.91 1.22
CA PRO A 387 -15.39 -26.53 0.74
C PRO A 387 -15.12 -25.07 1.07
N TYR A 388 -13.84 -24.68 0.96
CA TYR A 388 -13.40 -23.37 1.46
C TYR A 388 -14.33 -22.26 0.98
N HIS A 389 -14.81 -21.47 1.94
CA HIS A 389 -15.57 -20.24 1.65
C HIS A 389 -16.81 -20.49 0.78
N THR A 390 -17.48 -21.61 1.01
CA THR A 390 -18.69 -21.89 0.25
C THR A 390 -19.83 -20.96 0.67
N PRO A 391 -20.65 -20.51 -0.28
CA PRO A 391 -21.92 -19.88 0.08
C PRO A 391 -22.95 -20.93 0.46
N ASN A 392 -23.81 -20.57 1.42
CA ASN A 392 -24.83 -21.50 1.89
C ASN A 392 -24.20 -22.79 2.43
N SER A 393 -23.25 -22.62 3.35
CA SER A 393 -22.71 -23.75 4.08
C SER A 393 -23.80 -24.43 4.89
N VAL A 394 -23.87 -25.77 4.81
CA VAL A 394 -24.80 -26.52 5.65
C VAL A 394 -24.30 -26.74 7.06
N MET A 395 -23.07 -26.31 7.37
CA MET A 395 -22.54 -26.58 8.69
C MET A 395 -23.36 -25.93 9.81
N PRO A 396 -23.94 -24.73 9.64
CA PRO A 396 -24.77 -24.19 10.73
C PRO A 396 -25.96 -25.09 11.06
N GLN A 397 -26.57 -25.73 10.05
CA GLN A 397 -27.59 -26.74 10.29
C GLN A 397 -27.14 -27.78 11.32
N ILE A 398 -25.92 -28.33 11.12
CA ILE A 398 -25.35 -29.31 12.05
C ILE A 398 -25.10 -28.69 13.41
N MET A 399 -24.57 -27.47 13.43
CA MET A 399 -24.33 -26.76 14.68
C MET A 399 -25.63 -26.54 15.44
N ALA A 400 -26.73 -26.37 14.71
CA ALA A 400 -28.05 -26.16 15.33
C ALA A 400 -28.66 -27.47 15.81
N LYS A 401 -28.52 -28.55 15.04
CA LYS A 401 -28.96 -29.85 15.52
C LYS A 401 -28.24 -30.18 16.84
N LEU A 402 -26.95 -29.85 16.92
CA LEU A 402 -26.19 -30.03 18.16
C LEU A 402 -26.69 -29.12 19.27
N MET A 403 -26.89 -27.83 18.97
CA MET A 403 -27.37 -26.89 19.97
C MET A 403 -28.69 -27.34 20.57
N ASP A 404 -29.51 -28.04 19.80
CA ASP A 404 -30.82 -28.50 20.27
C ASP A 404 -30.73 -29.52 21.39
N LEU A 405 -29.67 -30.34 21.39
CA LEU A 405 -29.40 -31.29 22.46
C LEU A 405 -28.63 -30.66 23.63
N GLY A 406 -28.50 -29.34 23.67
CA GLY A 406 -27.71 -28.70 24.70
C GLY A 406 -26.20 -28.82 24.52
N PHE A 407 -25.76 -29.26 23.36
CA PHE A 407 -24.34 -29.37 23.04
C PHE A 407 -24.00 -28.13 22.22
N SER A 408 -23.48 -27.11 22.89
CA SER A 408 -23.21 -25.80 22.28
C SER A 408 -21.77 -25.74 21.80
N THR A 409 -21.59 -25.56 20.50
CA THR A 409 -20.26 -25.41 19.92
C THR A 409 -20.37 -24.58 18.65
N PHE A 410 -19.26 -24.47 17.93
CA PHE A 410 -19.22 -23.77 16.66
C PHE A 410 -18.15 -24.40 15.81
N GLY A 411 -18.07 -23.95 14.56
CA GLY A 411 -17.02 -24.39 13.67
C GLY A 411 -16.81 -23.34 12.60
N ARG A 412 -15.75 -23.54 11.83
CA ARG A 412 -15.51 -22.77 10.62
C ARG A 412 -15.30 -23.72 9.47
N GLU A 413 -15.58 -23.25 8.26
CA GLU A 413 -15.33 -24.05 7.06
C GLU A 413 -16.09 -25.37 7.18
N THR A 414 -15.40 -26.51 7.15
CA THR A 414 -16.02 -27.84 7.10
C THR A 414 -15.85 -28.58 8.41
N ASN A 415 -15.63 -27.85 9.52
CA ASN A 415 -15.26 -28.46 10.79
C ASN A 415 -16.28 -28.20 11.88
N ILE A 416 -16.32 -29.14 12.82
CA ILE A 416 -16.94 -28.98 14.11
C ILE A 416 -15.83 -28.95 15.14
N ASN A 417 -15.80 -27.91 15.96
CA ASN A 417 -14.87 -27.86 17.06
C ASN A 417 -15.45 -28.60 18.26
N ILE A 418 -14.56 -29.19 19.04
CA ILE A 418 -14.89 -29.66 20.37
C ILE A 418 -13.77 -29.16 21.27
N CYS A 419 -14.04 -28.09 22.02
CA CYS A 419 -13.06 -27.44 22.88
C CYS A 419 -13.75 -27.11 24.20
N PRO A 420 -14.09 -28.13 24.99
CA PRO A 420 -14.83 -27.91 26.24
C PRO A 420 -13.94 -27.26 27.30
N PRO A 421 -14.54 -26.66 28.33
CA PRO A 421 -13.73 -26.04 29.37
C PRO A 421 -12.76 -27.03 30.00
N LEU A 422 -11.56 -26.52 30.33
CA LEU A 422 -10.48 -27.33 30.88
C LEU A 422 -10.85 -27.95 32.21
N ILE A 423 -11.95 -27.52 32.85
CA ILE A 423 -12.38 -28.10 34.12
C ILE A 423 -13.41 -29.21 33.93
N ILE A 424 -13.83 -29.49 32.70
CA ILE A 424 -14.79 -30.56 32.47
C ILE A 424 -14.25 -31.88 33.06
N THR A 425 -15.17 -32.69 33.59
CA THR A 425 -14.79 -33.94 34.22
C THR A 425 -15.09 -35.08 33.27
N ALA A 426 -14.49 -36.24 33.57
CA ALA A 426 -14.79 -37.43 32.78
C ALA A 426 -16.29 -37.68 32.71
N GLU A 427 -17.00 -37.60 33.85
CA GLU A 427 -18.43 -37.89 33.83
C GLU A 427 -19.16 -36.92 32.90
N GLN A 428 -18.78 -35.66 32.93
CA GLN A 428 -19.43 -34.70 32.07
C GLN A 428 -19.19 -35.02 30.60
N LEU A 429 -17.93 -35.29 30.24
CA LEU A 429 -17.65 -35.75 28.88
C LEU A 429 -18.55 -36.92 28.51
N GLU A 430 -18.63 -37.92 29.41
CA GLU A 430 -19.43 -39.11 29.13
C GLU A 430 -20.91 -38.79 28.98
N GLU A 431 -21.36 -37.61 29.40
CA GLU A 431 -22.74 -37.21 29.24
C GLU A 431 -22.99 -36.42 27.97
N GLU A 432 -21.98 -35.68 27.50
CA GLU A 432 -22.16 -34.77 26.37
C GLU A 432 -21.82 -35.40 25.03
N LEU A 433 -20.73 -36.18 24.98
CA LEU A 433 -20.28 -36.74 23.72
C LEU A 433 -21.33 -37.57 23.01
N PRO A 434 -22.16 -38.37 23.70
CA PRO A 434 -23.26 -39.04 22.99
C PRO A 434 -24.14 -38.09 22.17
N LYS A 435 -24.27 -36.83 22.56
CA LYS A 435 -25.05 -35.89 21.76
C LYS A 435 -24.38 -35.62 20.41
N LEU A 436 -23.04 -35.61 20.38
CA LEU A 436 -22.32 -35.45 19.12
C LEU A 436 -22.50 -36.66 18.23
N ASP A 437 -22.43 -37.86 18.83
CA ASP A 437 -22.65 -39.09 18.08
C ASP A 437 -24.05 -39.12 17.49
N LYS A 438 -25.07 -38.76 18.28
CA LYS A 438 -26.43 -38.73 17.77
C LYS A 438 -26.55 -37.81 16.57
N VAL A 439 -25.93 -36.62 16.64
CA VAL A 439 -26.09 -35.64 15.56
C VAL A 439 -25.34 -36.10 14.32
N LEU A 440 -24.16 -36.70 14.50
CA LEU A 440 -23.41 -37.20 13.34
C LEU A 440 -24.22 -38.27 12.58
N THR A 441 -24.97 -39.10 13.31
CA THR A 441 -25.86 -40.02 12.62
C THR A 441 -26.87 -39.29 11.75
N TRP A 442 -27.47 -38.22 12.27
CA TRP A 442 -28.41 -37.45 11.45
C TRP A 442 -27.72 -36.91 10.19
N VAL A 443 -26.47 -36.45 10.31
CA VAL A 443 -25.75 -35.92 9.15
C VAL A 443 -25.49 -37.04 8.14
N ASP A 444 -25.02 -38.20 8.64
CA ASP A 444 -24.88 -39.40 7.81
C ASP A 444 -26.09 -39.64 6.91
N GLU A 445 -27.29 -39.53 7.48
CA GLU A 445 -28.50 -39.93 6.77
C GLU A 445 -29.16 -38.79 6.01
N ASN A 446 -28.70 -37.55 6.18
CA ASN A 446 -29.39 -36.41 5.58
C ASN A 446 -28.51 -35.48 4.75
N LEU A 447 -27.18 -35.59 4.85
CA LEU A 447 -26.30 -34.74 4.05
C LEU A 447 -25.20 -35.54 3.38
N CYS A 448 -25.17 -36.86 3.53
CA CYS A 448 -24.17 -37.79 2.99
C CYS A 448 -22.83 -37.70 3.74
N MET B 3 30.78 17.32 -35.89
CA MET B 3 31.88 17.12 -34.96
C MET B 3 32.84 16.03 -35.46
N GLU B 4 33.99 15.96 -34.82
CA GLU B 4 35.01 14.99 -35.21
C GLU B 4 34.66 13.65 -34.60
N GLU B 5 34.62 12.60 -35.43
CA GLU B 5 34.27 11.28 -34.92
C GLU B 5 35.15 10.96 -33.72
N LEU B 6 34.55 10.32 -32.71
CA LEU B 6 35.22 10.03 -31.46
C LEU B 6 36.00 8.74 -31.59
N THR B 7 37.19 8.70 -30.98
CA THR B 7 37.93 7.46 -30.93
C THR B 7 37.25 6.47 -29.98
N GLY B 8 37.54 5.19 -30.21
CA GLY B 8 37.06 4.17 -29.29
C GLY B 8 37.37 4.49 -27.85
N GLU B 9 38.60 4.94 -27.58
CA GLU B 9 38.99 5.22 -26.20
C GLU B 9 38.19 6.39 -25.62
N GLU B 10 37.89 7.39 -26.46
CA GLU B 10 37.06 8.51 -26.02
C GLU B 10 35.62 8.06 -25.79
N VAL B 11 35.14 7.17 -26.65
CA VAL B 11 33.75 6.72 -26.55
C VAL B 11 33.54 5.97 -25.24
N ALA B 12 34.50 5.13 -24.85
CA ALA B 12 34.39 4.42 -23.57
C ALA B 12 34.68 5.33 -22.40
N SER B 13 35.54 6.33 -22.60
CA SER B 13 35.86 7.27 -21.52
C SER B 13 34.65 8.09 -21.14
N LEU B 14 33.97 8.67 -22.13
CA LEU B 14 32.78 9.45 -21.84
C LEU B 14 31.70 8.60 -21.16
N HIS B 15 31.56 7.33 -21.59
CA HIS B 15 30.56 6.45 -21.00
C HIS B 15 30.82 6.22 -19.51
N SER B 16 32.05 5.84 -19.16
CA SER B 16 32.40 5.57 -17.76
C SER B 16 32.27 6.80 -16.91
N GLU B 17 32.34 7.97 -17.52
CA GLU B 17 32.35 9.23 -16.81
C GLU B 17 30.97 9.88 -16.74
N TYR B 18 30.14 9.73 -17.77
CA TYR B 18 28.90 10.50 -17.88
C TYR B 18 27.64 9.67 -18.07
N VAL B 19 27.74 8.40 -18.44
CA VAL B 19 26.55 7.60 -18.68
C VAL B 19 26.20 6.86 -17.41
N MET B 20 24.90 6.79 -17.13
CA MET B 20 24.43 6.00 -16.00
C MET B 20 24.04 4.63 -16.50
N GLN B 21 24.80 3.64 -16.04
CA GLN B 21 24.68 2.29 -16.51
C GLN B 21 23.55 1.56 -15.79
N SER B 22 22.74 0.85 -16.55
CA SER B 22 21.71 0.02 -15.96
C SER B 22 22.33 -1.16 -15.20
N TRP B 23 21.77 -1.46 -14.03
CA TRP B 23 22.02 -2.70 -13.29
C TRP B 23 23.48 -2.90 -12.89
N HIS B 24 24.19 -1.81 -12.59
CA HIS B 24 25.62 -1.87 -12.33
C HIS B 24 26.02 -0.72 -11.43
N LYS B 25 27.20 -0.85 -10.83
CA LYS B 25 27.86 0.32 -10.28
C LYS B 25 28.45 1.15 -11.41
N GLN B 26 28.54 2.46 -11.20
CA GLN B 26 28.97 3.37 -12.24
C GLN B 26 30.50 3.41 -12.37
N GLY B 27 30.97 3.77 -13.55
CA GLY B 27 32.36 4.12 -13.75
C GLY B 27 33.31 2.98 -14.04
N GLY B 28 32.81 1.75 -14.25
CA GLY B 28 33.66 0.65 -14.59
C GLY B 28 34.25 0.76 -15.99
N PRO B 29 35.01 -0.26 -16.39
CA PRO B 29 35.36 -0.42 -17.81
C PRO B 29 34.14 -0.83 -18.64
N VAL B 30 34.23 -0.58 -19.94
CA VAL B 30 33.13 -0.83 -20.85
C VAL B 30 33.70 -1.05 -22.24
N LYS B 31 33.11 -1.98 -22.99
CA LYS B 31 33.52 -2.16 -24.38
C LYS B 31 32.80 -1.14 -25.25
N PRO B 32 33.52 -0.31 -26.04
CA PRO B 32 32.86 0.59 -26.99
C PRO B 32 32.58 -0.11 -28.31
N ILE B 33 31.34 -0.08 -28.78
CA ILE B 33 30.93 -0.78 -29.99
C ILE B 33 30.74 0.23 -31.11
N LYS B 34 31.37 -0.06 -32.25
CA LYS B 34 31.48 0.87 -33.37
C LYS B 34 30.44 0.62 -34.46
N LYS B 35 30.06 -0.64 -34.67
CA LYS B 35 29.27 -1.04 -35.82
C LYS B 35 28.66 -2.40 -35.54
N ALA B 36 27.50 -2.64 -36.14
CA ALA B 36 26.85 -3.95 -36.11
C ALA B 36 26.23 -4.21 -37.47
N ASP B 37 26.16 -5.48 -37.86
CA ASP B 37 25.63 -5.89 -39.15
C ASP B 37 25.35 -7.38 -39.19
N GLY B 38 24.16 -7.77 -39.67
CA GLY B 38 23.80 -9.18 -39.61
C GLY B 38 23.73 -9.66 -38.16
N ILE B 39 24.43 -10.77 -37.87
CA ILE B 39 24.44 -11.36 -36.53
C ILE B 39 25.69 -10.92 -35.74
N TYR B 40 26.40 -9.90 -36.21
CA TYR B 40 27.68 -9.52 -35.62
C TYR B 40 27.69 -8.06 -35.20
N PHE B 41 28.63 -7.73 -34.32
CA PHE B 41 29.01 -6.34 -34.04
C PHE B 41 30.49 -6.30 -33.69
N TRP B 42 31.07 -5.10 -33.78
CA TRP B 42 32.51 -4.90 -33.66
C TRP B 42 32.80 -3.80 -32.66
N ASP B 43 33.86 -3.96 -31.87
CA ASP B 43 34.37 -2.84 -31.07
C ASP B 43 35.33 -2.00 -31.91
N TYR B 44 35.87 -0.95 -31.29
CA TYR B 44 36.69 -0.01 -32.05
C TYR B 44 38.07 -0.56 -32.34
N ASP B 45 38.46 -1.63 -31.67
CA ASP B 45 39.67 -2.36 -31.99
C ASP B 45 39.48 -3.33 -33.15
N GLY B 46 38.26 -3.50 -33.66
CA GLY B 46 38.03 -4.35 -34.79
C GLY B 46 37.66 -5.78 -34.47
N LYS B 47 37.68 -6.18 -33.19
CA LYS B 47 37.26 -7.53 -32.84
C LYS B 47 35.79 -7.72 -33.13
N ARG B 48 35.43 -8.90 -33.61
CA ARG B 48 34.06 -9.20 -34.00
C ARG B 48 33.42 -10.11 -32.96
N TYR B 49 32.21 -9.76 -32.55
CA TYR B 49 31.41 -10.57 -31.64
C TYR B 49 30.19 -11.07 -32.38
N THR B 50 29.88 -12.35 -32.20
CA THR B 50 28.65 -12.89 -32.74
C THR B 50 27.54 -12.77 -31.70
N ASP B 51 26.42 -12.17 -32.11
CA ASP B 51 25.36 -11.80 -31.17
C ASP B 51 24.48 -13.02 -30.91
N MET B 52 25.00 -13.91 -30.07
CA MET B 52 24.33 -15.17 -29.78
C MET B 52 23.15 -15.01 -28.83
N SER B 53 22.90 -13.82 -28.28
CA SER B 53 21.75 -13.55 -27.45
C SER B 53 20.80 -12.53 -28.07
N SER B 54 20.99 -12.16 -29.34
CA SER B 54 20.18 -11.14 -30.01
C SER B 54 20.13 -9.84 -29.20
N LEU B 55 21.29 -9.46 -28.65
CA LEU B 55 21.48 -8.40 -27.65
C LEU B 55 20.71 -8.75 -26.37
N LEU B 56 19.53 -8.17 -26.16
CA LEU B 56 18.72 -8.62 -25.02
C LEU B 56 17.53 -9.44 -25.53
N VAL B 57 17.81 -10.43 -26.38
CA VAL B 57 16.79 -11.23 -27.04
C VAL B 57 15.79 -10.32 -27.74
N CYS B 58 16.29 -9.29 -28.44
CA CYS B 58 15.41 -8.34 -29.10
C CYS B 58 15.77 -8.11 -30.57
N SER B 59 17.05 -8.21 -30.91
CA SER B 59 17.50 -7.99 -32.30
C SER B 59 17.16 -9.22 -33.14
N ASN B 60 15.85 -9.42 -33.35
CA ASN B 60 15.37 -10.69 -33.87
C ASN B 60 15.82 -10.92 -35.31
N LEU B 61 15.86 -9.85 -36.12
CA LEU B 61 16.26 -9.95 -37.52
C LEU B 61 17.70 -9.51 -37.74
N GLY B 62 18.55 -9.67 -36.73
CA GLY B 62 19.91 -9.21 -36.81
C GLY B 62 19.94 -7.70 -36.81
N HIS B 63 21.11 -7.17 -37.16
CA HIS B 63 21.38 -5.74 -37.13
C HIS B 63 21.47 -5.17 -38.53
N GLU B 64 21.01 -3.93 -38.66
CA GLU B 64 21.17 -3.15 -39.89
C GLU B 64 20.46 -3.82 -41.06
N LEU B 65 19.42 -4.58 -40.78
CA LEU B 65 18.60 -5.19 -41.81
C LEU B 65 18.11 -4.12 -42.80
N PRO B 66 18.43 -4.23 -44.08
CA PRO B 66 18.05 -3.15 -45.01
C PRO B 66 16.56 -2.81 -44.97
N GLU B 67 15.69 -3.82 -44.88
CA GLU B 67 14.26 -3.56 -44.94
C GLU B 67 13.81 -2.64 -43.79
N ILE B 68 14.33 -2.87 -42.58
CA ILE B 68 13.91 -2.04 -41.46
C ILE B 68 14.59 -0.69 -41.53
N VAL B 69 15.91 -0.69 -41.79
CA VAL B 69 16.65 0.56 -41.94
C VAL B 69 16.00 1.45 -43.00
N ASP B 70 15.68 0.87 -44.17
CA ASP B 70 15.10 1.66 -45.25
C ASP B 70 13.70 2.18 -44.88
N ALA B 71 12.89 1.34 -44.23
CA ALA B 71 11.58 1.82 -43.79
C ALA B 71 11.72 3.03 -42.86
N ILE B 72 12.73 3.00 -42.00
CA ILE B 72 12.94 4.08 -41.04
C ILE B 72 13.32 5.37 -41.77
N LYS B 73 14.26 5.26 -42.71
CA LYS B 73 14.73 6.43 -43.46
C LYS B 73 13.62 7.05 -44.30
N GLU B 74 12.79 6.21 -44.95
CA GLU B 74 11.68 6.77 -45.70
C GLU B 74 10.71 7.47 -44.76
N GLN B 75 10.41 6.84 -43.62
CA GLN B 75 9.48 7.46 -42.68
C GLN B 75 10.06 8.74 -42.11
N ALA B 76 11.37 8.77 -41.84
CA ALA B 76 12.02 9.99 -41.38
C ALA B 76 11.97 11.09 -42.44
N ASP B 77 11.90 10.72 -43.73
CA ASP B 77 11.79 11.74 -44.77
C ASP B 77 10.36 12.26 -44.91
N ASN B 78 9.38 11.57 -44.36
CA ASN B 78 7.99 12.01 -44.41
C ASN B 78 7.57 12.70 -43.11
N MET B 79 7.61 11.97 -42.00
CA MET B 79 7.04 12.45 -40.74
C MET B 79 7.55 11.58 -39.59
N CYS B 80 8.48 12.11 -38.78
CA CYS B 80 9.06 11.30 -37.72
C CYS B 80 8.06 10.99 -36.62
N PHE B 81 7.23 11.96 -36.25
CA PHE B 81 6.26 11.78 -35.17
C PHE B 81 5.02 12.60 -35.46
N MET B 82 3.86 12.00 -35.20
CA MET B 82 2.61 12.72 -35.19
C MET B 82 1.83 12.25 -33.98
N ALA B 83 1.10 13.16 -33.36
CA ALA B 83 0.60 12.96 -32.01
C ALA B 83 -0.43 11.85 -31.97
N PRO B 84 -0.62 11.25 -30.79
CA PRO B 84 -1.61 10.17 -30.67
C PRO B 84 -3.00 10.54 -31.14
N ALA B 85 -3.40 11.82 -31.04
CA ALA B 85 -4.77 12.16 -31.43
C ALA B 85 -5.05 11.98 -32.92
N TYR B 86 -4.03 11.73 -33.76
CA TYR B 86 -4.21 11.64 -35.19
C TYR B 86 -3.84 10.25 -35.72
N ALA B 87 -4.57 9.80 -36.75
CA ALA B 87 -4.24 8.58 -37.48
C ALA B 87 -3.07 8.82 -38.44
N SER B 88 -2.23 7.81 -38.60
CA SER B 88 -1.17 7.86 -39.60
C SER B 88 -1.07 6.51 -40.29
N GLU B 89 -0.53 6.51 -41.51
CA GLU B 89 -0.42 5.24 -42.24
C GLU B 89 0.31 4.19 -41.42
N PRO B 90 1.51 4.44 -40.90
CA PRO B 90 2.22 3.39 -40.15
C PRO B 90 1.48 2.88 -38.93
N LYS B 91 0.78 3.76 -38.20
CA LYS B 91 0.08 3.35 -36.99
C LYS B 91 -1.14 2.52 -37.31
N SER B 92 -1.93 2.93 -38.31
CA SER B 92 -3.07 2.11 -38.70
C SER B 92 -2.62 0.79 -39.30
N ARG B 93 -1.61 0.82 -40.18
CA ARG B 93 -1.22 -0.42 -40.84
C ARG B 93 -0.64 -1.41 -39.85
N LEU B 94 0.11 -0.92 -38.85
CA LEU B 94 0.72 -1.85 -37.92
C LEU B 94 -0.31 -2.44 -36.96
N ALA B 95 -1.28 -1.64 -36.51
CA ALA B 95 -2.31 -2.19 -35.63
C ALA B 95 -3.09 -3.30 -36.33
N LYS B 96 -3.47 -3.09 -37.59
CA LYS B 96 -4.16 -4.14 -38.32
C LYS B 96 -3.25 -5.35 -38.52
N MET B 97 -2.00 -5.11 -38.90
CA MET B 97 -1.08 -6.21 -39.12
C MET B 97 -0.92 -7.05 -37.86
N LEU B 98 -0.79 -6.40 -36.70
CA LEU B 98 -0.57 -7.14 -35.47
C LEU B 98 -1.80 -7.94 -35.07
N VAL B 99 -2.98 -7.31 -35.08
CA VAL B 99 -4.20 -8.06 -34.82
C VAL B 99 -4.31 -9.26 -35.76
N ASP B 100 -3.98 -9.05 -37.04
CA ASP B 100 -4.13 -10.12 -38.02
C ASP B 100 -3.24 -11.32 -37.68
N VAL B 101 -1.97 -11.08 -37.37
CA VAL B 101 -1.07 -12.20 -37.05
C VAL B 101 -1.42 -12.82 -35.70
N ALA B 102 -2.07 -12.08 -34.80
CA ALA B 102 -2.39 -12.60 -33.47
C ALA B 102 -3.56 -13.56 -33.53
N ASP B 103 -4.73 -13.06 -33.98
CA ASP B 103 -5.93 -13.79 -34.38
C ASP B 103 -7.06 -12.78 -34.59
N PRO B 104 -7.44 -12.46 -35.84
CA PRO B 104 -8.34 -11.31 -36.06
C PRO B 104 -9.77 -11.62 -35.62
N ASP B 105 -10.07 -12.90 -35.38
CA ASP B 105 -11.38 -13.31 -34.91
C ASP B 105 -11.49 -13.19 -33.40
N PHE B 106 -10.37 -13.07 -32.69
CA PHE B 106 -10.40 -12.88 -31.25
C PHE B 106 -10.01 -11.47 -30.84
N TYR B 107 -8.94 -10.91 -31.43
CA TYR B 107 -8.41 -9.60 -31.05
C TYR B 107 -8.91 -8.50 -31.98
N GLN B 108 -8.80 -7.26 -31.51
CA GLN B 108 -9.39 -6.13 -32.21
C GLN B 108 -8.46 -4.92 -32.29
N ARG B 109 -7.88 -4.50 -31.16
CA ARG B 109 -7.13 -3.25 -31.14
C ARG B 109 -5.76 -3.47 -30.54
N VAL B 110 -4.88 -2.49 -30.79
CA VAL B 110 -3.52 -2.47 -30.26
C VAL B 110 -3.30 -1.11 -29.60
N PHE B 111 -2.77 -1.13 -28.38
CA PHE B 111 -2.40 0.08 -27.64
C PHE B 111 -0.88 0.17 -27.66
N PHE B 112 -0.35 1.12 -28.43
CA PHE B 112 1.09 1.19 -28.64
C PHE B 112 1.77 1.90 -27.48
N THR B 113 2.92 1.36 -27.07
CA THR B 113 3.69 1.93 -25.97
C THR B 113 5.15 2.03 -26.40
N ASN B 114 6.01 2.46 -25.49
CA ASN B 114 7.42 2.71 -25.75
C ASN B 114 8.31 1.49 -25.57
N GLY B 115 7.88 0.51 -24.79
CA GLY B 115 8.71 -0.64 -24.53
C GLY B 115 7.93 -1.71 -23.84
N GLY B 116 8.65 -2.58 -23.14
CA GLY B 116 8.05 -3.67 -22.40
C GLY B 116 7.43 -3.29 -21.06
N ALA B 117 8.13 -2.48 -20.27
CA ALA B 117 7.62 -2.16 -18.93
C ALA B 117 6.27 -1.45 -18.99
N ASP B 118 6.14 -0.43 -19.84
CA ASP B 118 4.91 0.36 -19.83
C ASP B 118 3.73 -0.37 -20.46
N SER B 119 3.96 -1.31 -21.37
CA SER B 119 2.81 -2.05 -21.85
C SER B 119 2.30 -3.03 -20.79
N ASN B 120 3.18 -3.58 -19.97
CA ASN B 120 2.69 -4.37 -18.84
C ASN B 120 1.94 -3.46 -17.87
N GLU B 121 2.51 -2.28 -17.59
CA GLU B 121 1.83 -1.28 -16.78
C GLU B 121 0.41 -1.02 -17.28
N ASN B 122 0.26 -0.83 -18.59
CA ASN B 122 -1.03 -0.47 -19.16
C ASN B 122 -1.96 -1.65 -19.26
N ALA B 123 -1.42 -2.86 -19.48
CA ALA B 123 -2.23 -4.06 -19.41
C ALA B 123 -2.80 -4.24 -18.00
N ILE B 124 -1.97 -4.04 -16.97
CA ILE B 124 -2.49 -4.07 -15.60
C ILE B 124 -3.63 -3.06 -15.45
N LYS B 125 -3.35 -1.78 -15.78
CA LYS B 125 -4.37 -0.75 -15.58
C LYS B 125 -5.66 -1.11 -16.29
N MET B 126 -5.56 -1.59 -17.53
CA MET B 126 -6.76 -1.97 -18.27
C MET B 126 -7.49 -3.15 -17.63
N ALA B 127 -6.78 -4.16 -17.14
CA ALA B 127 -7.48 -5.31 -16.56
C ALA B 127 -8.25 -4.88 -15.32
N ARG B 128 -7.66 -3.98 -14.53
CA ARG B 128 -8.35 -3.49 -13.35
C ARG B 128 -9.61 -2.71 -13.73
N MET B 129 -9.54 -1.90 -14.80
CA MET B 129 -10.70 -1.12 -15.24
C MET B 129 -11.80 -2.02 -15.80
N VAL B 130 -11.43 -3.01 -16.63
CA VAL B 130 -12.44 -3.85 -17.26
C VAL B 130 -13.21 -4.64 -16.20
N THR B 131 -12.48 -5.35 -15.32
CA THR B 131 -13.09 -6.27 -14.36
C THR B 131 -13.62 -5.57 -13.11
N GLY B 132 -13.17 -4.37 -12.81
CA GLY B 132 -13.48 -3.79 -11.53
C GLY B 132 -12.79 -4.40 -10.35
N ARG B 133 -11.84 -5.29 -10.57
CA ARG B 133 -11.18 -6.00 -9.49
C ARG B 133 -9.76 -5.47 -9.28
N PRO B 134 -9.23 -5.56 -8.06
CA PRO B 134 -7.95 -4.92 -7.74
C PRO B 134 -6.69 -5.76 -7.93
N LYS B 135 -6.80 -7.08 -7.82
CA LYS B 135 -5.62 -7.90 -7.62
C LYS B 135 -5.04 -8.38 -8.96
N ILE B 136 -3.71 -8.48 -8.98
CA ILE B 136 -2.95 -9.06 -10.09
C ILE B 136 -2.13 -10.22 -9.52
N PHE B 137 -2.30 -11.40 -10.08
CA PHE B 137 -1.44 -12.54 -9.81
C PHE B 137 -0.30 -12.54 -10.82
N SER B 138 0.92 -12.83 -10.34
CA SER B 138 2.05 -12.97 -11.24
C SER B 138 3.07 -13.93 -10.62
N CYS B 139 3.99 -14.39 -11.45
CA CYS B 139 4.87 -15.48 -11.05
C CYS B 139 6.08 -14.97 -10.28
N TYR B 140 6.49 -15.74 -9.28
CA TYR B 140 7.75 -15.43 -8.63
C TYR B 140 8.91 -15.57 -9.62
N ARG B 141 8.83 -16.57 -10.50
CA ARG B 141 9.85 -16.76 -11.55
C ARG B 141 9.38 -16.03 -12.80
N SER B 142 9.63 -14.72 -12.82
CA SER B 142 9.13 -13.85 -13.90
C SER B 142 9.82 -12.50 -13.82
N TYR B 143 9.92 -11.86 -14.98
CA TYR B 143 10.34 -10.46 -15.05
C TYR B 143 9.45 -9.72 -16.03
N HIS B 144 8.89 -8.58 -15.61
CA HIS B 144 7.95 -7.81 -16.44
C HIS B 144 8.32 -6.34 -16.63
N GLY B 145 9.46 -5.88 -16.12
CA GLY B 145 9.83 -4.49 -16.21
C GLY B 145 10.26 -3.92 -14.88
N SER B 146 10.75 -2.67 -14.95
CA SER B 146 11.41 -2.06 -13.81
C SER B 146 10.68 -0.84 -13.25
N THR B 147 9.70 -0.29 -13.98
CA THR B 147 8.90 0.79 -13.41
C THR B 147 8.03 0.21 -12.30
N ILE B 148 7.51 1.08 -11.44
CA ILE B 148 6.96 0.60 -10.18
C ILE B 148 5.86 -0.45 -10.39
N GLY B 149 4.94 -0.22 -11.33
CA GLY B 149 3.87 -1.19 -11.53
C GLY B 149 4.38 -2.52 -12.06
N ALA B 150 5.16 -2.49 -13.15
CA ALA B 150 5.69 -3.71 -13.75
C ALA B 150 6.70 -4.40 -12.83
N SER B 151 7.37 -3.63 -11.96
CA SER B 151 8.35 -4.21 -11.07
C SER B 151 7.69 -4.91 -9.89
N ASN B 152 6.58 -4.36 -9.38
CA ASN B 152 5.80 -5.07 -8.36
C ASN B 152 5.20 -6.35 -8.92
N ALA B 153 4.83 -6.36 -10.19
CA ALA B 153 4.35 -7.58 -10.80
C ALA B 153 5.48 -8.58 -11.05
N SER B 154 6.72 -8.09 -11.19
CA SER B 154 7.85 -8.96 -11.50
C SER B 154 8.25 -9.79 -10.30
N GLY B 155 8.62 -11.04 -10.55
CA GLY B 155 9.01 -11.98 -9.51
C GLY B 155 10.46 -11.90 -9.06
N ASP B 156 11.41 -11.66 -9.97
CA ASP B 156 12.82 -11.81 -9.58
C ASP B 156 13.25 -10.65 -8.69
N TRP B 157 14.44 -10.80 -8.10
CA TRP B 157 14.88 -9.94 -7.00
C TRP B 157 15.04 -8.48 -7.40
N ARG B 158 15.00 -8.16 -8.70
CA ARG B 158 15.04 -6.76 -9.08
C ARG B 158 13.84 -6.01 -8.53
N ARG B 159 12.79 -6.73 -8.11
CA ARG B 159 11.63 -6.10 -7.47
C ARG B 159 11.98 -5.52 -6.10
N PHE B 160 13.01 -6.04 -5.42
CA PHE B 160 13.25 -5.62 -4.03
C PHE B 160 13.54 -4.13 -3.95
N ALA B 161 14.39 -3.62 -4.85
CA ALA B 161 14.71 -2.19 -4.82
C ALA B 161 13.45 -1.34 -5.01
N THR B 162 12.58 -1.72 -5.97
CA THR B 162 11.34 -0.99 -6.19
C THR B 162 10.43 -0.98 -4.97
N GLU B 163 10.51 -2.02 -4.13
CA GLU B 163 9.66 -2.13 -2.95
C GLU B 163 10.11 -1.21 -1.81
N LEU B 164 11.20 -0.46 -1.99
CA LEU B 164 11.54 0.59 -1.04
C LEU B 164 10.38 1.57 -0.93
N GLY B 165 9.99 1.87 0.30
CA GLY B 165 8.76 2.60 0.54
C GLY B 165 7.54 1.73 0.70
N GLY B 166 7.64 0.43 0.39
CA GLY B 166 6.53 -0.48 0.51
C GLY B 166 6.13 -1.14 -0.81
N SER B 167 5.55 -2.32 -0.74
CA SER B 167 5.04 -2.97 -1.95
C SER B 167 3.75 -2.27 -2.37
N ALA B 168 3.54 -2.15 -3.68
CA ALA B 168 2.31 -1.54 -4.17
C ALA B 168 1.15 -2.49 -3.92
N PRO B 169 -0.04 -1.98 -3.61
CA PRO B 169 -1.15 -2.88 -3.26
C PRO B 169 -1.66 -3.64 -4.48
N GLY B 170 -2.21 -4.82 -4.21
CA GLY B 170 -2.89 -5.60 -5.23
C GLY B 170 -2.02 -6.51 -6.07
N PHE B 171 -0.79 -6.77 -5.68
CA PHE B 171 0.12 -7.64 -6.45
C PHE B 171 0.42 -8.88 -5.63
N VAL B 172 -0.21 -10.00 -5.97
CA VAL B 172 0.00 -11.28 -5.28
C VAL B 172 0.84 -12.18 -6.18
N HIS B 173 1.88 -12.78 -5.62
CA HIS B 173 2.79 -13.60 -6.38
C HIS B 173 2.58 -15.08 -6.08
N PHE B 174 2.57 -15.90 -7.13
CA PHE B 174 2.50 -17.34 -6.97
C PHE B 174 3.72 -17.99 -7.61
N MET B 175 4.13 -19.10 -7.02
CA MET B 175 5.31 -19.83 -7.48
C MET B 175 4.94 -20.72 -8.67
N ASN B 176 5.64 -20.52 -9.82
CA ASN B 176 5.48 -21.33 -11.02
C ASN B 176 6.58 -22.38 -11.08
N PRO B 177 6.34 -23.48 -11.76
CA PRO B 177 7.29 -24.60 -11.70
C PRO B 177 8.51 -24.38 -12.58
N ASN B 178 9.68 -24.72 -12.03
CA ASN B 178 10.91 -24.92 -12.79
C ASN B 178 11.31 -26.40 -12.65
N MET B 179 10.88 -27.22 -13.61
CA MET B 179 10.88 -28.67 -13.43
C MET B 179 12.22 -29.18 -12.91
N TYR B 180 13.31 -28.86 -13.62
CA TYR B 180 14.63 -29.38 -13.24
C TYR B 180 15.02 -28.92 -11.83
N GLU B 181 14.94 -27.62 -11.57
CA GLU B 181 15.38 -27.08 -10.29
C GLU B 181 14.50 -27.56 -9.13
N ASP B 182 13.28 -27.99 -9.43
CA ASP B 182 12.33 -28.45 -8.44
C ASP B 182 12.43 -29.94 -8.17
N GLY B 183 13.30 -30.65 -8.91
CA GLY B 183 13.59 -32.06 -8.70
C GLY B 183 12.98 -33.05 -9.67
N TYR B 184 12.30 -32.58 -10.73
CA TYR B 184 11.61 -33.45 -11.69
C TYR B 184 12.36 -33.48 -13.02
N THR B 185 11.77 -34.17 -14.00
CA THR B 185 12.42 -34.42 -15.29
C THR B 185 11.41 -34.17 -16.40
N ARG B 186 11.65 -33.12 -17.19
CA ARG B 186 10.71 -32.79 -18.25
C ARG B 186 10.51 -34.01 -19.14
N GLY B 187 9.27 -34.21 -19.57
CA GLY B 187 8.90 -35.37 -20.33
C GLY B 187 8.14 -36.31 -19.43
N VAL B 188 8.81 -36.78 -18.38
CA VAL B 188 8.25 -37.87 -17.59
C VAL B 188 7.28 -37.35 -16.55
N ASP B 189 7.51 -36.15 -16.02
CA ASP B 189 6.83 -35.73 -14.81
C ASP B 189 5.85 -34.61 -15.09
N ASP B 190 5.63 -34.30 -16.37
CA ASP B 190 4.90 -33.08 -16.72
C ASP B 190 3.49 -33.10 -16.15
N ALA B 191 2.83 -34.25 -16.18
CA ALA B 191 1.46 -34.28 -15.70
C ALA B 191 1.41 -34.13 -14.20
N THR B 192 2.41 -34.65 -13.49
CA THR B 192 2.44 -34.52 -12.04
C THR B 192 2.68 -33.08 -11.62
N VAL B 193 3.72 -32.45 -12.20
CA VAL B 193 3.99 -31.05 -11.87
C VAL B 193 2.81 -30.18 -12.23
N THR B 194 2.21 -30.43 -13.40
CA THR B 194 1.08 -29.62 -13.84
C THR B 194 -0.10 -29.73 -12.89
N ALA B 195 -0.43 -30.95 -12.46
CA ALA B 195 -1.55 -31.11 -11.53
C ALA B 195 -1.26 -30.40 -10.21
N ASP B 196 -0.05 -30.54 -9.70
CA ASP B 196 0.31 -29.93 -8.43
C ASP B 196 0.27 -28.41 -8.50
N TYR B 197 0.96 -27.81 -9.48
CA TYR B 197 1.10 -26.34 -9.49
C TYR B 197 -0.21 -25.66 -9.90
N LEU B 198 -0.99 -26.28 -10.77
CA LEU B 198 -2.34 -25.77 -11.04
C LEU B 198 -3.19 -25.77 -9.78
N HIS B 199 -3.03 -26.80 -8.94
CA HIS B 199 -3.83 -26.87 -7.72
C HIS B 199 -3.38 -25.84 -6.70
N ARG B 200 -2.06 -25.64 -6.55
CA ARG B 200 -1.57 -24.54 -5.73
C ARG B 200 -2.17 -23.21 -6.17
N LEU B 201 -2.23 -22.96 -7.48
CA LEU B 201 -2.75 -21.67 -7.95
C LEU B 201 -4.25 -21.58 -7.71
N ASP B 202 -4.99 -22.64 -8.05
CA ASP B 202 -6.42 -22.66 -7.74
C ASP B 202 -6.63 -22.40 -6.26
N GLU B 203 -5.85 -23.06 -5.40
CA GLU B 203 -6.02 -22.88 -3.97
C GLU B 203 -5.67 -21.45 -3.54
N GLN B 204 -4.58 -20.89 -4.09
CA GLN B 204 -4.23 -19.52 -3.73
C GLN B 204 -5.27 -18.53 -4.24
N LEU B 205 -5.79 -18.75 -5.45
CA LEU B 205 -6.87 -17.91 -5.94
C LEU B 205 -8.04 -17.88 -4.96
N GLN B 206 -8.44 -19.06 -4.46
CA GLN B 206 -9.59 -19.14 -3.55
C GLN B 206 -9.33 -18.38 -2.26
N TYR B 207 -8.09 -18.44 -1.75
CA TYR B 207 -7.75 -17.75 -0.51
C TYR B 207 -7.48 -16.26 -0.70
N GLU B 208 -7.40 -15.78 -1.94
CA GLU B 208 -7.33 -14.35 -2.18
C GLU B 208 -8.67 -13.78 -2.61
N GLY B 209 -9.66 -14.65 -2.89
CA GLY B 209 -10.96 -14.23 -3.40
C GLY B 209 -10.96 -14.03 -4.90
N PRO B 210 -11.36 -15.06 -5.64
CA PRO B 210 -11.24 -14.99 -7.09
C PRO B 210 -12.00 -13.83 -7.69
N ASP B 211 -13.08 -13.39 -7.06
CA ASP B 211 -13.82 -12.24 -7.55
C ASP B 211 -13.03 -10.94 -7.43
N SER B 212 -11.93 -10.94 -6.69
CA SER B 212 -11.10 -9.75 -6.53
C SER B 212 -9.84 -9.77 -7.38
N VAL B 213 -9.66 -10.79 -8.23
CA VAL B 213 -8.47 -10.94 -9.07
C VAL B 213 -8.80 -10.50 -10.50
N ALA B 214 -8.21 -9.38 -10.92
CA ALA B 214 -8.48 -8.83 -12.26
C ALA B 214 -7.75 -9.59 -13.36
N ALA B 215 -6.54 -10.09 -13.08
CA ALA B 215 -5.74 -10.70 -14.14
C ALA B 215 -4.71 -11.64 -13.53
N ILE B 216 -4.40 -12.69 -14.27
CA ILE B 216 -3.20 -13.47 -14.07
C ILE B 216 -2.24 -13.06 -15.18
N LEU B 217 -1.04 -12.63 -14.80
CA LEU B 217 -0.03 -12.12 -15.73
C LEU B 217 1.15 -13.07 -15.76
N MET B 218 1.49 -13.58 -16.95
CA MET B 218 2.53 -14.58 -17.08
C MET B 218 3.38 -14.33 -18.31
N GLU B 219 4.69 -14.46 -18.17
CA GLU B 219 5.54 -14.64 -19.34
C GLU B 219 5.04 -15.89 -20.08
N SER B 220 4.84 -15.78 -21.39
CA SER B 220 4.40 -16.95 -22.16
C SER B 220 5.32 -18.14 -21.92
N ILE B 221 6.62 -17.90 -22.03
CA ILE B 221 7.66 -18.79 -21.54
C ILE B 221 8.62 -17.89 -20.79
N VAL B 222 8.86 -18.17 -19.50
CA VAL B 222 9.74 -17.34 -18.68
C VAL B 222 11.08 -17.21 -19.39
N GLY B 223 11.48 -15.97 -19.70
CA GLY B 223 12.59 -15.76 -20.61
C GLY B 223 13.90 -15.44 -19.92
N ALA B 224 14.06 -14.17 -19.53
CA ALA B 224 15.34 -13.73 -18.99
C ALA B 224 15.77 -14.60 -17.81
N ASN B 225 14.82 -15.15 -17.06
CA ASN B 225 15.13 -15.97 -15.90
C ASN B 225 15.37 -17.44 -16.24
N GLY B 226 15.55 -17.79 -17.52
CA GLY B 226 16.10 -19.07 -17.90
C GLY B 226 15.37 -19.88 -18.96
N VAL B 227 14.51 -19.26 -19.77
CA VAL B 227 13.74 -20.04 -20.75
C VAL B 227 13.13 -21.23 -20.04
N ILE B 228 12.28 -20.98 -19.05
CA ILE B 228 11.76 -22.08 -18.20
C ILE B 228 10.51 -22.65 -18.87
N LEU B 229 10.72 -23.59 -19.80
CA LEU B 229 9.61 -24.24 -20.46
C LEU B 229 8.64 -24.83 -19.42
N PRO B 230 7.36 -24.51 -19.49
CA PRO B 230 6.39 -25.02 -18.51
C PRO B 230 6.09 -26.49 -18.76
N PRO B 231 5.66 -27.21 -17.74
CA PRO B 231 5.17 -28.58 -17.97
C PRO B 231 3.91 -28.58 -18.85
N GLU B 232 3.75 -29.64 -19.62
CA GLU B 232 2.58 -29.80 -20.49
C GLU B 232 1.29 -29.54 -19.74
N GLY B 233 0.40 -28.75 -20.33
CA GLY B 233 -0.92 -28.52 -19.79
C GLY B 233 -0.99 -27.43 -18.76
N TYR B 234 0.15 -26.93 -18.29
CA TYR B 234 0.15 -25.91 -17.24
C TYR B 234 -0.51 -24.63 -17.74
N MET B 235 -0.04 -24.11 -18.88
CA MET B 235 -0.60 -22.89 -19.43
C MET B 235 -2.08 -23.04 -19.75
N GLU B 236 -2.47 -24.21 -20.23
CA GLU B 236 -3.89 -24.42 -20.53
C GLU B 236 -4.74 -24.42 -19.27
N GLY B 237 -4.19 -24.92 -18.16
CA GLY B 237 -4.94 -24.91 -16.92
C GLY B 237 -5.05 -23.52 -16.34
N VAL B 238 -4.00 -22.71 -16.46
CA VAL B 238 -4.11 -21.31 -16.07
C VAL B 238 -5.22 -20.63 -16.86
N ARG B 239 -5.21 -20.81 -18.19
CA ARG B 239 -6.28 -20.24 -19.01
C ARG B 239 -7.65 -20.73 -18.53
N ALA B 240 -7.71 -22.01 -18.15
CA ALA B 240 -8.96 -22.60 -17.66
C ALA B 240 -9.39 -22.00 -16.34
N LEU B 241 -8.45 -21.83 -15.41
CA LEU B 241 -8.80 -21.19 -14.14
C LEU B 241 -9.31 -19.77 -14.36
N CYS B 242 -8.62 -19.01 -15.23
CA CYS B 242 -9.08 -17.64 -15.51
C CYS B 242 -10.50 -17.63 -16.03
N ASP B 243 -10.81 -18.55 -16.95
CA ASP B 243 -12.17 -18.63 -17.48
C ASP B 243 -13.17 -18.90 -16.37
N LYS B 244 -12.88 -19.90 -15.54
CA LYS B 244 -13.77 -20.30 -14.46
C LYS B 244 -14.13 -19.13 -13.54
N TYR B 245 -13.16 -18.28 -13.23
CA TYR B 245 -13.32 -17.25 -12.21
C TYR B 245 -13.56 -15.86 -12.77
N GLY B 246 -13.55 -15.69 -14.08
CA GLY B 246 -13.70 -14.36 -14.65
C GLY B 246 -12.43 -13.52 -14.61
N ILE B 247 -11.27 -14.15 -14.48
CA ILE B 247 -9.99 -13.45 -14.46
C ILE B 247 -9.48 -13.35 -15.90
N LEU B 248 -9.00 -12.16 -16.27
CA LEU B 248 -8.35 -11.98 -17.56
C LEU B 248 -6.97 -12.62 -17.50
N MET B 249 -6.56 -13.25 -18.60
CA MET B 249 -5.21 -13.80 -18.70
C MET B 249 -4.37 -12.88 -19.57
N ILE B 250 -3.27 -12.38 -19.01
CA ILE B 250 -2.35 -11.51 -19.74
C ILE B 250 -1.04 -12.27 -19.94
N CYS B 251 -0.68 -12.52 -21.20
CA CYS B 251 0.58 -13.15 -21.56
C CYS B 251 1.60 -12.07 -21.95
N ASP B 252 2.80 -12.18 -21.39
CA ASP B 252 3.89 -11.26 -21.70
C ASP B 252 4.74 -11.87 -22.82
N GLU B 253 4.67 -11.25 -24.00
CA GLU B 253 5.42 -11.69 -25.18
C GLU B 253 6.61 -10.78 -25.46
N VAL B 254 7.01 -9.99 -24.47
CA VAL B 254 8.06 -9.00 -24.70
C VAL B 254 9.33 -9.69 -25.20
N MET B 255 9.73 -10.78 -24.57
CA MET B 255 10.93 -11.49 -24.99
C MET B 255 10.63 -12.65 -25.93
N ALA B 256 9.51 -13.34 -25.73
CA ALA B 256 9.26 -14.56 -26.49
C ALA B 256 8.44 -14.31 -27.76
N GLY B 257 8.08 -13.04 -28.05
CA GLY B 257 7.31 -12.73 -29.23
C GLY B 257 8.14 -12.53 -30.51
N PHE B 258 7.44 -12.53 -31.64
CA PHE B 258 7.96 -12.22 -32.98
C PHE B 258 9.02 -13.23 -33.42
N GLY B 259 8.58 -14.49 -33.45
CA GLY B 259 9.32 -15.58 -34.04
C GLY B 259 10.31 -16.28 -33.13
N ARG B 260 10.57 -15.76 -31.94
CA ARG B 260 11.58 -16.34 -31.07
C ARG B 260 11.46 -17.85 -30.95
N THR B 261 10.23 -18.36 -30.88
CA THR B 261 9.99 -19.75 -30.58
C THR B 261 9.62 -20.58 -31.79
N GLY B 262 9.55 -20.00 -32.98
CA GLY B 262 9.05 -20.73 -34.13
C GLY B 262 7.61 -20.43 -34.46
N LYS B 263 6.93 -19.66 -33.63
CA LYS B 263 5.62 -19.11 -33.91
C LYS B 263 5.69 -17.59 -33.77
N MET B 264 4.74 -16.88 -34.37
CA MET B 264 4.81 -15.42 -34.26
C MET B 264 4.79 -14.98 -32.81
N PHE B 265 3.91 -15.55 -32.00
CA PHE B 265 3.90 -15.32 -30.56
C PHE B 265 4.00 -16.66 -29.82
N ALA B 266 4.74 -16.65 -28.72
CA ALA B 266 5.01 -17.88 -27.97
C ALA B 266 3.74 -18.52 -27.43
N TRP B 267 2.74 -17.70 -27.03
CA TRP B 267 1.50 -18.30 -26.55
C TRP B 267 0.80 -19.12 -27.61
N GLN B 268 1.19 -18.97 -28.87
CA GLN B 268 0.62 -19.79 -29.92
C GLN B 268 1.14 -21.22 -29.88
N ASN B 269 2.09 -21.52 -29.00
CA ASN B 269 2.48 -22.91 -28.83
C ASN B 269 1.57 -23.64 -27.88
N PHE B 270 0.48 -23.01 -27.45
CA PHE B 270 -0.39 -23.57 -26.42
C PHE B 270 -1.83 -23.42 -26.85
N ASP B 271 -2.69 -24.29 -26.29
CA ASP B 271 -4.12 -24.24 -26.58
C ASP B 271 -4.80 -23.19 -25.69
N VAL B 272 -4.35 -21.94 -25.84
CA VAL B 272 -4.84 -20.80 -25.06
C VAL B 272 -4.88 -19.57 -25.95
N LYS B 273 -5.92 -18.77 -25.79
CA LYS B 273 -5.94 -17.42 -26.32
C LYS B 273 -6.01 -16.45 -25.15
N PRO B 274 -4.94 -15.71 -24.86
CA PRO B 274 -4.99 -14.74 -23.76
C PRO B 274 -5.90 -13.56 -24.05
N ASP B 275 -6.49 -13.02 -22.98
CA ASP B 275 -7.37 -11.85 -23.13
C ASP B 275 -6.61 -10.61 -23.58
N MET B 276 -5.33 -10.53 -23.24
CA MET B 276 -4.44 -9.45 -23.64
C MET B 276 -3.05 -10.05 -23.66
N PHE B 277 -2.19 -9.50 -24.50
CA PHE B 277 -0.77 -9.86 -24.40
C PHE B 277 0.06 -8.64 -24.76
N THR B 278 1.25 -8.58 -24.19
CA THR B 278 2.11 -7.42 -24.28
C THR B 278 3.37 -7.80 -25.06
N PHE B 279 3.95 -6.81 -25.73
CA PHE B 279 5.07 -7.01 -26.63
C PHE B 279 5.96 -5.78 -26.64
N ALA B 280 7.21 -5.99 -26.99
CA ALA B 280 8.00 -4.89 -27.49
C ALA B 280 9.07 -5.38 -28.47
N LYS B 281 10.10 -6.03 -27.94
CA LYS B 281 11.42 -6.05 -28.56
C LYS B 281 11.37 -6.33 -30.08
N GLY B 282 10.90 -7.50 -30.46
CA GLY B 282 11.05 -7.88 -31.85
C GLY B 282 10.09 -7.25 -32.81
N VAL B 283 9.08 -6.53 -32.32
CA VAL B 283 8.21 -5.78 -33.20
C VAL B 283 9.01 -4.84 -34.08
N THR B 284 10.14 -4.34 -33.59
CA THR B 284 11.01 -3.51 -34.40
C THR B 284 12.45 -3.97 -34.33
N CYS B 285 12.69 -5.17 -33.77
CA CYS B 285 14.03 -5.71 -33.54
C CYS B 285 14.91 -4.73 -32.78
N GLY B 286 14.30 -3.83 -32.02
CA GLY B 286 15.01 -2.87 -31.21
C GLY B 286 15.46 -1.63 -31.95
N TYR B 287 15.20 -1.53 -33.26
CA TYR B 287 15.71 -0.41 -34.04
C TYR B 287 15.09 0.92 -33.65
N VAL B 288 13.84 0.91 -33.19
CA VAL B 288 13.18 2.07 -32.59
C VAL B 288 12.32 1.60 -31.42
N PRO B 289 12.30 2.31 -30.29
CA PRO B 289 11.49 1.86 -29.14
C PRO B 289 10.02 1.71 -29.49
N LEU B 290 9.47 0.52 -29.25
CA LEU B 290 8.05 0.28 -29.45
C LEU B 290 7.62 -0.96 -28.68
N GLY B 291 6.48 -0.84 -28.03
CA GLY B 291 5.86 -1.95 -27.35
C GLY B 291 4.36 -1.80 -27.53
N GLY B 292 3.58 -2.65 -26.88
CA GLY B 292 2.15 -2.48 -26.99
C GLY B 292 1.39 -3.57 -26.29
N VAL B 293 0.08 -3.41 -26.32
CA VAL B 293 -0.86 -4.37 -25.76
C VAL B 293 -1.86 -4.68 -26.85
N VAL B 294 -2.00 -5.96 -27.18
CA VAL B 294 -3.04 -6.43 -28.07
C VAL B 294 -4.20 -6.88 -27.20
N VAL B 295 -5.40 -6.34 -27.46
CA VAL B 295 -6.55 -6.61 -26.60
C VAL B 295 -7.65 -7.30 -27.38
N SER B 296 -8.40 -8.12 -26.67
CA SER B 296 -9.52 -8.87 -27.22
C SER B 296 -10.64 -7.95 -27.68
N LYS B 297 -11.52 -8.51 -28.50
CA LYS B 297 -12.71 -7.75 -28.91
C LYS B 297 -13.51 -7.33 -27.70
N ARG B 298 -13.67 -8.25 -26.73
CA ARG B 298 -14.43 -7.92 -25.53
C ARG B 298 -13.89 -6.66 -24.85
N ILE B 299 -12.57 -6.62 -24.62
CA ILE B 299 -11.97 -5.43 -24.00
C ILE B 299 -12.14 -4.21 -24.91
N SER B 300 -11.98 -4.41 -26.23
CA SER B 300 -12.21 -3.31 -27.15
C SER B 300 -13.60 -2.73 -26.96
N ASP B 301 -14.60 -3.59 -26.81
CA ASP B 301 -15.95 -3.11 -26.57
C ASP B 301 -16.05 -2.35 -25.26
N TYR B 302 -15.46 -2.87 -24.19
CA TYR B 302 -15.54 -2.17 -22.91
C TYR B 302 -15.05 -0.72 -23.03
N PHE B 303 -13.94 -0.51 -23.74
CA PHE B 303 -13.41 0.84 -23.88
C PHE B 303 -14.03 1.61 -25.03
N THR B 304 -14.98 1.01 -25.73
CA THR B 304 -15.87 1.77 -26.59
C THR B 304 -16.95 2.48 -25.77
N ASP B 305 -17.44 1.83 -24.70
CA ASP B 305 -18.40 2.45 -23.78
C ASP B 305 -17.75 3.29 -22.70
N HIS B 306 -16.50 3.00 -22.33
CA HIS B 306 -15.79 3.68 -21.24
C HIS B 306 -14.50 4.30 -21.75
N VAL B 307 -14.11 5.42 -21.12
CA VAL B 307 -12.87 6.10 -21.48
C VAL B 307 -11.67 5.23 -21.10
N LEU B 308 -10.79 5.02 -22.06
CA LEU B 308 -9.52 4.38 -21.78
C LEU B 308 -8.63 5.38 -21.05
N GLN B 309 -8.51 5.22 -19.73
CA GLN B 309 -7.71 6.13 -18.91
C GLN B 309 -6.24 5.71 -18.87
N CYS B 310 -5.67 5.61 -20.09
CA CYS B 310 -4.28 5.32 -20.35
C CYS B 310 -3.80 6.23 -21.47
N GLY B 311 -2.51 6.51 -21.48
CA GLY B 311 -1.93 7.37 -22.49
C GLY B 311 -0.46 7.59 -22.20
N LEU B 312 0.25 8.01 -23.23
CA LEU B 312 1.65 8.40 -23.10
C LEU B 312 1.97 9.22 -24.35
N THR B 313 2.85 10.22 -24.19
CA THR B 313 3.10 11.17 -25.27
C THR B 313 3.38 10.45 -26.58
N TYR B 314 4.26 9.44 -26.54
CA TYR B 314 4.77 8.84 -27.77
C TYR B 314 3.98 7.62 -28.22
N SER B 315 2.82 7.36 -27.64
CA SER B 315 2.05 6.17 -28.03
C SER B 315 1.82 6.18 -29.54
N GLY B 316 2.13 5.05 -30.18
CA GLY B 316 1.99 4.95 -31.62
C GLY B 316 2.96 5.79 -32.42
N HIS B 317 4.15 6.01 -31.87
CA HIS B 317 5.18 6.81 -32.51
C HIS B 317 5.37 6.39 -33.97
N THR B 318 5.34 7.39 -34.86
CA THR B 318 5.24 7.13 -36.29
C THR B 318 6.48 6.45 -36.85
N LEU B 319 7.65 7.02 -36.58
CA LEU B 319 8.89 6.37 -36.98
C LEU B 319 8.92 4.92 -36.50
N ALA B 320 8.61 4.72 -35.22
CA ALA B 320 8.66 3.39 -34.62
C ALA B 320 7.70 2.41 -35.30
N CYS B 321 6.46 2.83 -35.56
CA CYS B 321 5.54 1.94 -36.24
C CYS B 321 6.00 1.63 -37.66
N ALA B 322 6.52 2.64 -38.37
CA ALA B 322 7.04 2.36 -39.72
C ALA B 322 8.06 1.23 -39.64
N ALA B 323 8.95 1.29 -38.65
CA ALA B 323 9.87 0.18 -38.46
C ALA B 323 9.12 -1.12 -38.19
N GLY B 324 8.07 -1.04 -37.37
CA GLY B 324 7.28 -2.23 -37.09
C GLY B 324 6.70 -2.84 -38.35
N VAL B 325 6.14 -2.01 -39.23
CA VAL B 325 5.59 -2.54 -40.47
C VAL B 325 6.63 -3.31 -41.26
N ALA B 326 7.84 -2.74 -41.40
CA ALA B 326 8.85 -3.42 -42.20
C ALA B 326 9.28 -4.73 -41.55
N ALA B 327 9.48 -4.71 -40.23
CA ALA B 327 9.90 -5.91 -39.51
C ALA B 327 8.86 -7.02 -39.63
N VAL B 328 7.59 -6.71 -39.39
CA VAL B 328 6.54 -7.72 -39.43
C VAL B 328 6.39 -8.28 -40.84
N ASN B 329 6.44 -7.39 -41.84
CA ASN B 329 6.36 -7.86 -43.22
C ASN B 329 7.52 -8.80 -43.52
N TYR B 330 8.68 -8.51 -42.96
CA TYR B 330 9.83 -9.40 -43.15
C TYR B 330 9.57 -10.77 -42.54
N TYR B 331 9.13 -10.83 -41.27
CA TYR B 331 8.83 -12.11 -40.64
C TYR B 331 7.94 -12.95 -41.54
N LEU B 332 6.88 -12.35 -42.08
CA LEU B 332 5.93 -13.10 -42.89
C LEU B 332 6.51 -13.42 -44.27
N GLU B 333 6.93 -12.39 -45.01
CA GLU B 333 7.34 -12.62 -46.39
C GLU B 333 8.52 -13.58 -46.49
N HIS B 334 9.42 -13.59 -45.51
CA HIS B 334 10.62 -14.42 -45.54
C HIS B 334 10.47 -15.71 -44.73
N ASP B 335 9.25 -16.09 -44.37
CA ASP B 335 8.96 -17.28 -43.57
C ASP B 335 9.97 -17.51 -42.44
N VAL B 336 10.06 -16.52 -41.55
CA VAL B 336 11.09 -16.60 -40.50
C VAL B 336 10.72 -17.64 -39.45
N CYS B 337 9.43 -17.80 -39.15
CA CYS B 337 9.04 -18.83 -38.19
C CYS B 337 9.50 -20.19 -38.67
N ALA B 338 9.22 -20.52 -39.93
CA ALA B 338 9.65 -21.80 -40.48
C ALA B 338 11.16 -21.91 -40.43
N HIS B 339 11.87 -20.82 -40.71
CA HIS B 339 13.32 -20.90 -40.60
C HIS B 339 13.76 -21.12 -39.16
N VAL B 340 13.09 -20.48 -38.19
CA VAL B 340 13.46 -20.68 -36.80
C VAL B 340 13.17 -22.11 -36.38
N LYS B 341 11.98 -22.62 -36.71
CA LYS B 341 11.70 -24.02 -36.44
C LYS B 341 12.79 -24.92 -37.00
N GLU B 342 13.29 -24.63 -38.20
CA GLU B 342 14.34 -25.50 -38.76
C GLU B 342 15.65 -25.34 -38.01
N MET B 343 16.00 -24.11 -37.62
CA MET B 343 17.23 -23.94 -36.86
C MET B 343 17.13 -24.59 -35.49
N GLU B 344 15.91 -24.78 -34.98
CA GLU B 344 15.77 -25.55 -33.75
C GLU B 344 16.44 -26.91 -33.92
N GLY B 345 16.35 -27.47 -35.14
CA GLY B 345 16.91 -28.77 -35.48
C GLY B 345 18.42 -28.82 -35.39
N ILE B 346 19.08 -27.67 -35.40
CA ILE B 346 20.51 -27.62 -35.15
C ILE B 346 20.81 -27.29 -33.69
N LEU B 347 20.10 -26.31 -33.12
CA LEU B 347 20.45 -25.82 -31.78
C LEU B 347 20.06 -26.82 -30.70
N LYS B 348 18.81 -27.33 -30.74
CA LYS B 348 18.37 -28.26 -29.69
C LYS B 348 19.22 -29.51 -29.59
N PRO B 349 19.41 -30.30 -30.66
CA PRO B 349 20.27 -31.48 -30.53
C PRO B 349 21.65 -31.15 -30.03
N PHE B 350 22.17 -29.99 -30.40
CA PHE B 350 23.49 -29.62 -29.90
C PHE B 350 23.48 -29.42 -28.38
N LEU B 351 22.49 -28.68 -27.85
CA LEU B 351 22.50 -28.44 -26.40
C LEU B 351 22.20 -29.73 -25.64
N GLU B 352 21.26 -30.53 -26.13
CA GLU B 352 21.03 -31.85 -25.53
C GLU B 352 22.31 -32.68 -25.49
N SER B 353 23.12 -32.62 -26.54
CA SER B 353 24.39 -33.34 -26.50
C SER B 353 25.38 -32.68 -25.54
N MET B 354 25.20 -31.40 -25.20
CA MET B 354 26.00 -30.78 -24.14
C MET B 354 25.59 -31.30 -22.77
N VAL B 355 24.32 -31.66 -22.60
CA VAL B 355 23.88 -32.28 -21.36
C VAL B 355 24.61 -33.61 -21.17
N GLU B 356 24.58 -34.47 -22.19
CA GLU B 356 25.25 -35.77 -22.10
C GLU B 356 26.76 -35.61 -21.95
N LYS B 357 27.35 -34.57 -22.54
CA LYS B 357 28.80 -34.51 -22.58
C LYS B 357 29.43 -33.77 -21.40
N HIS B 358 28.68 -32.96 -20.66
CA HIS B 358 29.31 -32.09 -19.68
C HIS B 358 28.72 -32.31 -18.29
N LYS B 359 29.62 -32.51 -17.31
CA LYS B 359 29.17 -32.72 -15.94
C LYS B 359 28.53 -31.46 -15.38
N CYS B 360 28.80 -30.30 -15.98
CA CYS B 360 28.32 -29.01 -15.49
C CYS B 360 27.00 -28.57 -16.13
N VAL B 361 26.43 -29.34 -17.03
CA VAL B 361 25.22 -28.93 -17.74
C VAL B 361 24.11 -29.88 -17.32
N GLY B 362 23.21 -29.41 -16.46
CA GLY B 362 22.18 -30.27 -15.90
C GLY B 362 20.96 -30.42 -16.79
N GLU B 363 20.61 -29.38 -17.53
CA GLU B 363 19.46 -29.44 -18.42
C GLU B 363 19.65 -28.48 -19.57
N ALA B 364 19.03 -28.81 -20.71
CA ALA B 364 18.97 -27.92 -21.85
C ALA B 364 17.51 -27.77 -22.22
N ARG B 365 17.10 -26.53 -22.45
CA ARG B 365 15.75 -26.20 -22.91
C ARG B 365 15.85 -25.41 -24.20
N CYS B 366 14.95 -25.68 -25.13
CA CYS B 366 15.02 -25.02 -26.42
C CYS B 366 13.69 -25.13 -27.13
N ILE B 367 13.10 -24.00 -27.51
CA ILE B 367 11.99 -23.97 -28.46
C ILE B 367 12.31 -22.86 -29.46
N GLY B 368 12.28 -23.19 -30.74
CA GLY B 368 12.76 -22.25 -31.75
C GLY B 368 14.23 -21.92 -31.53
N LEU B 369 14.56 -20.63 -31.53
CA LEU B 369 15.90 -20.17 -31.17
C LEU B 369 15.89 -19.49 -29.80
N PHE B 370 15.09 -20.08 -28.88
CA PHE B 370 14.85 -19.62 -27.51
C PHE B 370 15.35 -20.74 -26.62
N SER B 371 16.52 -20.58 -26.00
CA SER B 371 17.13 -21.73 -25.35
C SER B 371 17.99 -21.28 -24.17
N ALA B 372 18.24 -22.21 -23.25
CA ALA B 372 19.06 -21.95 -22.09
C ALA B 372 19.63 -23.26 -21.57
N LEU B 373 20.80 -23.15 -20.94
CA LEU B 373 21.45 -24.25 -20.24
C LEU B 373 21.43 -23.94 -18.74
N THR B 374 21.04 -24.93 -17.93
CA THR B 374 21.19 -24.85 -16.48
C THR B 374 22.58 -25.38 -16.11
N ILE B 375 23.43 -24.52 -15.55
CA ILE B 375 24.76 -24.95 -15.17
C ILE B 375 24.73 -25.40 -13.70
N VAL B 376 25.34 -26.55 -13.42
CA VAL B 376 25.30 -27.14 -12.08
C VAL B 376 26.72 -27.37 -11.58
N LYS B 377 26.92 -27.25 -10.27
CA LYS B 377 28.19 -27.61 -9.67
C LYS B 377 28.32 -29.12 -9.49
N ASN B 378 27.24 -29.86 -9.71
CA ASN B 378 27.15 -31.29 -9.37
C ASN B 378 25.90 -31.90 -9.98
N LYS B 379 26.06 -32.66 -11.07
CA LYS B 379 24.93 -33.23 -11.79
C LYS B 379 24.07 -34.13 -10.91
N GLU B 380 24.69 -34.80 -9.94
CA GLU B 380 24.03 -35.91 -9.25
C GLU B 380 23.06 -35.40 -8.19
N THR B 381 23.52 -34.44 -7.38
CA THR B 381 22.71 -33.75 -6.39
C THR B 381 21.97 -32.56 -6.97
N ARG B 382 22.25 -32.17 -8.21
CA ARG B 382 21.67 -30.98 -8.84
C ARG B 382 22.04 -29.69 -8.12
N GLU B 383 23.18 -29.64 -7.43
CA GLU B 383 23.58 -28.39 -6.82
C GLU B 383 23.86 -27.35 -7.91
N LEU B 384 23.09 -26.27 -7.89
CA LEU B 384 23.22 -25.26 -8.93
C LEU B 384 24.56 -24.53 -8.83
N MET B 385 25.06 -24.11 -10.00
CA MET B 385 26.30 -23.34 -10.05
C MET B 385 26.11 -21.94 -9.46
N ALA B 386 24.88 -21.43 -9.47
CA ALA B 386 24.54 -20.18 -8.81
C ALA B 386 23.12 -20.32 -8.28
N PRO B 387 22.95 -20.59 -6.99
CA PRO B 387 21.59 -20.67 -6.44
C PRO B 387 20.92 -19.31 -6.48
N TYR B 388 19.59 -19.33 -6.34
CA TYR B 388 18.82 -18.10 -6.53
C TYR B 388 19.44 -16.94 -5.75
N HIS B 389 19.62 -15.81 -6.46
CA HIS B 389 20.03 -14.53 -5.85
C HIS B 389 21.36 -14.67 -5.10
N THR B 390 22.27 -15.46 -5.65
CA THR B 390 23.56 -15.68 -5.00
C THR B 390 24.41 -14.43 -5.07
N PRO B 391 25.11 -14.09 -3.98
CA PRO B 391 26.18 -13.11 -4.07
C PRO B 391 27.44 -13.77 -4.64
N ASN B 392 28.20 -12.99 -5.40
CA ASN B 392 29.41 -13.51 -6.02
C ASN B 392 29.10 -14.71 -6.92
N SER B 393 28.15 -14.51 -7.83
CA SER B 393 27.92 -15.52 -8.86
C SER B 393 29.18 -15.71 -9.67
N VAL B 394 29.58 -16.97 -9.89
CA VAL B 394 30.67 -17.23 -10.83
C VAL B 394 30.22 -17.21 -12.28
N MET B 395 28.92 -17.07 -12.54
CA MET B 395 28.44 -17.13 -13.92
C MET B 395 28.98 -16.02 -14.81
N PRO B 396 29.21 -14.79 -14.34
CA PRO B 396 29.82 -13.80 -15.25
C PRO B 396 31.19 -14.23 -15.75
N GLN B 397 31.97 -14.91 -14.90
CA GLN B 397 33.21 -15.51 -15.37
C GLN B 397 32.98 -16.31 -16.64
N ILE B 398 31.94 -17.16 -16.63
CA ILE B 398 31.60 -17.98 -17.79
C ILE B 398 31.18 -17.13 -18.99
N MET B 399 30.33 -16.11 -18.77
CA MET B 399 29.92 -15.28 -19.89
C MET B 399 31.11 -14.58 -20.51
N ALA B 400 32.13 -14.32 -19.70
CA ALA B 400 33.31 -13.61 -20.18
C ALA B 400 34.20 -14.51 -21.01
N LYS B 401 34.37 -15.76 -20.57
CA LYS B 401 35.10 -16.71 -21.40
C LYS B 401 34.45 -16.84 -22.77
N LEU B 402 33.12 -16.87 -22.81
CA LEU B 402 32.43 -16.91 -24.09
C LEU B 402 32.66 -15.63 -24.89
N MET B 403 32.59 -14.47 -24.23
CA MET B 403 32.81 -13.20 -24.92
C MET B 403 34.19 -13.13 -25.56
N ASP B 404 35.19 -13.74 -24.93
CA ASP B 404 36.55 -13.69 -25.49
C ASP B 404 36.64 -14.48 -26.81
N LEU B 405 35.83 -15.53 -26.96
CA LEU B 405 35.79 -16.26 -28.22
C LEU B 405 34.83 -15.64 -29.23
N GLY B 406 34.29 -14.46 -28.94
CA GLY B 406 33.32 -13.84 -29.84
C GLY B 406 31.92 -14.41 -29.76
N PHE B 407 31.61 -15.19 -28.73
CA PHE B 407 30.28 -15.75 -28.47
C PHE B 407 29.64 -14.84 -27.42
N SER B 408 28.88 -13.86 -27.88
CA SER B 408 28.28 -12.87 -26.98
C SER B 408 26.89 -13.33 -26.55
N THR B 409 26.71 -13.54 -25.26
CA THR B 409 25.40 -13.89 -24.75
C THR B 409 25.31 -13.43 -23.30
N PHE B 410 24.21 -13.80 -22.64
CA PHE B 410 24.07 -13.47 -21.24
C PHE B 410 23.21 -14.53 -20.57
N GLY B 411 23.08 -14.39 -19.26
CA GLY B 411 22.20 -15.25 -18.50
C GLY B 411 21.83 -14.57 -17.20
N ARG B 412 20.86 -15.16 -16.52
CA ARG B 412 20.53 -14.77 -15.18
C ARG B 412 20.61 -16.01 -14.31
N GLU B 413 20.84 -15.80 -13.02
CA GLU B 413 20.85 -16.89 -12.02
C GLU B 413 21.88 -17.94 -12.46
N THR B 414 21.47 -19.19 -12.68
CA THR B 414 22.39 -20.29 -12.88
C THR B 414 22.40 -20.76 -14.34
N ASN B 415 21.98 -19.89 -15.27
CA ASN B 415 21.74 -20.24 -16.66
C ASN B 415 22.63 -19.46 -17.61
N ILE B 416 22.87 -20.09 -18.76
CA ILE B 416 23.37 -19.43 -19.96
C ILE B 416 22.23 -19.44 -20.98
N ASN B 417 21.89 -18.27 -21.50
CA ASN B 417 20.95 -18.20 -22.60
C ASN B 417 21.67 -18.40 -23.93
N ILE B 418 20.96 -18.97 -24.90
CA ILE B 418 21.41 -18.97 -26.28
C ILE B 418 20.22 -18.57 -27.13
N CYS B 419 20.20 -17.32 -27.59
CA CYS B 419 19.08 -16.77 -28.35
C CYS B 419 19.63 -15.99 -29.53
N PRO B 420 20.17 -16.67 -30.54
CA PRO B 420 20.79 -15.98 -31.69
C PRO B 420 19.75 -15.35 -32.59
N PRO B 421 20.15 -14.38 -33.40
CA PRO B 421 19.16 -13.76 -34.30
C PRO B 421 18.47 -14.79 -35.17
N LEU B 422 17.17 -14.57 -35.39
CA LEU B 422 16.33 -15.49 -36.13
C LEU B 422 16.76 -15.71 -37.57
N ILE B 423 17.65 -14.87 -38.13
CA ILE B 423 18.11 -15.05 -39.50
C ILE B 423 19.41 -15.86 -39.55
N ILE B 424 19.97 -16.23 -38.40
CA ILE B 424 21.21 -17.00 -38.35
C ILE B 424 21.08 -18.23 -39.24
N THR B 425 22.18 -18.66 -39.85
CA THR B 425 22.13 -19.79 -40.74
C THR B 425 22.74 -21.01 -40.07
N ALA B 426 22.45 -22.18 -40.65
CA ALA B 426 23.08 -23.41 -40.19
C ALA B 426 24.60 -23.28 -40.18
N GLU B 427 25.18 -22.75 -41.26
CA GLU B 427 26.64 -22.60 -41.31
C GLU B 427 27.12 -21.74 -40.16
N GLN B 428 26.38 -20.65 -39.85
CA GLN B 428 26.76 -19.77 -38.76
C GLN B 428 26.64 -20.48 -37.41
N LEU B 429 25.49 -21.13 -37.16
CA LEU B 429 25.33 -21.89 -35.92
C LEU B 429 26.45 -22.88 -35.72
N GLU B 430 26.75 -23.67 -36.75
CA GLU B 430 27.76 -24.70 -36.63
C GLU B 430 29.14 -24.13 -36.36
N GLU B 431 29.34 -22.86 -36.61
CA GLU B 431 30.64 -22.25 -36.39
C GLU B 431 30.78 -21.66 -35.00
N GLU B 432 29.67 -21.23 -34.40
CA GLU B 432 29.63 -20.57 -33.11
C GLU B 432 29.44 -21.56 -31.97
N LEU B 433 28.61 -22.57 -32.18
CA LEU B 433 28.29 -23.54 -31.12
C LEU B 433 29.52 -24.25 -30.56
N PRO B 434 30.51 -24.64 -31.36
CA PRO B 434 31.74 -25.18 -30.78
C PRO B 434 32.37 -24.29 -29.70
N LYS B 435 32.21 -22.96 -29.78
CA LYS B 435 32.78 -22.10 -28.74
C LYS B 435 32.10 -22.31 -27.39
N LEU B 436 30.79 -22.59 -27.39
CA LEU B 436 30.09 -22.89 -26.16
C LEU B 436 30.57 -24.19 -25.55
N ASP B 437 30.80 -25.20 -26.40
CA ASP B 437 31.38 -26.46 -25.92
C ASP B 437 32.74 -26.23 -25.28
N LYS B 438 33.60 -25.41 -25.91
CA LYS B 438 34.93 -25.18 -25.36
C LYS B 438 34.84 -24.62 -23.94
N VAL B 439 33.96 -23.62 -23.73
CA VAL B 439 33.90 -22.99 -22.42
C VAL B 439 33.25 -23.93 -21.41
N LEU B 440 32.25 -24.71 -21.83
CA LEU B 440 31.66 -25.66 -20.90
C LEU B 440 32.70 -26.66 -20.40
N THR B 441 33.63 -27.07 -21.27
CA THR B 441 34.72 -27.94 -20.83
C THR B 441 35.58 -27.24 -19.77
N TRP B 442 35.84 -25.94 -19.96
CA TRP B 442 36.60 -25.21 -18.95
C TRP B 442 35.86 -25.21 -17.62
N VAL B 443 34.54 -25.07 -17.64
CA VAL B 443 33.76 -25.11 -16.41
C VAL B 443 33.80 -26.50 -15.79
N ASP B 444 33.59 -27.54 -16.60
CA ASP B 444 33.76 -28.91 -16.14
C ASP B 444 35.02 -29.07 -15.29
N GLU B 445 36.13 -28.50 -15.75
CA GLU B 445 37.43 -28.73 -15.15
C GLU B 445 37.82 -27.72 -14.07
N ASN B 446 37.04 -26.66 -13.88
CA ASN B 446 37.46 -25.60 -12.97
C ASN B 446 36.43 -25.17 -11.94
N LEU B 447 35.14 -25.51 -12.08
CA LEU B 447 34.13 -24.99 -11.17
C LEU B 447 33.18 -26.06 -10.63
N CYS B 448 33.41 -27.33 -10.92
CA CYS B 448 32.46 -28.37 -10.55
C CYS B 448 32.84 -29.18 -9.31
N ASP B 449 31.79 -29.56 -8.56
CA ASP B 449 31.79 -30.49 -7.42
C ASP B 449 31.83 -29.77 -6.06
N MET C 3 2.47 -3.46 -49.89
CA MET C 3 1.23 -2.78 -50.24
C MET C 3 1.49 -1.32 -50.69
N GLU C 4 0.47 -0.73 -51.32
CA GLU C 4 0.51 0.64 -51.82
C GLU C 4 0.09 1.62 -50.73
N GLU C 5 0.48 2.89 -50.93
CA GLU C 5 0.16 3.94 -49.96
C GLU C 5 -1.35 3.97 -49.74
N LEU C 6 -1.74 4.21 -48.49
CA LEU C 6 -3.13 4.17 -48.08
C LEU C 6 -3.79 5.54 -48.23
N THR C 7 -5.06 5.52 -48.65
CA THR C 7 -5.88 6.73 -48.72
C THR C 7 -6.18 7.26 -47.31
N GLY C 8 -6.49 8.56 -47.24
CA GLY C 8 -6.92 9.15 -45.99
C GLY C 8 -8.07 8.39 -45.37
N GLU C 9 -9.07 8.02 -46.17
CA GLU C 9 -10.24 7.33 -45.64
C GLU C 9 -9.85 5.95 -45.10
N GLU C 10 -8.89 5.29 -45.76
CA GLU C 10 -8.42 4.00 -45.25
C GLU C 10 -7.63 4.19 -43.95
N VAL C 11 -6.82 5.24 -43.86
CA VAL C 11 -5.97 5.43 -42.69
C VAL C 11 -6.80 5.74 -41.46
N ALA C 12 -7.79 6.62 -41.59
CA ALA C 12 -8.64 6.93 -40.44
C ALA C 12 -9.59 5.79 -40.14
N SER C 13 -10.03 5.04 -41.15
CA SER C 13 -10.92 3.91 -40.91
C SER C 13 -10.20 2.81 -40.12
N LEU C 14 -9.00 2.44 -40.56
CA LEU C 14 -8.22 1.42 -39.84
C LEU C 14 -7.89 1.89 -38.43
N HIS C 15 -7.53 3.16 -38.27
CA HIS C 15 -7.23 3.68 -36.94
C HIS C 15 -8.45 3.62 -36.04
N SER C 16 -9.58 4.07 -36.54
CA SER C 16 -10.82 4.06 -35.78
C SER C 16 -11.24 2.63 -35.41
N GLU C 17 -10.77 1.63 -36.15
CA GLU C 17 -11.18 0.23 -36.04
C GLU C 17 -10.20 -0.62 -35.26
N TYR C 18 -8.91 -0.33 -35.34
CA TYR C 18 -7.87 -1.20 -34.83
C TYR C 18 -6.91 -0.54 -33.84
N VAL C 19 -6.88 0.78 -33.77
CA VAL C 19 -5.92 1.46 -32.89
C VAL C 19 -6.62 1.73 -31.57
N MET C 20 -5.87 1.59 -30.48
CA MET C 20 -6.36 1.94 -29.16
C MET C 20 -5.91 3.36 -28.81
N GLN C 21 -6.87 4.26 -28.73
CA GLN C 21 -6.62 5.68 -28.56
C GLN C 21 -6.45 6.06 -27.09
N SER C 22 -5.42 6.86 -26.81
CA SER C 22 -5.19 7.34 -25.45
C SER C 22 -6.27 8.32 -25.00
N TRP C 23 -6.70 8.18 -23.74
CA TRP C 23 -7.52 9.16 -23.04
C TRP C 23 -8.84 9.42 -23.74
N HIS C 24 -9.41 8.40 -24.37
CA HIS C 24 -10.63 8.58 -25.14
C HIS C 24 -11.33 7.24 -25.19
N LYS C 25 -12.62 7.28 -25.50
CA LYS C 25 -13.33 6.08 -25.90
C LYS C 25 -12.90 5.72 -27.32
N GLN C 26 -12.98 4.44 -27.63
CA GLN C 26 -12.48 3.94 -28.90
C GLN C 26 -13.51 4.10 -30.01
N GLY C 27 -13.01 4.19 -31.25
CA GLY C 27 -13.82 4.08 -32.44
C GLY C 27 -14.47 5.35 -32.95
N GLY C 28 -14.16 6.52 -32.39
CA GLY C 28 -14.73 7.74 -32.89
C GLY C 28 -14.22 8.08 -34.28
N PRO C 29 -14.66 9.25 -34.78
CA PRO C 29 -13.98 9.82 -35.95
C PRO C 29 -12.58 10.30 -35.59
N VAL C 30 -11.73 10.45 -36.61
CA VAL C 30 -10.34 10.84 -36.41
C VAL C 30 -9.83 11.55 -37.66
N LYS C 31 -9.03 12.60 -37.46
CA LYS C 31 -8.42 13.28 -38.59
C LYS C 31 -7.18 12.50 -38.99
N PRO C 32 -7.07 12.03 -40.25
CA PRO C 32 -5.83 11.38 -40.68
C PRO C 32 -4.81 12.37 -41.21
N ILE C 33 -3.60 12.35 -40.64
CA ILE C 33 -2.55 13.32 -40.98
C ILE C 33 -1.54 12.64 -41.88
N LYS C 34 -1.23 13.29 -43.01
CA LYS C 34 -0.41 12.72 -44.06
C LYS C 34 1.04 13.17 -44.01
N LYS C 35 1.31 14.38 -43.50
CA LYS C 35 2.65 14.96 -43.57
C LYS C 35 2.77 16.08 -42.55
N ALA C 36 4.01 16.33 -42.09
CA ALA C 36 4.30 17.47 -41.24
C ALA C 36 5.63 18.07 -41.66
N ASP C 37 5.76 19.39 -41.45
CA ASP C 37 6.98 20.10 -41.86
C ASP C 37 7.03 21.51 -41.28
N GLY C 38 8.16 21.89 -40.71
CA GLY C 38 8.21 23.19 -40.05
C GLY C 38 7.23 23.19 -38.90
N ILE C 39 6.39 24.23 -38.86
CA ILE C 39 5.43 24.38 -37.78
C ILE C 39 4.04 23.89 -38.21
N TYR C 40 3.94 23.11 -39.28
CA TYR C 40 2.66 22.74 -39.87
C TYR C 40 2.52 21.23 -40.01
N PHE C 41 1.27 20.79 -40.16
CA PHE C 41 0.99 19.43 -40.63
C PHE C 41 -0.31 19.48 -41.42
N TRP C 42 -0.54 18.46 -42.25
CA TRP C 42 -1.60 18.47 -43.24
C TRP C 42 -2.39 17.17 -43.16
N ASP C 43 -3.72 17.26 -43.31
CA ASP C 43 -4.50 16.04 -43.45
C ASP C 43 -4.56 15.66 -44.94
N TYR C 44 -5.21 14.54 -45.24
CA TYR C 44 -5.18 13.97 -46.58
C TYR C 44 -6.07 14.71 -47.57
N ASP C 45 -6.95 15.60 -47.08
CA ASP C 45 -7.70 16.50 -47.94
C ASP C 45 -6.91 17.75 -48.32
N GLY C 46 -5.74 17.94 -47.71
CA GLY C 46 -4.87 19.04 -48.00
C GLY C 46 -4.96 20.23 -47.05
N LYS C 47 -5.91 20.22 -46.10
CA LYS C 47 -5.99 21.33 -45.16
C LYS C 47 -4.74 21.40 -44.29
N ARG C 48 -4.28 22.61 -44.02
CA ARG C 48 -3.06 22.85 -43.27
C ARG C 48 -3.41 23.34 -41.87
N TYR C 49 -2.78 22.71 -40.87
CA TYR C 49 -2.93 23.06 -39.45
C TYR C 49 -1.61 23.63 -38.95
N THR C 50 -1.67 24.74 -38.24
CA THR C 50 -0.49 25.31 -37.61
C THR C 50 -0.38 24.78 -36.19
N ASP C 51 0.77 24.18 -35.88
CA ASP C 51 0.95 23.42 -34.65
C ASP C 51 1.34 24.40 -33.54
N MET C 52 0.32 25.07 -33.02
CA MET C 52 0.48 26.09 -32.00
C MET C 52 0.72 25.51 -30.60
N SER C 53 0.65 24.19 -30.44
CA SER C 53 1.01 23.56 -29.18
C SER C 53 2.25 22.69 -29.28
N SER C 54 2.97 22.73 -30.41
CA SER C 54 4.11 21.84 -30.62
C SER C 54 3.71 20.39 -30.41
N LEU C 55 2.52 20.04 -30.91
CA LEU C 55 1.85 18.76 -30.68
C LEU C 55 1.52 18.57 -29.21
N LEU C 56 2.35 17.83 -28.45
CA LEU C 56 2.16 17.74 -27.01
C LEU C 56 3.27 18.53 -26.31
N VAL C 57 3.46 19.77 -26.74
CA VAL C 57 4.55 20.63 -26.27
C VAL C 57 5.86 19.86 -26.34
N CYS C 58 6.10 19.15 -27.45
CA CYS C 58 7.32 18.35 -27.58
C CYS C 58 8.12 18.67 -28.85
N SER C 59 7.44 18.99 -29.96
CA SER C 59 8.13 19.27 -31.23
C SER C 59 8.73 20.69 -31.18
N ASN C 60 9.75 20.84 -30.34
CA ASN C 60 10.26 22.17 -30.03
C ASN C 60 10.89 22.84 -31.24
N LEU C 61 11.54 22.06 -32.11
CA LEU C 61 12.20 22.59 -33.30
C LEU C 61 11.38 22.37 -34.55
N GLY C 62 10.06 22.40 -34.43
CA GLY C 62 9.22 22.14 -35.58
C GLY C 62 9.27 20.68 -36.00
N HIS C 63 8.77 20.44 -37.21
CA HIS C 63 8.68 19.10 -37.76
C HIS C 63 9.69 18.93 -38.86
N GLU C 64 10.24 17.72 -38.98
CA GLU C 64 11.09 17.35 -40.11
C GLU C 64 12.30 18.26 -40.23
N LEU C 65 12.74 18.84 -39.12
CA LEU C 65 13.96 19.62 -39.12
C LEU C 65 15.08 18.81 -39.79
N PRO C 66 15.64 19.30 -40.90
CA PRO C 66 16.67 18.50 -41.58
C PRO C 66 17.81 18.05 -40.69
N GLU C 67 18.24 18.89 -39.74
CA GLU C 67 19.39 18.53 -38.92
C GLU C 67 19.15 17.23 -38.14
N ILE C 68 17.94 17.07 -37.57
CA ILE C 68 17.60 15.86 -36.82
C ILE C 68 17.29 14.70 -37.77
N VAL C 69 16.49 14.96 -38.80
CA VAL C 69 16.17 13.92 -39.77
C VAL C 69 17.44 13.30 -40.35
N ASP C 70 18.39 14.13 -40.74
CA ASP C 70 19.63 13.60 -41.30
C ASP C 70 20.42 12.82 -40.25
N ALA C 71 20.50 13.32 -39.02
CA ALA C 71 21.24 12.59 -38.00
C ALA C 71 20.66 11.19 -37.80
N ILE C 72 19.32 11.10 -37.84
CA ILE C 72 18.62 9.82 -37.67
C ILE C 72 18.95 8.89 -38.82
N LYS C 73 18.85 9.38 -40.06
CA LYS C 73 19.18 8.57 -41.23
C LYS C 73 20.64 8.16 -41.23
N GLU C 74 21.54 9.08 -40.84
CA GLU C 74 22.95 8.71 -40.81
C GLU C 74 23.20 7.64 -39.78
N GLN C 75 22.61 7.78 -38.58
CA GLN C 75 22.81 6.77 -37.54
C GLN C 75 22.15 5.46 -37.94
N ALA C 76 21.01 5.52 -38.63
CA ALA C 76 20.34 4.31 -39.08
C ALA C 76 21.18 3.52 -40.09
N ASP C 77 22.07 4.20 -40.84
CA ASP C 77 22.95 3.49 -41.76
C ASP C 77 24.12 2.82 -41.05
N ASN C 78 24.40 3.20 -39.80
CA ASN C 78 25.49 2.63 -38.99
C ASN C 78 24.98 1.58 -38.01
N MET C 79 24.11 1.98 -37.07
CA MET C 79 23.76 1.13 -35.94
C MET C 79 22.49 1.71 -35.33
N CYS C 80 21.35 1.07 -35.59
CA CYS C 80 20.09 1.58 -35.05
C CYS C 80 20.02 1.41 -33.53
N PHE C 81 20.51 0.28 -33.02
CA PHE C 81 20.47 -0.01 -31.59
C PHE C 81 21.69 -0.84 -31.18
N MET C 82 22.25 -0.50 -30.03
CA MET C 82 23.24 -1.31 -29.36
C MET C 82 22.91 -1.31 -27.87
N ALA C 83 23.24 -2.41 -27.20
CA ALA C 83 22.71 -2.69 -25.86
C ALA C 83 23.28 -1.74 -24.80
N PRO C 84 22.58 -1.59 -23.67
CA PRO C 84 23.09 -0.75 -22.57
C PRO C 84 24.46 -1.18 -22.04
N ALA C 85 24.81 -2.47 -22.12
CA ALA C 85 26.10 -2.87 -21.58
C ALA C 85 27.28 -2.35 -22.41
N TYR C 86 27.02 -1.70 -23.54
CA TYR C 86 28.10 -1.20 -24.39
C TYR C 86 28.01 0.31 -24.51
N ALA C 87 29.17 0.95 -24.58
CA ALA C 87 29.24 2.36 -24.93
C ALA C 87 29.08 2.54 -26.42
N SER C 88 28.46 3.64 -26.82
CA SER C 88 28.33 4.00 -28.22
C SER C 88 28.64 5.49 -28.36
N GLU C 89 29.06 5.91 -29.56
CA GLU C 89 29.37 7.33 -29.74
C GLU C 89 28.17 8.22 -29.40
N PRO C 90 26.99 8.04 -30.01
CA PRO C 90 25.88 8.95 -29.69
C PRO C 90 25.48 8.95 -28.22
N LYS C 91 25.55 7.81 -27.55
CA LYS C 91 25.16 7.76 -26.13
C LYS C 91 26.18 8.49 -25.28
N SER C 92 27.47 8.27 -25.55
CA SER C 92 28.51 8.96 -24.79
C SER C 92 28.45 10.47 -25.05
N ARG C 93 28.34 10.87 -26.31
CA ARG C 93 28.32 12.28 -26.63
C ARG C 93 27.07 12.97 -26.09
N LEU C 94 25.93 12.26 -26.07
CA LEU C 94 24.71 12.93 -25.62
C LEU C 94 24.72 13.12 -24.12
N ALA C 95 25.25 12.15 -23.38
CA ALA C 95 25.36 12.28 -21.93
C ALA C 95 26.23 13.47 -21.55
N LYS C 96 27.39 13.64 -22.19
CA LYS C 96 28.25 14.79 -21.87
C LYS C 96 27.56 16.11 -22.23
N MET C 97 26.98 16.19 -23.43
CA MET C 97 26.32 17.41 -23.86
C MET C 97 25.25 17.85 -22.86
N LEU C 98 24.45 16.89 -22.38
CA LEU C 98 23.36 17.24 -21.46
C LEU C 98 23.92 17.68 -20.10
N VAL C 99 24.86 16.92 -19.54
CA VAL C 99 25.52 17.34 -18.31
C VAL C 99 26.16 18.72 -18.48
N ASP C 100 26.81 18.96 -19.62
CA ASP C 100 27.46 20.24 -19.86
C ASP C 100 26.44 21.37 -19.87
N VAL C 101 25.34 21.19 -20.59
CA VAL C 101 24.33 22.23 -20.73
C VAL C 101 23.56 22.47 -19.43
N ALA C 102 23.49 21.48 -18.54
CA ALA C 102 22.77 21.65 -17.28
C ALA C 102 23.60 22.42 -16.27
N ASP C 103 24.77 21.89 -15.92
CA ASP C 103 25.82 22.58 -15.17
C ASP C 103 26.92 21.58 -14.81
N PRO C 104 28.08 21.69 -15.45
CA PRO C 104 29.07 20.60 -15.35
C PRO C 104 29.75 20.53 -14.01
N ASP C 105 29.65 21.57 -13.19
CA ASP C 105 30.23 21.55 -11.86
C ASP C 105 29.32 20.90 -10.84
N PHE C 106 28.04 20.77 -11.13
CA PHE C 106 27.08 20.18 -10.22
C PHE C 106 26.65 18.78 -10.65
N TYR C 107 26.34 18.59 -11.93
CA TYR C 107 25.83 17.31 -12.41
C TYR C 107 26.95 16.48 -13.00
N GLN C 108 26.67 15.18 -13.13
CA GLN C 108 27.70 14.25 -13.56
C GLN C 108 27.20 13.29 -14.64
N ARG C 109 26.07 12.61 -14.40
CA ARG C 109 25.66 11.53 -15.30
C ARG C 109 24.22 11.71 -15.76
N VAL C 110 23.89 10.98 -16.82
CA VAL C 110 22.55 10.94 -17.39
C VAL C 110 22.11 9.48 -17.48
N PHE C 111 20.89 9.20 -17.00
CA PHE C 111 20.28 7.88 -17.11
C PHE C 111 19.20 7.96 -18.18
N PHE C 112 19.45 7.34 -19.33
CA PHE C 112 18.54 7.48 -20.46
C PHE C 112 17.35 6.54 -20.32
N THR C 113 16.18 7.04 -20.70
CA THR C 113 14.95 6.27 -20.68
C THR C 113 14.24 6.42 -22.02
N ASN C 114 13.01 5.92 -22.12
CA ASN C 114 12.22 6.02 -23.34
C ASN C 114 11.34 7.24 -23.40
N GLY C 115 11.02 7.85 -22.27
CA GLY C 115 10.10 8.97 -22.26
C GLY C 115 10.11 9.66 -20.92
N GLY C 116 8.99 10.36 -20.64
CA GLY C 116 8.83 11.09 -19.40
C GLY C 116 8.42 10.28 -18.16
N ALA C 117 7.40 9.42 -18.31
CA ALA C 117 6.92 8.65 -17.18
C ALA C 117 8.02 7.77 -16.61
N ASP C 118 8.77 7.06 -17.48
CA ASP C 118 9.79 6.17 -16.95
C ASP C 118 10.99 6.95 -16.39
N SER C 119 11.24 8.16 -16.84
CA SER C 119 12.32 8.92 -16.20
C SER C 119 11.92 9.38 -14.78
N ASN C 120 10.66 9.76 -14.57
CA ASN C 120 10.23 10.08 -13.20
C ASN C 120 10.19 8.83 -12.32
N GLU C 121 9.67 7.72 -12.84
CA GLU C 121 9.72 6.45 -12.11
C GLU C 121 11.12 6.18 -11.61
N ASN C 122 12.11 6.36 -12.48
CA ASN C 122 13.48 6.00 -12.13
C ASN C 122 14.09 7.02 -11.19
N ALA C 123 13.77 8.30 -11.37
CA ALA C 123 14.23 9.30 -10.41
C ALA C 123 13.69 9.03 -9.01
N ILE C 124 12.40 8.69 -8.92
CA ILE C 124 11.83 8.28 -7.63
C ILE C 124 12.64 7.12 -7.05
N LYS C 125 12.81 6.04 -7.82
CA LYS C 125 13.54 4.90 -7.29
C LYS C 125 14.93 5.31 -6.83
N MET C 126 15.62 6.14 -7.63
CA MET C 126 16.96 6.57 -7.28
C MET C 126 16.94 7.41 -6.01
N ALA C 127 15.92 8.26 -5.86
CA ALA C 127 15.86 9.07 -4.65
C ALA C 127 15.71 8.20 -3.41
N ARG C 128 14.84 7.18 -3.48
CA ARG C 128 14.63 6.32 -2.31
C ARG C 128 15.89 5.54 -1.96
N MET C 129 16.64 5.07 -2.97
CA MET C 129 17.87 4.33 -2.71
C MET C 129 18.93 5.24 -2.09
N VAL C 130 19.09 6.44 -2.65
CA VAL C 130 20.15 7.34 -2.21
C VAL C 130 19.92 7.80 -0.78
N THR C 131 18.71 8.26 -0.47
CA THR C 131 18.40 8.82 0.84
C THR C 131 18.07 7.74 1.87
N GLY C 132 17.70 6.54 1.44
CA GLY C 132 17.16 5.57 2.37
C GLY C 132 15.76 5.91 2.86
N ARG C 133 15.11 6.89 2.28
CA ARG C 133 13.82 7.26 2.82
C ARG C 133 12.68 6.80 1.91
N PRO C 134 11.50 6.53 2.45
CA PRO C 134 10.43 5.94 1.64
C PRO C 134 9.54 6.93 0.87
N LYS C 135 9.38 8.15 1.38
CA LYS C 135 8.30 9.03 0.96
C LYS C 135 8.68 9.98 -0.19
N ILE C 136 7.71 10.23 -1.07
CA ILE C 136 7.84 11.21 -2.14
C ILE C 136 6.73 12.24 -1.95
N PHE C 137 7.09 13.51 -1.86
CA PHE C 137 6.11 14.60 -1.88
C PHE C 137 5.93 15.07 -3.30
N SER C 138 4.70 15.34 -3.70
CA SER C 138 4.46 15.92 -5.03
C SER C 138 3.20 16.76 -5.01
N CYS C 139 3.03 17.56 -6.08
CA CYS C 139 1.97 18.56 -6.13
C CYS C 139 0.66 17.97 -6.61
N TYR C 140 -0.44 18.44 -6.02
CA TYR C 140 -1.75 18.07 -6.54
C TYR C 140 -1.96 18.61 -7.96
N ARG C 141 -1.46 19.81 -8.24
CA ARG C 141 -1.53 20.39 -9.58
C ARG C 141 -0.25 20.00 -10.31
N SER C 142 -0.27 18.78 -10.86
CA SER C 142 0.91 18.25 -11.55
C SER C 142 0.51 17.01 -12.33
N TYR C 143 1.28 16.75 -13.39
CA TYR C 143 1.24 15.49 -14.13
C TYR C 143 2.67 15.05 -14.37
N HIS C 144 2.95 13.77 -14.06
CA HIS C 144 4.28 13.21 -14.21
C HIS C 144 4.31 11.90 -14.99
N GLY C 145 3.19 11.46 -15.53
CA GLY C 145 3.13 10.22 -16.28
C GLY C 145 2.00 9.33 -15.82
N SER C 146 1.80 8.25 -16.59
CA SER C 146 0.61 7.42 -16.42
C SER C 146 0.93 6.02 -15.92
N THR C 147 2.19 5.61 -15.93
CA THR C 147 2.52 4.32 -15.35
C THR C 147 2.40 4.42 -13.83
N ILE C 148 2.25 3.25 -13.17
CA ILE C 148 1.75 3.24 -11.79
C ILE C 148 2.56 4.16 -10.87
N GLY C 149 3.89 4.10 -10.96
CA GLY C 149 4.68 4.95 -10.09
C GLY C 149 4.50 6.41 -10.40
N ALA C 150 4.63 6.77 -11.69
CA ALA C 150 4.51 8.17 -12.07
C ALA C 150 3.10 8.70 -11.87
N SER C 151 2.08 7.84 -11.96
CA SER C 151 0.69 8.27 -11.81
C SER C 151 0.34 8.51 -10.35
N ASN C 152 0.83 7.66 -9.44
CA ASN C 152 0.66 7.95 -8.02
C ASN C 152 1.36 9.25 -7.65
N ALA C 153 2.50 9.53 -8.29
CA ALA C 153 3.19 10.79 -8.03
C ALA C 153 2.48 11.97 -8.67
N SER C 154 1.68 11.73 -9.70
CA SER C 154 0.98 12.81 -10.38
C SER C 154 -0.18 13.32 -9.52
N GLY C 155 -0.43 14.62 -9.61
CA GLY C 155 -1.52 15.23 -8.87
C GLY C 155 -2.89 15.15 -9.51
N ASP C 156 -2.97 15.31 -10.84
CA ASP C 156 -4.26 15.53 -11.49
C ASP C 156 -5.07 14.24 -11.57
N TRP C 157 -6.35 14.40 -11.92
CA TRP C 157 -7.34 13.34 -11.74
C TRP C 157 -7.09 12.09 -12.56
N ARG C 158 -6.14 12.10 -13.51
CA ARG C 158 -5.80 10.88 -14.22
C ARG C 158 -5.17 9.83 -13.30
N ARG C 159 -4.73 10.24 -12.10
CA ARG C 159 -4.21 9.30 -11.11
C ARG C 159 -5.28 8.37 -10.55
N PHE C 160 -6.57 8.75 -10.63
CA PHE C 160 -7.64 7.98 -10.00
C PHE C 160 -7.72 6.57 -10.58
N ALA C 161 -7.69 6.45 -11.91
CA ALA C 161 -7.77 5.14 -12.54
C ALA C 161 -6.61 4.27 -12.06
N THR C 162 -5.41 4.85 -11.99
CA THR C 162 -4.26 4.10 -11.49
C THR C 162 -4.46 3.62 -10.07
N GLU C 163 -5.23 4.36 -9.27
CA GLU C 163 -5.42 4.04 -7.86
C GLU C 163 -6.37 2.88 -7.62
N LEU C 164 -7.01 2.33 -8.65
CA LEU C 164 -7.75 1.08 -8.49
C LEU C 164 -6.82 0.01 -7.93
N GLY C 165 -7.28 -0.68 -6.91
CA GLY C 165 -6.41 -1.56 -6.16
C GLY C 165 -5.71 -0.92 -4.97
N GLY C 166 -5.74 0.41 -4.87
CA GLY C 166 -5.07 1.11 -3.78
C GLY C 166 -4.00 2.07 -4.28
N SER C 167 -3.74 3.14 -3.54
CA SER C 167 -2.64 4.01 -3.87
C SER C 167 -1.34 3.34 -3.43
N ALA C 168 -0.30 3.51 -4.22
CA ALA C 168 0.98 2.96 -3.83
C ALA C 168 1.52 3.72 -2.62
N PRO C 169 2.16 3.04 -1.67
CA PRO C 169 2.57 3.72 -0.43
C PRO C 169 3.66 4.74 -0.69
N GLY C 170 3.73 5.72 0.20
CA GLY C 170 4.82 6.67 0.17
C GLY C 170 4.64 7.84 -0.75
N PHE C 171 3.43 8.09 -1.24
CA PHE C 171 3.20 9.21 -2.15
C PHE C 171 2.26 10.20 -1.48
N VAL C 172 2.84 11.29 -0.97
CA VAL C 172 2.13 12.36 -0.28
C VAL C 172 2.01 13.56 -1.20
N HIS C 173 0.81 14.09 -1.34
CA HIS C 173 0.55 15.22 -2.23
C HIS C 173 0.28 16.48 -1.41
N PHE C 174 0.90 17.58 -1.84
CA PHE C 174 0.68 18.89 -1.27
C PHE C 174 0.17 19.84 -2.33
N MET C 175 -0.68 20.78 -1.89
CA MET C 175 -1.33 21.72 -2.80
C MET C 175 -0.38 22.86 -3.16
N ASN C 176 -0.14 23.03 -4.46
CA ASN C 176 0.66 24.18 -4.88
C ASN C 176 -0.24 25.30 -5.36
N PRO C 177 0.25 26.53 -5.33
CA PRO C 177 -0.61 27.69 -5.62
C PRO C 177 -0.83 27.91 -7.11
N ASN C 178 -2.09 28.17 -7.47
CA ASN C 178 -2.47 28.72 -8.77
C ASN C 178 -3.02 30.12 -8.52
N MET C 179 -2.15 31.13 -8.62
CA MET C 179 -2.46 32.45 -8.07
C MET C 179 -3.85 32.92 -8.46
N TYR C 180 -4.16 32.95 -9.75
CA TYR C 180 -5.46 33.47 -10.16
C TYR C 180 -6.60 32.63 -9.59
N GLU C 181 -6.56 31.31 -9.77
CA GLU C 181 -7.68 30.48 -9.35
C GLU C 181 -7.88 30.47 -7.83
N ASP C 182 -6.86 30.89 -7.07
CA ASP C 182 -6.93 30.99 -5.62
C ASP C 182 -7.32 32.38 -5.11
N GLY C 183 -7.52 33.36 -5.99
CA GLY C 183 -8.00 34.66 -5.58
C GLY C 183 -6.99 35.77 -5.49
N TYR C 184 -5.74 35.54 -5.89
CA TYR C 184 -4.68 36.54 -5.82
C TYR C 184 -4.28 37.04 -7.21
N THR C 185 -3.25 37.88 -7.26
CA THR C 185 -2.87 38.61 -8.48
C THR C 185 -1.36 38.60 -8.66
N ARG C 186 -0.87 37.90 -9.70
CA ARG C 186 0.56 37.80 -9.92
C ARG C 186 1.19 39.18 -10.02
N GLY C 187 2.35 39.35 -9.38
CA GLY C 187 2.98 40.64 -9.31
C GLY C 187 2.75 41.25 -7.95
N VAL C 188 1.48 41.42 -7.57
CA VAL C 188 1.17 42.18 -6.37
C VAL C 188 1.22 41.33 -5.11
N ASP C 189 0.92 40.02 -5.22
CA ASP C 189 0.63 39.19 -4.06
C ASP C 189 1.66 38.09 -3.86
N ASP C 190 2.75 38.09 -4.63
CA ASP C 190 3.62 36.90 -4.67
C ASP C 190 4.22 36.61 -3.31
N ALA C 191 4.61 37.64 -2.57
CA ALA C 191 5.32 37.38 -1.32
C ALA C 191 4.38 36.79 -0.28
N THR C 192 3.08 37.13 -0.32
CA THR C 192 2.13 36.54 0.63
C THR C 192 1.86 35.08 0.27
N VAL C 193 1.53 34.83 -0.99
CA VAL C 193 1.26 33.48 -1.43
C VAL C 193 2.48 32.59 -1.20
N THR C 194 3.67 33.09 -1.52
CA THR C 194 4.87 32.31 -1.26
C THR C 194 5.06 32.04 0.24
N ALA C 195 4.79 33.06 1.06
CA ALA C 195 4.94 32.85 2.49
C ALA C 195 3.97 31.78 2.99
N ASP C 196 2.72 31.83 2.52
CA ASP C 196 1.71 30.87 2.96
C ASP C 196 2.01 29.46 2.48
N TYR C 197 2.29 29.30 1.17
CA TYR C 197 2.43 27.96 0.65
C TYR C 197 3.73 27.30 1.10
N LEU C 198 4.81 28.08 1.26
CA LEU C 198 6.00 27.52 1.90
C LEU C 198 5.70 27.10 3.33
N HIS C 199 4.82 27.83 4.04
CA HIS C 199 4.53 27.39 5.40
C HIS C 199 3.65 26.14 5.41
N ARG C 200 2.67 26.07 4.52
CA ARG C 200 1.88 24.85 4.37
C ARG C 200 2.78 23.63 4.13
N LEU C 201 3.78 23.77 3.24
CA LEU C 201 4.66 22.66 2.88
C LEU C 201 5.57 22.27 4.05
N ASP C 202 6.19 23.25 4.70
CA ASP C 202 6.98 22.96 5.90
C ASP C 202 6.14 22.21 6.94
N GLU C 203 4.91 22.66 7.20
CA GLU C 203 4.10 22.01 8.22
C GLU C 203 3.76 20.59 7.84
N GLN C 204 3.38 20.38 6.58
CA GLN C 204 3.05 19.04 6.13
C GLN C 204 4.27 18.13 6.14
N LEU C 205 5.44 18.65 5.76
CA LEU C 205 6.67 17.89 5.90
C LEU C 205 6.88 17.48 7.34
N GLN C 206 6.73 18.43 8.27
CA GLN C 206 6.93 18.12 9.68
C GLN C 206 5.93 17.10 10.16
N TYR C 207 4.68 17.17 9.68
CA TYR C 207 3.69 16.19 10.12
C TYR C 207 3.83 14.84 9.41
N GLU C 208 4.66 14.73 8.38
CA GLU C 208 4.97 13.44 7.76
C GLU C 208 6.33 12.89 8.18
N GLY C 209 7.12 13.67 8.93
CA GLY C 209 8.45 13.27 9.31
C GLY C 209 9.45 13.53 8.21
N PRO C 210 10.12 14.69 8.28
CA PRO C 210 11.04 15.09 7.20
C PRO C 210 12.15 14.09 6.98
N ASP C 211 12.51 13.33 8.02
CA ASP C 211 13.49 12.26 7.95
C ASP C 211 13.05 11.10 7.07
N SER C 212 11.76 11.03 6.73
CA SER C 212 11.22 9.98 5.89
C SER C 212 10.91 10.44 4.47
N VAL C 213 11.24 11.67 4.10
CA VAL C 213 10.92 12.19 2.77
C VAL C 213 12.19 12.11 1.93
N ALA C 214 12.19 11.23 0.93
CA ALA C 214 13.36 11.09 0.08
C ALA C 214 13.47 12.22 -0.93
N ALA C 215 12.33 12.72 -1.43
CA ALA C 215 12.38 13.68 -2.51
C ALA C 215 11.08 14.45 -2.58
N ILE C 216 11.19 15.71 -2.99
CA ILE C 216 10.08 16.50 -3.47
C ILE C 216 10.19 16.60 -4.99
N LEU C 217 9.11 16.24 -5.68
CA LEU C 217 9.07 16.21 -7.13
C LEU C 217 8.09 17.26 -7.63
N MET C 218 8.57 18.17 -8.48
CA MET C 218 7.76 19.28 -8.96
C MET C 218 8.05 19.52 -10.43
N GLU C 219 7.00 19.72 -11.22
CA GLU C 219 7.23 20.33 -12.52
C GLU C 219 7.90 21.67 -12.32
N SER C 220 8.98 21.93 -13.08
CA SER C 220 9.67 23.21 -12.93
C SER C 220 8.66 24.35 -13.01
N ILE C 221 7.82 24.32 -14.03
CA ILE C 221 6.62 25.12 -14.10
C ILE C 221 5.50 24.18 -14.52
N VAL C 222 4.44 24.10 -13.73
CA VAL C 222 3.36 23.17 -14.03
C VAL C 222 2.86 23.43 -15.44
N GLY C 223 2.95 22.42 -16.31
CA GLY C 223 2.76 22.63 -17.71
C GLY C 223 1.39 22.27 -18.23
N ALA C 224 1.16 20.97 -18.46
CA ALA C 224 -0.09 20.55 -19.09
C ALA C 224 -1.30 21.07 -18.33
N ASN C 225 -1.17 21.27 -17.02
CA ASN C 225 -2.28 21.71 -16.18
C ASN C 225 -2.44 23.24 -16.15
N GLY C 226 -1.78 23.97 -17.04
CA GLY C 226 -2.12 25.36 -17.30
C GLY C 226 -1.00 26.39 -17.29
N VAL C 227 0.26 25.96 -17.44
CA VAL C 227 1.40 26.88 -17.38
C VAL C 227 1.27 27.74 -16.14
N ILE C 228 1.24 27.11 -14.96
CA ILE C 228 0.97 27.81 -13.70
C ILE C 228 2.30 28.32 -13.18
N LEU C 229 2.69 29.51 -13.64
CA LEU C 229 3.89 30.17 -13.14
C LEU C 229 3.81 30.31 -11.62
N PRO C 230 4.86 29.93 -10.90
CA PRO C 230 4.83 30.03 -9.43
C PRO C 230 4.96 31.47 -8.97
N PRO C 231 4.46 31.80 -7.79
CA PRO C 231 4.76 33.12 -7.21
C PRO C 231 6.25 33.24 -6.98
N GLU C 232 6.76 34.46 -7.13
CA GLU C 232 8.18 34.70 -6.92
C GLU C 232 8.61 34.15 -5.58
N GLY C 233 9.74 33.42 -5.59
CA GLY C 233 10.36 32.88 -4.39
C GLY C 233 9.91 31.50 -3.95
N TYR C 234 8.81 30.97 -4.52
CA TYR C 234 8.32 29.65 -4.11
C TYR C 234 9.32 28.53 -4.43
N MET C 235 9.81 28.47 -5.67
CA MET C 235 10.77 27.42 -6.03
C MET C 235 12.05 27.53 -5.22
N GLU C 236 12.49 28.74 -4.92
CA GLU C 236 13.70 28.88 -4.11
C GLU C 236 13.48 28.39 -2.68
N GLY C 237 12.27 28.60 -2.15
CA GLY C 237 11.97 28.14 -0.81
C GLY C 237 11.82 26.64 -0.75
N VAL C 238 11.21 26.05 -1.79
CA VAL C 238 11.15 24.60 -1.88
C VAL C 238 12.55 24.04 -1.84
N ARG C 239 13.45 24.60 -2.64
CA ARG C 239 14.85 24.20 -2.60
C ARG C 239 15.45 24.38 -1.21
N ALA C 240 15.05 25.46 -0.51
CA ALA C 240 15.57 25.72 0.83
C ALA C 240 15.08 24.67 1.82
N LEU C 241 13.79 24.35 1.76
CA LEU C 241 13.27 23.31 2.63
C LEU C 241 13.99 21.98 2.39
N CYS C 242 14.20 21.60 1.12
CA CYS C 242 14.90 20.34 0.86
C CYS C 242 16.27 20.33 1.50
N ASP C 243 17.01 21.42 1.36
CA ASP C 243 18.34 21.51 1.96
C ASP C 243 18.25 21.38 3.47
N LYS C 244 17.30 22.09 4.09
CA LYS C 244 17.17 22.03 5.54
C LYS C 244 16.99 20.60 6.03
N TYR C 245 16.21 19.80 5.31
CA TYR C 245 15.74 18.50 5.81
C TYR C 245 16.49 17.30 5.22
N GLY C 246 17.41 17.52 4.28
CA GLY C 246 18.11 16.44 3.64
C GLY C 246 17.33 15.73 2.56
N ILE C 247 16.31 16.37 2.01
CA ILE C 247 15.47 15.82 0.96
C ILE C 247 16.03 16.23 -0.40
N LEU C 248 16.06 15.29 -1.34
CA LEU C 248 16.42 15.62 -2.71
C LEU C 248 15.28 16.36 -3.41
N MET C 249 15.64 17.32 -4.24
CA MET C 249 14.68 18.03 -5.09
C MET C 249 14.79 17.52 -6.51
N ILE C 250 13.67 17.09 -7.08
CA ILE C 250 13.61 16.60 -8.46
C ILE C 250 12.69 17.52 -9.25
N CYS C 251 13.23 18.18 -10.28
CA CYS C 251 12.39 18.98 -11.18
C CYS C 251 12.08 18.18 -12.43
N ASP C 252 10.80 18.24 -12.84
CA ASP C 252 10.33 17.60 -14.06
C ASP C 252 10.40 18.61 -15.21
N GLU C 253 11.34 18.39 -16.14
CA GLU C 253 11.52 19.25 -17.31
C GLU C 253 10.96 18.64 -18.58
N VAL C 254 10.14 17.59 -18.46
CA VAL C 254 9.69 16.89 -19.65
C VAL C 254 9.01 17.85 -20.61
N MET C 255 8.15 18.71 -20.09
CA MET C 255 7.40 19.65 -20.90
C MET C 255 8.05 21.02 -20.99
N ALA C 256 8.69 21.48 -19.92
CA ALA C 256 9.23 22.83 -19.85
C ALA C 256 10.70 22.92 -20.24
N GLY C 257 11.34 21.80 -20.60
CA GLY C 257 12.75 21.79 -20.94
C GLY C 257 13.03 22.09 -22.40
N PHE C 258 14.32 22.35 -22.70
CA PHE C 258 14.83 22.51 -24.05
C PHE C 258 14.22 23.73 -24.76
N GLY C 259 14.47 24.90 -24.16
CA GLY C 259 14.17 26.16 -24.79
C GLY C 259 12.74 26.63 -24.65
N ARG C 260 11.83 25.77 -24.19
CA ARG C 260 10.42 26.13 -24.09
C ARG C 260 10.23 27.48 -23.39
N THR C 261 11.02 27.76 -22.34
CA THR C 261 10.84 28.95 -21.52
C THR C 261 11.87 30.05 -21.77
N GLY C 262 12.79 29.85 -22.73
CA GLY C 262 13.86 30.79 -22.99
C GLY C 262 15.19 30.45 -22.36
N LYS C 263 15.23 29.47 -21.48
CA LYS C 263 16.48 28.93 -20.99
C LYS C 263 16.47 27.44 -21.32
N MET C 264 17.64 26.83 -21.34
CA MET C 264 17.70 25.44 -21.76
C MET C 264 16.79 24.57 -20.90
N PHE C 265 16.83 24.75 -19.58
CA PHE C 265 15.89 24.09 -18.68
C PHE C 265 15.16 25.16 -17.89
N ALA C 266 13.85 24.95 -17.70
CA ALA C 266 13.02 25.97 -17.05
C ALA C 266 13.51 26.27 -15.65
N TRP C 267 14.03 25.28 -14.93
CA TRP C 267 14.56 25.55 -13.60
C TRP C 267 15.76 26.49 -13.63
N GLN C 268 16.39 26.69 -14.79
CA GLN C 268 17.59 27.51 -14.81
C GLN C 268 17.33 29.01 -14.64
N ASN C 269 16.10 29.46 -14.81
CA ASN C 269 15.75 30.84 -14.51
C ASN C 269 15.20 31.01 -13.09
N PHE C 270 15.64 30.17 -12.14
CA PHE C 270 15.01 30.12 -10.83
C PHE C 270 15.97 30.17 -9.66
N ASP C 271 17.29 30.12 -9.87
CA ASP C 271 18.24 30.16 -8.73
C ASP C 271 18.07 28.91 -7.87
N VAL C 272 18.13 27.78 -8.53
CA VAL C 272 18.01 26.48 -7.88
C VAL C 272 18.85 25.51 -8.67
N LYS C 273 19.54 24.62 -7.98
CA LYS C 273 20.08 23.47 -8.67
C LYS C 273 19.37 22.23 -8.13
N PRO C 274 18.47 21.63 -8.88
CA PRO C 274 17.82 20.40 -8.39
C PRO C 274 18.82 19.26 -8.33
N ASP C 275 18.61 18.35 -7.37
CA ASP C 275 19.52 17.21 -7.27
C ASP C 275 19.40 16.30 -8.47
N MET C 276 18.21 16.26 -9.08
CA MET C 276 17.96 15.50 -10.29
C MET C 276 16.86 16.24 -11.03
N PHE C 277 16.86 16.12 -12.35
CA PHE C 277 15.74 16.60 -13.14
C PHE C 277 15.53 15.63 -14.30
N THR C 278 14.27 15.54 -14.75
CA THR C 278 13.84 14.56 -15.72
C THR C 278 13.34 15.27 -16.97
N PHE C 279 13.48 14.59 -18.10
CA PHE C 279 13.23 15.20 -19.39
C PHE C 279 12.77 14.14 -20.38
N ALA C 280 11.99 14.58 -21.37
CA ALA C 280 11.81 13.77 -22.57
C ALA C 280 11.66 14.62 -23.82
N LYS C 281 10.51 15.25 -23.97
CA LYS C 281 9.99 15.59 -25.30
C LYS C 281 11.06 16.29 -26.16
N GLY C 282 11.53 17.46 -25.74
CA GLY C 282 12.33 18.25 -26.65
C GLY C 282 13.75 17.80 -26.80
N VAL C 283 14.20 16.87 -25.98
CA VAL C 283 15.53 16.31 -26.17
C VAL C 283 15.67 15.78 -27.59
N THR C 284 14.57 15.33 -28.19
CA THR C 284 14.61 14.92 -29.59
C THR C 284 13.45 15.51 -30.38
N CYS C 285 12.72 16.46 -29.80
CA CYS C 285 11.52 17.03 -30.43
C CYS C 285 10.54 15.95 -30.84
N GLY C 286 10.61 14.80 -30.17
CA GLY C 286 9.71 13.69 -30.41
C GLY C 286 10.04 12.80 -31.59
N TYR C 287 11.10 13.09 -32.33
CA TYR C 287 11.40 12.33 -33.55
C TYR C 287 11.76 10.88 -33.23
N VAL C 288 12.36 10.63 -32.07
CA VAL C 288 12.60 9.28 -31.54
C VAL C 288 12.35 9.31 -30.04
N PRO C 289 11.64 8.33 -29.47
CA PRO C 289 11.39 8.35 -28.02
C PRO C 289 12.69 8.37 -27.23
N LEU C 290 12.83 9.36 -26.34
CA LEU C 290 14.00 9.45 -25.49
C LEU C 290 13.68 10.27 -24.25
N GLY C 291 14.17 9.80 -23.11
CA GLY C 291 14.03 10.53 -21.88
C GLY C 291 15.24 10.33 -21.00
N GLY C 292 15.20 10.84 -19.77
CA GLY C 292 16.34 10.61 -18.90
C GLY C 292 16.20 11.32 -17.56
N VAL C 293 17.21 11.07 -16.72
CA VAL C 293 17.40 11.70 -15.42
C VAL C 293 18.83 12.23 -15.42
N VAL C 294 18.98 13.52 -15.21
CA VAL C 294 20.30 14.12 -15.02
C VAL C 294 20.55 14.17 -13.52
N VAL C 295 21.66 13.62 -13.09
CA VAL C 295 21.87 13.43 -11.65
C VAL C 295 23.10 14.18 -11.20
N SER C 296 23.05 14.66 -9.95
CA SER C 296 24.15 15.39 -9.34
C SER C 296 25.37 14.49 -9.16
N LYS C 297 26.52 15.14 -8.96
CA LYS C 297 27.74 14.40 -8.65
C LYS C 297 27.57 13.58 -7.37
N ARG C 298 26.87 14.14 -6.38
CA ARG C 298 26.60 13.38 -5.16
C ARG C 298 25.88 12.08 -5.47
N ILE C 299 24.80 12.14 -6.24
CA ILE C 299 24.06 10.93 -6.57
C ILE C 299 24.92 9.97 -7.38
N SER C 300 25.66 10.51 -8.36
CA SER C 300 26.59 9.68 -9.13
C SER C 300 27.58 8.97 -8.21
N ASP C 301 28.10 9.67 -7.21
CA ASP C 301 29.00 9.02 -6.26
C ASP C 301 28.31 7.89 -5.54
N TYR C 302 27.08 8.11 -5.09
CA TYR C 302 26.39 7.03 -4.40
C TYR C 302 26.35 5.76 -5.26
N PHE C 303 26.04 5.90 -6.55
CA PHE C 303 25.92 4.75 -7.44
C PHE C 303 27.24 4.31 -8.04
N THR C 304 28.34 4.94 -7.63
CA THR C 304 29.65 4.33 -7.81
C THR C 304 29.90 3.28 -6.73
N ASP C 305 29.41 3.53 -5.51
CA ASP C 305 29.55 2.60 -4.40
C ASP C 305 28.45 1.54 -4.36
N HIS C 306 27.27 1.83 -4.92
CA HIS C 306 26.12 0.93 -4.85
C HIS C 306 25.60 0.61 -6.25
N VAL C 307 25.08 -0.59 -6.41
CA VAL C 307 24.52 -1.00 -7.69
C VAL C 307 23.28 -0.16 -7.97
N LEU C 308 23.24 0.44 -9.15
CA LEU C 308 22.05 1.13 -9.61
C LEU C 308 21.01 0.09 -10.01
N GLN C 309 20.02 -0.14 -9.15
CA GLN C 309 18.95 -1.12 -9.41
C GLN C 309 17.82 -0.49 -10.24
N CYS C 310 18.20 0.03 -11.42
CA CYS C 310 17.29 0.57 -12.44
C CYS C 310 17.79 0.14 -13.81
N GLY C 311 16.85 0.01 -14.75
CA GLY C 311 17.22 -0.43 -16.09
C GLY C 311 15.99 -0.59 -16.96
N LEU C 312 16.25 -0.62 -18.27
CA LEU C 312 15.23 -0.88 -19.28
C LEU C 312 15.94 -1.31 -20.54
N THR C 313 15.28 -2.16 -21.34
CA THR C 313 15.94 -2.71 -22.51
C THR C 313 16.58 -1.62 -23.35
N TYR C 314 15.82 -0.56 -23.63
CA TYR C 314 16.23 0.41 -24.64
C TYR C 314 16.98 1.61 -24.08
N SER C 315 17.43 1.57 -22.83
CA SER C 315 18.14 2.70 -22.22
C SER C 315 19.34 3.14 -23.07
N GLY C 316 19.42 4.44 -23.33
CA GLY C 316 20.50 4.96 -24.16
C GLY C 316 20.43 4.52 -25.61
N HIS C 317 19.21 4.34 -26.12
CA HIS C 317 19.00 3.88 -27.48
C HIS C 317 19.81 4.70 -28.49
N THR C 318 20.49 4.01 -29.40
CA THR C 318 21.50 4.66 -30.25
C THR C 318 20.87 5.64 -31.22
N LEU C 319 19.90 5.18 -32.03
CA LEU C 319 19.19 6.10 -32.92
C LEU C 319 18.64 7.28 -32.15
N ALA C 320 17.95 6.99 -31.05
CA ALA C 320 17.33 8.06 -30.28
C ALA C 320 18.37 9.06 -29.80
N CYS C 321 19.50 8.56 -29.29
CA CYS C 321 20.57 9.47 -28.84
C CYS C 321 21.17 10.26 -30.01
N ALA C 322 21.40 9.61 -31.15
CA ALA C 322 21.93 10.35 -32.29
C ALA C 322 21.03 11.55 -32.61
N ALA C 323 19.72 11.33 -32.64
CA ALA C 323 18.80 12.44 -32.82
C ALA C 323 18.94 13.46 -31.70
N GLY C 324 19.17 13.00 -30.48
CA GLY C 324 19.40 13.93 -29.38
C GLY C 324 20.60 14.82 -29.63
N VAL C 325 21.72 14.25 -30.07
CA VAL C 325 22.90 15.05 -30.35
C VAL C 325 22.57 16.15 -31.34
N ALA C 326 21.82 15.81 -32.40
CA ALA C 326 21.51 16.80 -33.42
C ALA C 326 20.62 17.91 -32.86
N ALA C 327 19.61 17.55 -32.08
CA ALA C 327 18.70 18.54 -31.51
C ALA C 327 19.44 19.48 -30.57
N VAL C 328 20.26 18.93 -29.69
CA VAL C 328 20.92 19.78 -28.71
C VAL C 328 21.88 20.75 -29.39
N ASN C 329 22.64 20.25 -30.39
CA ASN C 329 23.56 21.11 -31.12
C ASN C 329 22.83 22.24 -31.83
N TYR C 330 21.64 21.96 -32.36
CA TYR C 330 20.86 23.02 -32.96
C TYR C 330 20.48 24.09 -31.93
N TYR C 331 19.93 23.67 -30.77
CA TYR C 331 19.52 24.65 -29.77
C TYR C 331 20.65 25.62 -29.52
N LEU C 332 21.87 25.11 -29.34
CA LEU C 332 23.00 25.97 -29.04
C LEU C 332 23.44 26.75 -30.29
N GLU C 333 23.76 26.04 -31.37
CA GLU C 333 24.37 26.67 -32.54
C GLU C 333 23.48 27.75 -33.15
N HIS C 334 22.16 27.59 -33.09
CA HIS C 334 21.23 28.55 -33.64
C HIS C 334 20.64 29.47 -32.59
N ASP C 335 21.24 29.52 -31.40
CA ASP C 335 20.81 30.34 -30.26
C ASP C 335 19.28 30.37 -30.18
N VAL C 336 18.72 29.18 -29.92
CA VAL C 336 17.27 29.05 -29.93
C VAL C 336 16.65 29.73 -28.73
N CYS C 337 17.34 29.72 -27.57
CA CYS C 337 16.82 30.38 -26.39
C CYS C 337 16.62 31.86 -26.64
N ALA C 338 17.62 32.52 -27.22
CA ALA C 338 17.52 33.95 -27.48
C ALA C 338 16.37 34.26 -28.40
N HIS C 339 16.17 33.42 -29.40
CA HIS C 339 15.04 33.60 -30.32
C HIS C 339 13.71 33.44 -29.59
N VAL C 340 13.65 32.51 -28.63
CA VAL C 340 12.42 32.30 -27.87
C VAL C 340 12.10 33.52 -27.04
N LYS C 341 13.09 34.05 -26.31
CA LYS C 341 12.89 35.28 -25.56
C LYS C 341 12.37 36.40 -26.45
N GLU C 342 12.92 36.52 -27.66
CA GLU C 342 12.44 37.57 -28.56
C GLU C 342 11.01 37.30 -29.02
N MET C 343 10.67 36.04 -29.29
CA MET C 343 9.27 35.75 -29.57
C MET C 343 8.41 35.92 -28.31
N GLU C 344 8.99 35.80 -27.11
CA GLU C 344 8.23 36.11 -25.91
C GLU C 344 7.70 37.54 -25.96
N GLY C 345 8.51 38.46 -26.47
CA GLY C 345 8.15 39.85 -26.59
C GLY C 345 6.99 40.09 -27.54
N ILE C 346 6.63 39.11 -28.34
CA ILE C 346 5.43 39.19 -29.18
C ILE C 346 4.26 38.47 -28.52
N LEU C 347 4.49 37.26 -28.03
CA LEU C 347 3.39 36.42 -27.57
C LEU C 347 2.83 36.93 -26.24
N LYS C 348 3.72 37.24 -25.28
CA LYS C 348 3.24 37.70 -23.98
C LYS C 348 2.33 38.91 -24.11
N PRO C 349 2.79 40.03 -24.71
CA PRO C 349 1.88 41.18 -24.87
C PRO C 349 0.61 40.85 -25.63
N PHE C 350 0.66 39.95 -26.61
CA PHE C 350 -0.58 39.63 -27.30
C PHE C 350 -1.58 38.99 -26.35
N LEU C 351 -1.13 38.04 -25.52
CA LEU C 351 -2.07 37.37 -24.62
C LEU C 351 -2.55 38.32 -23.53
N GLU C 352 -1.65 39.13 -22.98
CA GLU C 352 -2.05 40.15 -22.01
C GLU C 352 -3.17 41.03 -22.56
N SER C 353 -3.06 41.40 -23.83
CA SER C 353 -4.06 42.23 -24.49
C SER C 353 -5.36 41.49 -24.75
N MET C 354 -5.34 40.15 -24.77
CA MET C 354 -6.59 39.40 -24.81
C MET C 354 -7.32 39.47 -23.47
N VAL C 355 -6.58 39.69 -22.37
CA VAL C 355 -7.20 39.94 -21.07
C VAL C 355 -8.01 41.22 -21.11
N GLU C 356 -7.41 42.31 -21.61
CA GLU C 356 -8.11 43.59 -21.71
C GLU C 356 -9.27 43.52 -22.70
N LYS C 357 -9.16 42.77 -23.78
CA LYS C 357 -10.17 42.82 -24.83
C LYS C 357 -11.32 41.84 -24.65
N HIS C 358 -11.18 40.83 -23.79
CA HIS C 358 -12.15 39.73 -23.75
C HIS C 358 -12.69 39.53 -22.34
N LYS C 359 -14.01 39.45 -22.21
CA LYS C 359 -14.61 39.21 -20.90
C LYS C 359 -14.33 37.80 -20.43
N CYS C 360 -14.01 36.88 -21.36
CA CYS C 360 -13.83 35.46 -21.10
C CYS C 360 -12.39 35.08 -20.74
N VAL C 361 -11.46 36.03 -20.71
CA VAL C 361 -10.06 35.72 -20.45
C VAL C 361 -9.65 36.37 -19.14
N GLY C 362 -9.47 35.56 -18.10
CA GLY C 362 -9.17 36.07 -16.78
C GLY C 362 -7.69 36.34 -16.54
N GLU C 363 -6.81 35.50 -17.11
CA GLU C 363 -5.38 35.67 -16.90
C GLU C 363 -4.62 35.13 -18.10
N ALA C 364 -3.44 35.69 -18.33
CA ALA C 364 -2.51 35.20 -19.34
C ALA C 364 -1.17 34.97 -18.66
N ARG C 365 -0.58 33.82 -18.91
CA ARG C 365 0.76 33.52 -18.42
C ARG C 365 1.64 33.18 -19.61
N CYS C 366 2.89 33.62 -19.57
CA CYS C 366 3.79 33.35 -20.69
C CYS C 366 5.22 33.55 -20.24
N ILE C 367 6.05 32.53 -20.40
CA ILE C 367 7.50 32.65 -20.29
C ILE C 367 8.10 31.93 -21.50
N GLY C 368 8.93 32.65 -22.27
CA GLY C 368 9.38 32.13 -23.56
C GLY C 368 8.21 31.86 -24.48
N LEU C 369 8.18 30.68 -25.09
CA LEU C 369 7.04 30.25 -25.89
C LEU C 369 6.18 29.23 -25.13
N PHE C 370 6.07 29.44 -23.82
CA PHE C 370 5.35 28.59 -22.87
C PHE C 370 4.27 29.44 -22.20
N SER C 371 3.02 29.28 -22.62
CA SER C 371 1.97 30.23 -22.25
C SER C 371 0.62 29.55 -22.26
N ALA C 372 -0.34 30.16 -21.54
CA ALA C 372 -1.73 29.69 -21.45
C ALA C 372 -2.65 30.82 -21.03
N LEU C 373 -3.92 30.70 -21.42
CA LEU C 373 -4.98 31.61 -21.00
C LEU C 373 -5.96 30.86 -20.09
N THR C 374 -6.32 31.50 -18.97
CA THR C 374 -7.39 31.00 -18.09
C THR C 374 -8.72 31.55 -18.62
N ILE C 375 -9.59 30.66 -19.08
CA ILE C 375 -10.89 31.05 -19.63
C ILE C 375 -11.92 31.01 -18.51
N VAL C 376 -12.75 32.06 -18.43
CA VAL C 376 -13.72 32.23 -17.36
C VAL C 376 -15.12 32.44 -17.94
N LYS C 377 -16.14 31.95 -17.21
CA LYS C 377 -17.52 32.26 -17.54
C LYS C 377 -17.93 33.64 -17.04
N ASN C 378 -17.07 34.32 -16.27
CA ASN C 378 -17.42 35.52 -15.53
C ASN C 378 -16.16 36.20 -15.01
N LYS C 379 -15.69 37.25 -15.69
CA LYS C 379 -14.42 37.87 -15.30
C LYS C 379 -14.46 38.39 -13.86
N GLU C 380 -15.63 38.85 -13.40
CA GLU C 380 -15.71 39.61 -12.16
C GLU C 380 -15.71 38.70 -10.94
N THR C 381 -16.49 37.61 -11.00
CA THR C 381 -16.55 36.62 -9.95
C THR C 381 -15.45 35.57 -10.04
N ARG C 382 -14.66 35.58 -11.12
CA ARG C 382 -13.64 34.56 -11.40
C ARG C 382 -14.23 33.16 -11.57
N GLU C 383 -15.51 33.04 -11.91
CA GLU C 383 -16.11 31.73 -12.14
C GLU C 383 -15.50 31.10 -13.39
N LEU C 384 -14.83 29.95 -13.22
CA LEU C 384 -14.09 29.30 -14.29
C LEU C 384 -15.05 28.74 -15.33
N MET C 385 -14.58 28.70 -16.59
CA MET C 385 -15.40 28.17 -17.67
C MET C 385 -15.52 26.65 -17.58
N ALA C 386 -14.53 25.99 -16.98
CA ALA C 386 -14.64 24.57 -16.65
C ALA C 386 -13.91 24.37 -15.33
N PRO C 387 -14.63 24.32 -14.20
CA PRO C 387 -13.96 24.12 -12.91
C PRO C 387 -13.31 22.75 -12.85
N TYR C 388 -12.46 22.56 -11.84
CA TYR C 388 -11.63 21.35 -11.80
C TYR C 388 -12.48 20.10 -12.04
N HIS C 389 -12.06 19.30 -13.02
CA HIS C 389 -12.61 17.97 -13.25
C HIS C 389 -14.11 18.00 -13.54
N THR C 390 -14.57 19.02 -14.28
CA THR C 390 -15.99 19.08 -14.64
C THR C 390 -16.33 17.93 -15.59
N PRO C 391 -17.50 17.34 -15.44
CA PRO C 391 -18.04 16.53 -16.54
C PRO C 391 -18.62 17.47 -17.60
N ASN C 392 -18.52 17.06 -18.85
CA ASN C 392 -19.04 17.85 -19.97
C ASN C 392 -18.37 19.23 -20.01
N SER C 393 -17.05 19.23 -20.02
CA SER C 393 -16.30 20.46 -20.24
C SER C 393 -16.64 21.04 -21.62
N VAL C 394 -16.91 22.35 -21.66
CA VAL C 394 -17.09 23.05 -22.93
C VAL C 394 -15.78 23.43 -23.59
N MET C 395 -14.64 23.22 -22.92
CA MET C 395 -13.37 23.61 -23.51
C MET C 395 -13.03 22.87 -24.79
N PRO C 396 -13.39 21.60 -24.99
CA PRO C 396 -13.09 21.00 -26.30
C PRO C 396 -13.75 21.75 -27.45
N GLN C 397 -14.97 22.26 -27.24
CA GLN C 397 -15.64 23.12 -28.23
C GLN C 397 -14.76 24.28 -28.66
N ILE C 398 -14.16 24.97 -27.70
CA ILE C 398 -13.26 26.09 -28.01
C ILE C 398 -12.09 25.61 -28.85
N MET C 399 -11.54 24.44 -28.51
CA MET C 399 -10.42 23.87 -29.25
C MET C 399 -10.80 23.54 -30.68
N ALA C 400 -12.06 23.14 -30.91
CA ALA C 400 -12.49 22.79 -32.27
C ALA C 400 -12.74 24.04 -33.12
N LYS C 401 -13.32 25.09 -32.52
CA LYS C 401 -13.41 26.36 -33.22
C LYS C 401 -12.02 26.84 -33.63
N LEU C 402 -11.04 26.72 -32.73
CA LEU C 402 -9.66 27.05 -33.06
C LEU C 402 -9.09 26.12 -34.12
N MET C 403 -9.32 24.82 -33.96
CA MET C 403 -8.85 23.85 -34.94
C MET C 403 -9.44 24.12 -36.33
N ASP C 404 -10.66 24.66 -36.37
CA ASP C 404 -11.32 24.92 -37.65
C ASP C 404 -10.58 25.97 -38.47
N LEU C 405 -9.95 26.93 -37.80
CA LEU C 405 -9.16 27.97 -38.43
C LEU C 405 -7.71 27.55 -38.69
N GLY C 406 -7.37 26.28 -38.51
CA GLY C 406 -6.00 25.86 -38.63
C GLY C 406 -5.12 26.21 -37.46
N PHE C 407 -5.70 26.60 -36.32
CA PHE C 407 -4.98 26.87 -35.08
C PHE C 407 -5.15 25.64 -34.17
N SER C 408 -4.17 24.73 -34.22
CA SER C 408 -4.21 23.47 -33.47
C SER C 408 -3.49 23.62 -32.15
N THR C 409 -4.22 23.42 -31.06
CA THR C 409 -3.63 23.44 -29.72
C THR C 409 -4.50 22.56 -28.81
N PHE C 410 -4.19 22.57 -27.52
CA PHE C 410 -4.97 21.81 -26.58
C PHE C 410 -4.93 22.52 -25.24
N GLY C 411 -5.73 22.01 -24.31
CA GLY C 411 -5.66 22.50 -22.96
C GLY C 411 -6.18 21.43 -22.04
N ARG C 412 -5.96 21.68 -20.76
CA ARG C 412 -6.55 20.88 -19.71
C ARG C 412 -7.32 21.81 -18.79
N GLU C 413 -8.30 21.26 -18.10
CA GLU C 413 -9.07 22.01 -17.09
C GLU C 413 -9.70 23.22 -17.76
N THR C 414 -9.39 24.44 -17.33
CA THR C 414 -10.07 25.63 -17.80
C THR C 414 -9.15 26.48 -18.68
N ASN C 415 -8.11 25.87 -19.25
CA ASN C 415 -7.06 26.61 -19.94
C ASN C 415 -6.96 26.26 -21.42
N ILE C 416 -6.48 27.24 -22.17
CA ILE C 416 -5.95 27.03 -23.51
C ILE C 416 -4.46 27.26 -23.42
N ASN C 417 -3.68 26.29 -23.91
CA ASN C 417 -2.25 26.47 -24.05
C ASN C 417 -1.93 27.12 -25.39
N ILE C 418 -0.87 27.93 -25.40
CA ILE C 418 -0.27 28.40 -26.63
C ILE C 418 1.23 28.17 -26.48
N CYS C 419 1.74 27.11 -27.14
CA CYS C 419 3.14 26.71 -27.04
C CYS C 419 3.61 26.30 -28.44
N PRO C 420 3.79 27.28 -29.32
CA PRO C 420 4.20 26.98 -30.69
C PRO C 420 5.68 26.63 -30.75
N PRO C 421 6.12 25.97 -31.82
CA PRO C 421 7.53 25.59 -31.93
C PRO C 421 8.44 26.80 -31.81
N LEU C 422 9.60 26.58 -31.16
CA LEU C 422 10.59 27.62 -30.92
C LEU C 422 11.20 28.21 -32.19
N ILE C 423 10.96 27.60 -33.36
CA ILE C 423 11.49 28.12 -34.62
C ILE C 423 10.47 29.01 -35.33
N ILE C 424 9.27 29.16 -34.77
CA ILE C 424 8.28 30.06 -35.32
C ILE C 424 8.91 31.46 -35.43
N THR C 425 8.54 32.18 -36.47
CA THR C 425 9.12 33.49 -36.68
C THR C 425 8.11 34.55 -36.29
N ALA C 426 8.61 35.77 -36.13
CA ALA C 426 7.73 36.89 -35.84
C ALA C 426 6.59 36.96 -36.86
N GLU C 427 6.92 36.85 -38.15
CA GLU C 427 5.86 36.89 -39.14
C GLU C 427 4.85 35.77 -38.91
N GLN C 428 5.32 34.59 -38.50
CA GLN C 428 4.41 33.46 -38.27
C GLN C 428 3.45 33.74 -37.12
N LEU C 429 3.98 34.21 -35.98
CA LEU C 429 3.10 34.60 -34.89
C LEU C 429 2.00 35.54 -35.37
N GLU C 430 2.39 36.60 -36.09
CA GLU C 430 1.43 37.61 -36.52
C GLU C 430 0.34 37.05 -37.44
N GLU C 431 0.55 35.87 -38.02
CA GLU C 431 -0.46 35.27 -38.88
C GLU C 431 -1.39 34.35 -38.12
N GLU C 432 -0.91 33.74 -37.03
CA GLU C 432 -1.70 32.77 -36.28
C GLU C 432 -2.48 33.41 -35.12
N LEU C 433 -1.82 34.28 -34.34
CA LEU C 433 -2.46 34.82 -33.14
C LEU C 433 -3.81 35.48 -33.44
N PRO C 434 -4.01 36.19 -34.57
CA PRO C 434 -5.37 36.67 -34.91
C PRO C 434 -6.45 35.60 -34.90
N LYS C 435 -6.12 34.32 -35.15
CA LYS C 435 -7.17 33.29 -35.07
C LYS C 435 -7.63 33.07 -33.63
N LEU C 436 -6.73 33.22 -32.66
CA LEU C 436 -7.11 33.06 -31.26
C LEU C 436 -8.04 34.18 -30.82
N ASP C 437 -7.75 35.41 -31.27
CA ASP C 437 -8.62 36.55 -30.98
C ASP C 437 -10.01 36.33 -31.57
N LYS C 438 -10.07 35.90 -32.82
CA LYS C 438 -11.37 35.67 -33.44
C LYS C 438 -12.18 34.69 -32.63
N VAL C 439 -11.55 33.63 -32.15
CA VAL C 439 -12.25 32.56 -31.44
C VAL C 439 -12.68 33.03 -30.05
N LEU C 440 -11.81 33.78 -29.37
CA LEU C 440 -12.16 34.31 -28.05
C LEU C 440 -13.39 35.20 -28.12
N THR C 441 -13.53 35.97 -29.20
CA THR C 441 -14.76 36.72 -29.39
C THR C 441 -15.96 35.77 -29.45
N TRP C 442 -15.82 34.62 -30.13
CA TRP C 442 -16.94 33.70 -30.23
C TRP C 442 -17.40 33.18 -28.87
N VAL C 443 -16.45 32.81 -27.99
CA VAL C 443 -16.86 32.35 -26.66
C VAL C 443 -17.44 33.52 -25.87
N ASP C 444 -16.80 34.70 -25.96
CA ASP C 444 -17.36 35.92 -25.39
C ASP C 444 -18.86 35.98 -25.62
N GLU C 445 -19.27 35.70 -26.85
CA GLU C 445 -20.64 35.87 -27.29
C GLU C 445 -21.48 34.61 -27.15
N ASN C 446 -20.87 33.47 -26.79
CA ASN C 446 -21.61 32.22 -26.77
C ASN C 446 -21.50 31.40 -25.48
N LEU C 447 -20.58 31.72 -24.57
CA LEU C 447 -20.43 30.92 -23.37
C LEU C 447 -20.32 31.71 -22.08
N CYS C 448 -20.46 33.03 -22.11
CA CYS C 448 -20.38 33.83 -20.88
C CYS C 448 -21.73 34.38 -20.47
N MET D 3 -3.39 -13.41 50.45
CA MET D 3 -2.38 -13.31 49.41
C MET D 3 -1.03 -12.76 49.93
N GLU D 4 0.02 -12.95 49.15
CA GLU D 4 1.36 -12.44 49.50
C GLU D 4 1.50 -11.00 49.02
N GLU D 5 0.81 -10.08 49.71
CA GLU D 5 0.78 -8.67 49.28
C GLU D 5 2.19 -8.10 49.12
N LEU D 6 2.42 -7.42 48.00
CA LEU D 6 3.75 -6.92 47.62
C LEU D 6 3.97 -5.53 48.19
N THR D 7 5.19 -5.26 48.62
CA THR D 7 5.53 -3.92 49.05
C THR D 7 5.58 -2.95 47.86
N GLY D 8 5.43 -1.68 48.17
CA GLY D 8 5.58 -0.66 47.15
C GLY D 8 6.84 -0.83 46.33
N GLU D 9 7.98 -1.13 46.99
CA GLU D 9 9.23 -1.27 46.24
C GLU D 9 9.22 -2.48 45.32
N GLU D 10 8.57 -3.57 45.74
CA GLU D 10 8.49 -4.75 44.87
C GLU D 10 7.60 -4.49 43.67
N VAL D 11 6.52 -3.74 43.88
CA VAL D 11 5.60 -3.48 42.78
C VAL D 11 6.29 -2.66 41.70
N ALA D 12 7.00 -1.60 42.11
CA ALA D 12 7.72 -0.79 41.13
C ALA D 12 8.93 -1.53 40.62
N SER D 13 9.53 -2.38 41.46
CA SER D 13 10.69 -3.14 41.02
C SER D 13 10.32 -4.13 39.93
N LEU D 14 9.29 -4.95 40.17
CA LEU D 14 8.88 -5.92 39.16
C LEU D 14 8.46 -5.22 37.87
N HIS D 15 7.80 -4.07 37.98
CA HIS D 15 7.37 -3.31 36.81
C HIS D 15 8.56 -2.89 35.95
N SER D 16 9.59 -2.31 36.60
CA SER D 16 10.75 -1.84 35.86
C SER D 16 11.43 -2.97 35.14
N GLU D 17 11.27 -4.19 35.65
CA GLU D 17 12.00 -5.36 35.19
C GLU D 17 11.21 -6.22 34.21
N TYR D 18 9.89 -6.32 34.37
CA TYR D 18 9.08 -7.30 33.65
C TYR D 18 7.96 -6.72 32.85
N VAL D 19 7.58 -5.48 33.06
CA VAL D 19 6.46 -4.90 32.34
C VAL D 19 6.97 -4.14 31.13
N MET D 20 6.23 -4.24 30.03
CA MET D 20 6.53 -3.50 28.81
C MET D 20 5.73 -2.18 28.84
N GLN D 21 6.43 -1.08 29.02
CA GLN D 21 5.78 0.21 29.22
C GLN D 21 5.42 0.86 27.89
N SER D 22 4.20 1.36 27.80
CA SER D 22 3.76 2.06 26.61
C SER D 22 4.51 3.39 26.42
N TRP D 23 4.90 3.65 25.16
CA TRP D 23 5.41 4.96 24.69
C TRP D 23 6.68 5.40 25.41
N HIS D 24 7.54 4.45 25.79
CA HIS D 24 8.72 4.75 26.61
C HIS D 24 9.80 3.72 26.34
N LYS D 25 11.02 4.05 26.74
CA LYS D 25 12.05 3.04 26.91
C LYS D 25 11.82 2.25 28.20
N GLN D 26 12.28 1.01 28.20
CA GLN D 26 11.99 0.13 29.33
C GLN D 26 12.96 0.34 30.49
N GLY D 27 12.47 0.03 31.68
CA GLY D 27 13.32 -0.06 32.85
C GLY D 27 13.60 1.22 33.61
N GLY D 28 12.90 2.32 33.31
CA GLY D 28 13.08 3.51 34.09
C GLY D 28 12.60 3.35 35.52
N PRO D 29 12.71 4.42 36.30
CA PRO D 29 11.96 4.47 37.56
C PRO D 29 10.47 4.59 37.30
N VAL D 30 9.67 4.22 38.28
CA VAL D 30 8.23 4.19 38.11
C VAL D 30 7.58 4.42 39.47
N LYS D 31 6.49 5.16 39.45
CA LYS D 31 5.74 5.38 40.68
C LYS D 31 4.78 4.21 40.91
N PRO D 32 4.84 3.54 42.06
CA PRO D 32 3.85 2.49 42.36
C PRO D 32 2.63 3.04 43.06
N ILE D 33 1.43 2.81 42.51
CA ILE D 33 0.19 3.35 43.05
C ILE D 33 -0.55 2.24 43.77
N LYS D 34 -0.99 2.53 45.00
CA LYS D 34 -1.57 1.57 45.91
C LYS D 34 -3.09 1.60 45.95
N LYS D 35 -3.67 2.77 45.74
CA LYS D 35 -5.09 2.99 45.99
C LYS D 35 -5.48 4.26 45.27
N ALA D 36 -6.74 4.33 44.85
CA ALA D 36 -7.32 5.55 44.31
C ALA D 36 -8.75 5.66 44.79
N ASP D 37 -9.22 6.90 44.94
CA ASP D 37 -10.58 7.15 45.40
C ASP D 37 -11.01 8.60 45.16
N GLY D 38 -12.19 8.80 44.59
CA GLY D 38 -12.59 10.15 44.22
C GLY D 38 -11.67 10.72 43.15
N ILE D 39 -11.15 11.92 43.40
CA ILE D 39 -10.26 12.58 42.46
C ILE D 39 -8.79 12.39 42.84
N TYR D 40 -8.49 11.43 43.70
CA TYR D 40 -7.14 11.25 44.23
C TYR D 40 -6.64 9.82 44.00
N PHE D 41 -5.32 9.68 44.02
CA PHE D 41 -4.70 8.37 44.15
C PHE D 41 -3.42 8.52 44.96
N TRP D 42 -2.95 7.39 45.50
CA TRP D 42 -1.87 7.39 46.48
C TRP D 42 -0.77 6.43 46.04
N ASP D 43 0.48 6.85 46.22
CA ASP D 43 1.59 5.93 46.03
C ASP D 43 1.81 5.13 47.32
N TYR D 44 2.78 4.22 47.32
CA TYR D 44 2.92 3.35 48.47
C TYR D 44 3.57 4.05 49.65
N ASP D 45 4.20 5.20 49.41
CA ASP D 45 4.74 6.04 50.47
C ASP D 45 3.68 6.90 51.11
N GLY D 46 2.44 6.85 50.60
CA GLY D 46 1.32 7.55 51.18
C GLY D 46 1.07 8.93 50.62
N LYS D 47 1.93 9.44 49.74
CA LYS D 47 1.69 10.74 49.12
C LYS D 47 0.44 10.68 48.27
N ARG D 48 -0.33 11.76 48.30
CA ARG D 48 -1.59 11.85 47.58
C ARG D 48 -1.42 12.76 46.37
N TYR D 49 -1.90 12.29 45.23
CA TYR D 49 -1.90 13.06 43.99
C TYR D 49 -3.34 13.35 43.59
N THR D 50 -3.60 14.58 43.16
CA THR D 50 -4.91 14.93 42.63
C THR D 50 -4.92 14.75 41.12
N ASP D 51 -5.87 13.95 40.63
CA ASP D 51 -5.89 13.50 39.24
C ASP D 51 -6.52 14.59 38.39
N MET D 52 -5.71 15.59 38.05
CA MET D 52 -6.20 16.74 37.30
C MET D 52 -6.38 16.46 35.81
N SER D 53 -5.95 15.30 35.32
CA SER D 53 -6.16 14.91 33.93
C SER D 53 -7.10 13.71 33.78
N SER D 54 -7.76 13.28 34.87
CA SER D 54 -8.61 12.09 34.87
C SER D 54 -7.85 10.87 34.34
N LEU D 55 -6.60 10.71 34.79
CA LEU D 55 -5.63 9.75 34.26
C LEU D 55 -5.33 10.08 32.81
N LEU D 56 -5.93 9.38 31.84
CA LEU D 56 -5.79 9.78 30.43
C LEU D 56 -7.10 10.35 29.90
N VAL D 57 -7.69 11.31 30.62
CA VAL D 57 -9.00 11.88 30.30
C VAL D 57 -10.02 10.77 30.13
N CYS D 58 -10.02 9.81 31.06
CA CYS D 58 -10.91 8.66 30.99
C CYS D 58 -11.69 8.41 32.27
N SER D 59 -11.08 8.65 33.44
CA SER D 59 -11.71 8.41 34.74
C SER D 59 -12.67 9.57 35.04
N ASN D 60 -13.76 9.60 34.25
CA ASN D 60 -14.59 10.80 34.20
C ASN D 60 -15.31 11.06 35.51
N LEU D 61 -15.73 9.99 36.19
CA LEU D 61 -16.44 10.08 37.45
C LEU D 61 -15.55 9.81 38.64
N GLY D 62 -14.26 10.17 38.55
CA GLY D 62 -13.35 9.89 39.62
C GLY D 62 -13.05 8.39 39.70
N HIS D 63 -12.45 8.01 40.82
CA HIS D 63 -12.03 6.63 41.04
C HIS D 63 -12.87 5.95 42.13
N GLU D 64 -13.13 4.66 41.93
CA GLU D 64 -13.83 3.83 42.92
C GLU D 64 -15.25 4.31 43.17
N LEU D 65 -15.87 4.94 42.17
CA LEU D 65 -17.26 5.35 42.27
C LEU D 65 -18.13 4.17 42.69
N PRO D 66 -18.80 4.25 43.84
CA PRO D 66 -19.55 3.08 44.34
C PRO D 66 -20.53 2.52 43.32
N GLU D 67 -21.20 3.40 42.57
CA GLU D 67 -22.21 2.93 41.65
C GLU D 67 -21.61 2.04 40.56
N ILE D 68 -20.43 2.39 40.06
CA ILE D 68 -19.80 1.54 39.04
C ILE D 68 -19.18 0.32 39.69
N VAL D 69 -18.44 0.52 40.79
CA VAL D 69 -17.86 -0.61 41.50
C VAL D 69 -18.93 -1.62 41.88
N ASP D 70 -20.06 -1.14 42.41
CA ASP D 70 -21.12 -2.07 42.80
C ASP D 70 -21.71 -2.81 41.60
N ALA D 71 -21.96 -2.09 40.51
CA ALA D 71 -22.49 -2.73 39.31
C ALA D 71 -21.56 -3.84 38.83
N ILE D 72 -20.24 -3.61 38.90
CA ILE D 72 -19.27 -4.60 38.44
C ILE D 72 -19.34 -5.86 39.29
N LYS D 73 -19.30 -5.69 40.62
CA LYS D 73 -19.35 -6.82 41.53
C LYS D 73 -20.68 -7.57 41.39
N GLU D 74 -21.78 -6.84 41.20
CA GLU D 74 -23.05 -7.53 41.01
C GLU D 74 -23.01 -8.37 39.75
N GLN D 75 -22.49 -7.80 38.65
CA GLN D 75 -22.45 -8.53 37.39
C GLN D 75 -21.52 -9.72 37.49
N ALA D 76 -20.39 -9.58 38.20
CA ALA D 76 -19.46 -10.69 38.37
C ALA D 76 -20.11 -11.88 39.08
N ASP D 77 -21.10 -11.63 39.93
CA ASP D 77 -21.82 -12.70 40.60
C ASP D 77 -22.85 -13.38 39.70
N ASN D 78 -23.18 -12.77 38.57
CA ASN D 78 -24.12 -13.36 37.61
C ASN D 78 -23.38 -14.06 36.48
N MET D 79 -22.62 -13.31 35.69
CA MET D 79 -22.04 -13.78 34.44
C MET D 79 -20.99 -12.76 33.97
N CYS D 80 -19.71 -13.09 34.11
CA CYS D 80 -18.68 -12.11 33.74
C CYS D 80 -18.65 -11.88 32.24
N PHE D 81 -18.85 -12.93 31.45
CA PHE D 81 -18.78 -12.80 30.01
C PHE D 81 -19.75 -13.79 29.39
N MET D 82 -20.44 -13.34 28.33
CA MET D 82 -21.16 -14.25 27.47
C MET D 82 -20.92 -13.80 26.02
N ALA D 83 -20.85 -14.78 25.12
CA ALA D 83 -20.28 -14.56 23.79
C ALA D 83 -21.14 -13.61 22.97
N PRO D 84 -20.53 -12.99 21.95
CA PRO D 84 -21.30 -12.05 21.12
C PRO D 84 -22.55 -12.64 20.49
N ALA D 85 -22.59 -13.94 20.23
CA ALA D 85 -23.76 -14.52 19.57
C ALA D 85 -25.02 -14.50 20.43
N TYR D 86 -24.93 -14.13 21.71
CA TYR D 86 -26.09 -14.15 22.60
C TYR D 86 -26.39 -12.76 23.11
N ALA D 87 -27.68 -12.49 23.30
CA ALA D 87 -28.10 -11.27 23.98
C ALA D 87 -27.92 -11.40 25.49
N SER D 88 -27.54 -10.30 26.15
CA SER D 88 -27.48 -10.24 27.60
C SER D 88 -28.12 -8.93 28.07
N GLU D 89 -28.62 -8.92 29.32
CA GLU D 89 -29.26 -7.70 29.81
C GLU D 89 -28.32 -6.50 29.72
N PRO D 90 -27.12 -6.53 30.29
CA PRO D 90 -26.27 -5.32 30.24
C PRO D 90 -25.94 -4.86 28.82
N LYS D 91 -25.74 -5.79 27.89
CA LYS D 91 -25.41 -5.40 26.51
C LYS D 91 -26.64 -4.81 25.82
N SER D 92 -27.80 -5.43 26.03
CA SER D 92 -29.04 -4.90 25.46
C SER D 92 -29.37 -3.53 26.05
N ARG D 93 -29.25 -3.39 27.37
CA ARG D 93 -29.62 -2.12 27.99
C ARG D 93 -28.66 -1.01 27.61
N LEU D 94 -27.37 -1.31 27.46
CA LEU D 94 -26.42 -0.23 27.20
C LEU D 94 -26.54 0.29 25.76
N ALA D 95 -26.80 -0.61 24.82
CA ALA D 95 -27.00 -0.19 23.43
C ALA D 95 -28.20 0.77 23.33
N LYS D 96 -29.31 0.42 23.96
CA LYS D 96 -30.46 1.32 23.92
C LYS D 96 -30.14 2.65 24.59
N MET D 97 -29.51 2.61 25.76
CA MET D 97 -29.19 3.84 26.47
C MET D 97 -28.33 4.76 25.62
N LEU D 98 -27.35 4.18 24.92
CA LEU D 98 -26.43 4.97 24.10
C LEU D 98 -27.13 5.58 22.90
N VAL D 99 -27.91 4.78 22.17
CA VAL D 99 -28.70 5.38 21.10
C VAL D 99 -29.60 6.49 21.65
N ASP D 100 -30.21 6.25 22.81
CA ASP D 100 -31.14 7.22 23.36
C ASP D 100 -30.44 8.53 23.72
N VAL D 101 -29.29 8.46 24.42
CA VAL D 101 -28.63 9.71 24.78
C VAL D 101 -27.98 10.39 23.57
N ALA D 102 -27.68 9.63 22.52
CA ALA D 102 -27.08 10.21 21.31
C ALA D 102 -28.13 10.91 20.48
N ASP D 103 -29.15 10.15 20.03
CA ASP D 103 -30.38 10.68 19.45
C ASP D 103 -31.19 9.54 18.84
N PRO D 104 -32.32 9.17 19.44
CA PRO D 104 -33.01 7.92 19.02
C PRO D 104 -33.70 8.05 17.68
N ASP D 105 -33.85 9.27 17.16
CA ASP D 105 -34.43 9.49 15.85
C ASP D 105 -33.41 9.40 14.73
N PHE D 106 -32.11 9.53 15.03
CA PHE D 106 -31.05 9.44 14.03
C PHE D 106 -30.27 8.14 14.11
N TYR D 107 -29.87 7.71 15.31
CA TYR D 107 -29.04 6.52 15.47
C TYR D 107 -29.88 5.30 15.82
N GLN D 108 -29.30 4.13 15.60
CA GLN D 108 -30.05 2.87 15.73
C GLN D 108 -29.26 1.82 16.51
N ARG D 109 -28.00 1.56 16.15
CA ARG D 109 -27.28 0.44 16.75
C ARG D 109 -25.93 0.88 17.31
N VAL D 110 -25.39 0.04 18.19
CA VAL D 110 -24.06 0.24 18.76
C VAL D 110 -23.27 -1.03 18.55
N PHE D 111 -22.05 -0.89 18.04
CA PHE D 111 -21.11 -1.99 17.87
C PHE D 111 -20.05 -1.89 18.96
N PHE D 112 -20.11 -2.79 19.95
CA PHE D 112 -19.24 -2.68 21.11
C PHE D 112 -17.85 -3.25 20.81
N THR D 113 -16.84 -2.55 21.32
CA THR D 113 -15.45 -2.91 21.14
C THR D 113 -14.73 -2.82 22.48
N ASN D 114 -13.41 -3.00 22.47
CA ASN D 114 -12.60 -2.99 23.69
C ASN D 114 -12.06 -1.63 24.07
N GLY D 115 -11.93 -0.71 23.13
CA GLY D 115 -11.34 0.56 23.43
C GLY D 115 -11.54 1.52 22.29
N GLY D 116 -10.65 2.53 22.23
CA GLY D 116 -10.73 3.54 21.19
C GLY D 116 -10.19 3.16 19.82
N ALA D 117 -8.98 2.60 19.77
CA ALA D 117 -8.39 2.18 18.50
C ALA D 117 -9.29 1.18 17.82
N ASP D 118 -9.90 0.34 18.63
CA ASP D 118 -10.73 -0.75 18.19
C ASP D 118 -11.96 -0.25 17.43
N SER D 119 -12.62 0.76 17.98
CA SER D 119 -13.80 1.34 17.37
C SER D 119 -13.50 2.25 16.19
N ASN D 120 -12.38 2.97 16.20
CA ASN D 120 -12.02 3.69 14.99
C ASN D 120 -11.70 2.72 13.85
N GLU D 121 -10.97 1.64 14.13
CA GLU D 121 -10.74 0.61 13.13
C GLU D 121 -12.03 0.13 12.49
N ASN D 122 -13.05 -0.15 13.31
CA ASN D 122 -14.30 -0.71 12.81
C ASN D 122 -15.17 0.34 12.13
N ALA D 123 -15.14 1.59 12.60
CA ALA D 123 -15.82 2.66 11.88
C ALA D 123 -15.23 2.82 10.48
N ILE D 124 -13.90 2.79 10.37
CA ILE D 124 -13.27 2.83 9.05
C ILE D 124 -13.81 1.70 8.17
N LYS D 125 -13.72 0.46 8.65
CA LYS D 125 -14.16 -0.67 7.84
C LYS D 125 -15.62 -0.51 7.42
N MET D 126 -16.47 -0.07 8.36
CA MET D 126 -17.89 0.10 8.06
C MET D 126 -18.13 1.20 7.02
N ALA D 127 -17.36 2.29 7.07
CA ALA D 127 -17.57 3.35 6.09
C ALA D 127 -17.21 2.86 4.69
N ARG D 128 -16.11 2.13 4.57
CA ARG D 128 -15.73 1.58 3.26
C ARG D 128 -16.77 0.59 2.77
N MET D 129 -17.34 -0.21 3.66
CA MET D 129 -18.36 -1.17 3.25
C MET D 129 -19.65 -0.47 2.81
N VAL D 130 -20.13 0.49 3.60
CA VAL D 130 -21.40 1.12 3.28
C VAL D 130 -21.31 1.89 1.97
N THR D 131 -20.26 2.72 1.82
CA THR D 131 -20.15 3.61 0.66
C THR D 131 -19.56 2.91 -0.57
N GLY D 132 -18.85 1.81 -0.39
CA GLY D 132 -18.08 1.25 -1.47
C GLY D 132 -16.85 2.04 -1.87
N ARG D 133 -16.47 3.04 -1.12
CA ARG D 133 -15.36 3.89 -1.50
C ARG D 133 -14.13 3.54 -0.67
N PRO D 134 -12.93 3.77 -1.18
CA PRO D 134 -11.73 3.32 -0.47
C PRO D 134 -11.13 4.32 0.50
N LYS D 135 -11.27 5.63 0.26
CA LYS D 135 -10.43 6.59 0.95
C LYS D 135 -11.06 7.08 2.25
N ILE D 136 -10.18 7.36 3.22
CA ILE D 136 -10.54 7.95 4.51
C ILE D 136 -9.73 9.24 4.65
N PHE D 137 -10.43 10.36 4.87
CA PHE D 137 -9.75 11.60 5.20
C PHE D 137 -9.66 11.73 6.71
N SER D 138 -8.53 12.23 7.20
CA SER D 138 -8.36 12.51 8.63
C SER D 138 -7.37 13.65 8.82
N CYS D 139 -7.34 14.18 10.05
CA CYS D 139 -6.58 15.40 10.35
C CYS D 139 -5.14 15.08 10.67
N TYR D 140 -4.25 15.98 10.24
CA TYR D 140 -2.87 15.87 10.67
C TYR D 140 -2.76 16.10 12.18
N ARG D 141 -3.54 17.03 12.72
CA ARG D 141 -3.54 17.29 14.17
C ARG D 141 -4.66 16.44 14.80
N SER D 142 -4.32 15.18 15.07
CA SER D 142 -5.29 14.21 15.57
C SER D 142 -4.56 12.97 16.05
N TYR D 143 -5.18 12.25 17.00
CA TYR D 143 -4.74 10.93 17.42
C TYR D 143 -5.98 10.04 17.51
N HIS D 144 -5.90 8.85 16.87
CA HIS D 144 -7.03 7.92 16.82
C HIS D 144 -6.70 6.50 17.30
N GLY D 145 -5.49 6.24 17.77
CA GLY D 145 -5.11 4.91 18.18
C GLY D 145 -3.80 4.48 17.56
N SER D 146 -3.34 3.32 18.01
CA SER D 146 -2.00 2.86 17.71
C SER D 146 -1.96 1.63 16.82
N THR D 147 -3.07 0.92 16.65
CA THR D 147 -3.08 -0.21 15.73
C THR D 147 -3.00 0.30 14.30
N ILE D 148 -2.59 -0.60 13.38
CA ILE D 148 -2.14 -0.13 12.07
C ILE D 148 -3.19 0.74 11.37
N GLY D 149 -4.47 0.36 11.42
CA GLY D 149 -5.51 1.15 10.76
C GLY D 149 -5.75 2.50 11.46
N ALA D 150 -5.97 2.46 12.79
CA ALA D 150 -6.20 3.70 13.54
C ALA D 150 -4.95 4.58 13.59
N SER D 151 -3.77 3.96 13.52
CA SER D 151 -2.53 4.72 13.55
C SER D 151 -2.27 5.38 12.21
N ASN D 152 -2.63 4.71 11.11
CA ASN D 152 -2.54 5.33 9.79
C ASN D 152 -3.47 6.54 9.69
N ALA D 153 -4.66 6.45 10.29
CA ALA D 153 -5.56 7.61 10.30
C ALA D 153 -5.08 8.67 11.28
N SER D 154 -4.23 8.31 12.24
CA SER D 154 -3.78 9.27 13.24
C SER D 154 -2.85 10.27 12.61
N GLY D 155 -2.98 11.53 13.03
CA GLY D 155 -2.16 12.59 12.47
C GLY D 155 -0.80 12.72 13.11
N ASP D 156 -0.70 12.58 14.44
CA ASP D 156 0.56 12.92 15.10
C ASP D 156 1.62 11.85 14.83
N TRP D 157 2.86 12.20 15.19
CA TRP D 157 4.05 11.48 14.76
C TRP D 157 4.12 10.04 15.27
N ARG D 158 3.24 9.63 16.18
CA ARG D 158 3.24 8.23 16.59
C ARG D 158 2.91 7.30 15.41
N ARG D 159 2.37 7.87 14.32
CA ARG D 159 2.11 7.14 13.09
C ARG D 159 3.39 6.72 12.38
N PHE D 160 4.51 7.38 12.66
CA PHE D 160 5.73 7.12 11.90
C PHE D 160 6.21 5.69 12.09
N ALA D 161 6.21 5.19 13.33
CA ALA D 161 6.61 3.81 13.59
C ALA D 161 5.68 2.81 12.88
N THR D 162 4.37 3.05 12.95
CA THR D 162 3.42 2.14 12.30
C THR D 162 3.63 2.10 10.78
N GLU D 163 4.11 3.21 10.21
CA GLU D 163 4.34 3.32 8.77
C GLU D 163 5.58 2.59 8.31
N LEU D 164 6.36 2.01 9.23
CA LEU D 164 7.44 1.09 8.86
C LEU D 164 6.89 -0.05 8.03
N GLY D 165 7.52 -0.32 6.89
CA GLY D 165 6.98 -1.27 5.95
C GLY D 165 6.05 -0.68 4.92
N GLY D 166 5.66 0.59 5.07
CA GLY D 166 4.80 1.31 4.15
C GLY D 166 3.53 1.81 4.80
N SER D 167 3.01 2.94 4.32
CA SER D 167 1.73 3.47 4.77
C SER D 167 0.59 2.66 4.17
N ALA D 168 -0.48 2.51 4.94
CA ALA D 168 -1.65 1.77 4.45
C ALA D 168 -2.36 2.56 3.36
N PRO D 169 -2.86 1.89 2.33
CA PRO D 169 -3.49 2.64 1.23
C PRO D 169 -4.81 3.25 1.67
N GLY D 170 -5.16 4.37 1.06
CA GLY D 170 -6.46 4.97 1.28
C GLY D 170 -6.58 5.90 2.47
N PHE D 171 -5.48 6.37 3.04
CA PHE D 171 -5.55 7.26 4.19
C PHE D 171 -4.94 8.61 3.79
N VAL D 172 -5.79 9.58 3.49
CA VAL D 172 -5.35 10.90 3.07
C VAL D 172 -5.49 11.85 4.24
N HIS D 173 -4.43 12.61 4.54
CA HIS D 173 -4.40 13.52 5.67
C HIS D 173 -4.53 14.95 5.19
N PHE D 174 -5.37 15.72 5.88
CA PHE D 174 -5.54 17.15 5.62
C PHE D 174 -5.26 17.95 6.89
N MET D 175 -4.67 19.12 6.70
CA MET D 175 -4.26 19.95 7.83
C MET D 175 -5.46 20.73 8.39
N ASN D 176 -5.74 20.54 9.73
CA ASN D 176 -6.79 21.29 10.40
C ASN D 176 -6.21 22.47 11.18
N PRO D 177 -7.02 23.50 11.40
CA PRO D 177 -6.50 24.75 11.98
C PRO D 177 -6.31 24.65 13.49
N ASN D 178 -5.16 25.13 13.96
CA ASN D 178 -4.88 25.40 15.36
C ASN D 178 -4.72 26.91 15.52
N MET D 179 -5.82 27.60 15.82
CA MET D 179 -5.87 29.04 15.64
C MET D 179 -4.66 29.76 16.25
N TYR D 180 -4.39 29.53 17.54
CA TYR D 180 -3.28 30.26 18.13
C TYR D 180 -1.97 29.96 17.41
N GLU D 181 -1.67 28.67 17.21
CA GLU D 181 -0.38 28.28 16.65
C GLU D 181 -0.21 28.71 15.21
N ASP D 182 -1.32 28.94 14.51
CA ASP D 182 -1.31 29.35 13.12
C ASP D 182 -1.28 30.87 12.95
N GLY D 183 -1.24 31.62 14.04
CA GLY D 183 -1.06 33.06 13.99
C GLY D 183 -2.31 33.90 14.17
N TYR D 184 -3.45 33.30 14.47
CA TYR D 184 -4.72 33.99 14.57
C TYR D 184 -5.13 34.13 16.04
N THR D 185 -6.33 34.67 16.26
CA THR D 185 -6.81 35.00 17.60
C THR D 185 -8.26 34.56 17.70
N ARG D 186 -8.52 33.54 18.53
CA ARG D 186 -9.86 32.99 18.65
C ARG D 186 -10.83 34.09 19.03
N GLY D 187 -12.02 34.03 18.47
CA GLY D 187 -12.99 35.08 18.67
C GLY D 187 -13.02 35.98 17.45
N VAL D 188 -11.89 36.60 17.13
CA VAL D 188 -11.87 37.63 16.10
C VAL D 188 -11.79 37.02 14.71
N ASP D 189 -11.07 35.90 14.55
CA ASP D 189 -10.63 35.45 13.25
C ASP D 189 -11.37 34.21 12.81
N ASP D 190 -12.39 33.80 13.57
CA ASP D 190 -12.98 32.48 13.36
C ASP D 190 -13.52 32.33 11.95
N ALA D 191 -14.19 33.36 11.43
CA ALA D 191 -14.80 33.19 10.12
C ALA D 191 -13.73 33.17 9.03
N THR D 192 -12.62 33.86 9.25
CA THR D 192 -11.55 33.85 8.26
C THR D 192 -10.88 32.46 8.20
N VAL D 193 -10.45 31.96 9.36
CA VAL D 193 -9.82 30.65 9.39
C VAL D 193 -10.78 29.59 8.88
N THR D 194 -12.05 29.66 9.31
CA THR D 194 -13.02 28.66 8.88
C THR D 194 -13.22 28.70 7.37
N ALA D 195 -13.28 29.90 6.80
CA ALA D 195 -13.39 30.02 5.35
C ALA D 195 -12.16 29.44 4.65
N ASP D 196 -10.96 29.73 5.18
CA ASP D 196 -9.74 29.23 4.57
C ASP D 196 -9.66 27.70 4.63
N TYR D 197 -9.81 27.11 5.83
CA TYR D 197 -9.59 25.67 5.97
C TYR D 197 -10.74 24.82 5.41
N LEU D 198 -11.98 25.30 5.50
CA LEU D 198 -13.05 24.60 4.79
C LEU D 198 -12.79 24.57 3.29
N HIS D 199 -12.19 25.62 2.73
CA HIS D 199 -11.89 25.64 1.31
C HIS D 199 -10.70 24.74 0.96
N ARG D 200 -9.65 24.75 1.80
CA ARG D 200 -8.55 23.81 1.63
C ARG D 200 -9.07 22.39 1.57
N LEU D 201 -10.01 22.04 2.44
CA LEU D 201 -10.54 20.68 2.49
C LEU D 201 -11.38 20.38 1.26
N ASP D 202 -12.28 21.30 0.90
CA ASP D 202 -13.04 21.13 -0.33
C ASP D 202 -12.10 20.87 -1.51
N GLU D 203 -11.03 21.67 -1.61
CA GLU D 203 -10.12 21.54 -2.73
C GLU D 203 -9.43 20.18 -2.72
N GLN D 204 -8.97 19.73 -1.55
CA GLN D 204 -8.30 18.43 -1.47
C GLN D 204 -9.26 17.29 -1.78
N LEU D 205 -10.50 17.38 -1.32
CA LEU D 205 -11.49 16.37 -1.69
C LEU D 205 -11.60 16.24 -3.20
N GLN D 206 -11.69 17.37 -3.90
CA GLN D 206 -11.86 17.39 -5.34
C GLN D 206 -10.68 16.74 -6.05
N TYR D 207 -9.46 16.99 -5.56
CA TYR D 207 -8.24 16.44 -6.14
C TYR D 207 -7.97 15.00 -5.72
N GLU D 208 -8.72 14.46 -4.75
CA GLU D 208 -8.65 13.05 -4.46
C GLU D 208 -9.83 12.29 -5.06
N GLY D 209 -10.81 13.01 -5.62
CA GLY D 209 -12.01 12.41 -6.16
C GLY D 209 -13.04 12.13 -5.07
N PRO D 210 -13.97 13.05 -4.87
CA PRO D 210 -14.91 12.88 -3.75
C PRO D 210 -15.70 11.59 -3.83
N ASP D 211 -15.93 11.08 -5.04
CA ASP D 211 -16.65 9.82 -5.18
C ASP D 211 -15.89 8.63 -4.61
N SER D 212 -14.59 8.79 -4.32
CA SER D 212 -13.77 7.73 -3.76
C SER D 212 -13.48 7.92 -2.27
N VAL D 213 -14.07 8.93 -1.62
CA VAL D 213 -13.84 9.23 -0.21
C VAL D 213 -15.03 8.71 0.58
N ALA D 214 -14.81 7.62 1.35
CA ALA D 214 -15.89 6.96 2.11
C ALA D 214 -16.25 7.73 3.36
N ALA D 215 -15.29 8.37 4.01
CA ALA D 215 -15.57 9.02 5.29
C ALA D 215 -14.51 10.07 5.58
N ILE D 216 -14.93 11.12 6.27
CA ILE D 216 -14.05 12.06 6.92
C ILE D 216 -14.09 11.73 8.40
N LEU D 217 -12.92 11.53 9.01
CA LEU D 217 -12.80 11.11 10.41
C LEU D 217 -12.15 12.22 11.22
N MET D 218 -12.82 12.68 12.28
CA MET D 218 -12.28 13.79 13.06
C MET D 218 -12.51 13.59 14.54
N GLU D 219 -11.47 13.90 15.33
CA GLU D 219 -11.73 14.11 16.75
C GLU D 219 -12.79 15.21 16.87
N SER D 220 -13.84 14.97 17.67
CA SER D 220 -14.86 15.99 17.84
C SER D 220 -14.23 17.32 18.24
N ILE D 221 -13.38 17.29 19.25
CA ILE D 221 -12.44 18.36 19.56
C ILE D 221 -11.11 17.68 19.79
N VAL D 222 -10.09 18.07 19.03
CA VAL D 222 -8.78 17.42 19.12
C VAL D 222 -8.34 17.42 20.59
N GLY D 223 -8.09 16.23 21.13
CA GLY D 223 -7.92 16.09 22.56
C GLY D 223 -6.48 16.02 23.01
N ALA D 224 -5.86 14.84 22.88
CA ALA D 224 -4.52 14.64 23.42
C ALA D 224 -3.54 15.68 22.88
N ASN D 225 -3.73 16.13 21.64
CA ASN D 225 -2.82 17.08 21.00
C ASN D 225 -3.14 18.54 21.33
N GLY D 226 -3.98 18.82 22.33
CA GLY D 226 -4.06 20.14 22.93
C GLY D 226 -5.42 20.81 23.10
N VAL D 227 -6.51 20.05 23.09
CA VAL D 227 -7.83 20.66 23.20
C VAL D 227 -7.89 21.81 22.21
N ILE D 228 -7.74 21.50 20.92
CA ILE D 228 -7.71 22.53 19.89
C ILE D 228 -9.16 22.79 19.50
N LEU D 229 -9.81 23.70 20.23
CA LEU D 229 -11.16 24.13 19.86
C LEU D 229 -11.16 24.64 18.43
N PRO D 230 -12.04 24.14 17.58
CA PRO D 230 -12.08 24.57 16.16
C PRO D 230 -12.66 25.96 16.03
N PRO D 231 -12.34 26.67 14.96
CA PRO D 231 -13.03 27.94 14.71
C PRO D 231 -14.51 27.71 14.48
N GLU D 232 -15.33 28.66 14.94
CA GLU D 232 -16.77 28.55 14.78
C GLU D 232 -17.14 28.26 13.33
N GLY D 233 -18.08 27.35 13.13
CA GLY D 233 -18.60 27.04 11.82
C GLY D 233 -17.80 26.03 11.07
N TYR D 234 -16.58 25.72 11.52
CA TYR D 234 -15.71 24.78 10.85
C TYR D 234 -16.33 23.36 10.81
N MET D 235 -16.76 22.85 11.97
CA MET D 235 -17.34 21.51 12.03
C MET D 235 -18.61 21.39 11.19
N GLU D 236 -19.43 22.44 11.17
CA GLU D 236 -20.64 22.40 10.35
C GLU D 236 -20.30 22.40 8.86
N GLY D 237 -19.22 23.06 8.47
CA GLY D 237 -18.84 23.05 7.06
C GLY D 237 -18.34 21.69 6.63
N VAL D 238 -17.58 21.02 7.50
CA VAL D 238 -17.18 19.64 7.24
C VAL D 238 -18.42 18.76 7.08
N ARG D 239 -19.37 18.87 8.01
CA ARG D 239 -20.61 18.12 7.86
C ARG D 239 -21.29 18.47 6.55
N ALA D 240 -21.21 19.74 6.15
CA ALA D 240 -21.82 20.17 4.89
C ALA D 240 -21.10 19.56 3.69
N LEU D 241 -19.77 19.55 3.70
CA LEU D 241 -19.03 18.92 2.60
C LEU D 241 -19.38 17.44 2.49
N CYS D 242 -19.47 16.73 3.62
CA CYS D 242 -19.85 15.31 3.57
C CYS D 242 -21.21 15.14 2.91
N ASP D 243 -22.19 15.97 3.29
CA ASP D 243 -23.51 15.88 2.66
C ASP D 243 -23.42 16.11 1.16
N LYS D 244 -22.68 17.14 0.75
CA LYS D 244 -22.56 17.44 -0.68
C LYS D 244 -22.05 16.23 -1.47
N TYR D 245 -21.07 15.51 -0.94
CA TYR D 245 -20.34 14.54 -1.72
C TYR D 245 -20.73 13.09 -1.44
N GLY D 246 -21.66 12.86 -0.50
CA GLY D 246 -22.01 11.50 -0.15
C GLY D 246 -20.98 10.83 0.74
N ILE D 247 -20.15 11.62 1.44
CA ILE D 247 -19.12 11.14 2.37
C ILE D 247 -19.73 11.03 3.76
N LEU D 248 -19.45 9.93 4.47
CA LEU D 248 -19.87 9.76 5.85
C LEU D 248 -18.99 10.57 6.81
N MET D 249 -19.60 11.20 7.80
CA MET D 249 -18.84 11.93 8.81
C MET D 249 -18.74 11.07 10.06
N ILE D 250 -17.50 10.80 10.48
CA ILE D 250 -17.22 10.00 11.66
C ILE D 250 -16.55 10.91 12.68
N CYS D 251 -17.20 11.09 13.83
CA CYS D 251 -16.62 11.85 14.93
C CYS D 251 -15.99 10.89 15.92
N ASP D 252 -14.77 11.21 16.35
CA ASP D 252 -14.07 10.44 17.36
C ASP D 252 -14.37 11.06 18.72
N GLU D 253 -15.16 10.37 19.53
CA GLU D 253 -15.53 10.85 20.86
C GLU D 253 -14.77 10.15 21.97
N VAL D 254 -13.65 9.49 21.64
CA VAL D 254 -12.97 8.67 22.64
C VAL D 254 -12.58 9.51 23.84
N MET D 255 -11.97 10.66 23.61
CA MET D 255 -11.54 11.47 24.74
C MET D 255 -12.56 12.53 25.14
N ALA D 256 -13.30 13.05 24.18
CA ALA D 256 -14.19 14.17 24.44
C ALA D 256 -15.61 13.76 24.78
N GLY D 257 -15.91 12.45 24.80
CA GLY D 257 -17.26 12.00 25.10
C GLY D 257 -17.58 11.87 26.60
N PHE D 258 -18.87 11.70 26.88
CA PHE D 258 -19.39 11.38 28.21
C PHE D 258 -19.08 12.49 29.20
N GLY D 259 -19.61 13.68 28.88
CA GLY D 259 -19.62 14.81 29.77
C GLY D 259 -18.39 15.68 29.75
N ARG D 260 -17.32 15.26 29.10
CA ARG D 260 -16.07 16.02 29.13
C ARG D 260 -16.28 17.51 28.87
N THR D 261 -17.15 17.85 27.92
CA THR D 261 -17.29 19.23 27.47
C THR D 261 -18.53 19.93 28.01
N GLY D 262 -19.34 19.25 28.82
CA GLY D 262 -20.60 19.78 29.25
C GLY D 262 -21.79 19.23 28.52
N LYS D 263 -21.58 18.44 27.47
CA LYS D 263 -22.62 17.68 26.81
C LYS D 263 -22.26 16.20 26.84
N MET D 264 -23.26 15.34 26.65
CA MET D 264 -22.97 13.91 26.69
C MET D 264 -21.91 13.55 25.67
N PHE D 265 -22.02 14.06 24.45
CA PHE D 265 -20.98 13.91 23.45
C PHE D 265 -20.60 15.28 22.94
N ALA D 266 -19.29 15.46 22.71
CA ALA D 266 -18.76 16.75 22.30
C ALA D 266 -19.34 17.22 20.97
N TRP D 267 -19.63 16.29 20.05
CA TRP D 267 -20.23 16.71 18.80
C TRP D 267 -21.59 17.36 19.01
N GLN D 268 -22.18 17.20 20.19
CA GLN D 268 -23.46 17.84 20.47
C GLN D 268 -23.31 19.33 20.69
N ASN D 269 -22.09 19.83 20.72
CA ASN D 269 -21.85 21.25 20.77
C ASN D 269 -21.88 21.90 19.40
N PHE D 270 -22.34 21.21 18.35
CA PHE D 270 -22.05 21.77 17.05
C PHE D 270 -23.16 21.82 16.04
N ASP D 271 -24.30 21.18 16.24
CA ASP D 271 -25.33 21.23 15.18
C ASP D 271 -24.85 20.41 13.98
N VAL D 272 -24.50 19.17 14.27
CA VAL D 272 -24.07 18.17 13.30
C VAL D 272 -24.57 16.86 13.84
N LYS D 273 -25.08 16.02 12.97
CA LYS D 273 -25.29 14.65 13.36
C LYS D 273 -24.27 13.84 12.55
N PRO D 274 -23.21 13.34 13.16
CA PRO D 274 -22.28 12.49 12.43
C PRO D 274 -22.94 11.18 12.06
N ASP D 275 -22.54 10.63 10.92
CA ASP D 275 -23.09 9.35 10.49
C ASP D 275 -22.71 8.22 11.43
N MET D 276 -21.57 8.36 12.11
CA MET D 276 -21.08 7.41 13.08
C MET D 276 -20.23 8.20 14.05
N PHE D 277 -20.14 7.73 15.30
CA PHE D 277 -19.13 8.26 16.21
C PHE D 277 -18.67 7.15 17.15
N THR D 278 -17.43 7.27 17.57
CA THR D 278 -16.71 6.26 18.30
C THR D 278 -16.42 6.78 19.70
N PHE D 279 -16.36 5.85 20.65
CA PHE D 279 -16.25 6.20 22.06
C PHE D 279 -15.46 5.11 22.78
N ALA D 280 -14.82 5.49 23.88
CA ALA D 280 -14.44 4.52 24.88
C ALA D 280 -14.42 5.12 26.27
N LYS D 281 -13.41 5.95 26.52
CA LYS D 281 -12.91 6.12 27.88
C LYS D 281 -14.04 6.24 28.90
N GLY D 282 -14.82 7.32 28.80
CA GLY D 282 -15.77 7.60 29.86
C GLY D 282 -17.02 6.74 29.87
N VAL D 283 -17.22 5.92 28.84
CA VAL D 283 -18.35 5.00 28.87
C VAL D 283 -18.32 4.12 30.12
N THR D 284 -17.12 3.83 30.63
CA THR D 284 -17.00 3.09 31.90
C THR D 284 -16.00 3.73 32.83
N CYS D 285 -15.56 4.96 32.55
CA CYS D 285 -14.55 5.66 33.33
C CYS D 285 -13.27 4.84 33.47
N GLY D 286 -13.04 3.91 32.54
CA GLY D 286 -11.85 3.09 32.53
C GLY D 286 -11.89 1.88 33.43
N TYR D 287 -13.00 1.67 34.16
CA TYR D 287 -13.10 0.59 35.13
C TYR D 287 -13.10 -0.78 34.47
N VAL D 288 -13.67 -0.89 33.28
CA VAL D 288 -13.56 -2.10 32.47
C VAL D 288 -13.38 -1.65 31.02
N PRO D 289 -12.47 -2.26 30.27
CA PRO D 289 -12.27 -1.84 28.87
C PRO D 289 -13.55 -1.95 28.05
N LEU D 290 -13.93 -0.85 27.40
CA LEU D 290 -15.09 -0.84 26.52
C LEU D 290 -15.05 0.37 25.60
N GLY D 291 -15.40 0.16 24.35
CA GLY D 291 -15.51 1.23 23.38
C GLY D 291 -16.65 0.88 22.47
N GLY D 292 -16.87 1.63 21.40
CA GLY D 292 -17.93 1.24 20.49
C GLY D 292 -18.10 2.23 19.36
N VAL D 293 -19.02 1.86 18.47
CA VAL D 293 -19.40 2.68 17.32
C VAL D 293 -20.92 2.84 17.39
N VAL D 294 -21.38 4.08 17.42
CA VAL D 294 -22.81 4.36 17.31
C VAL D 294 -23.08 4.68 15.85
N VAL D 295 -24.03 3.97 15.26
CA VAL D 295 -24.27 4.10 13.83
C VAL D 295 -25.68 4.64 13.61
N SER D 296 -25.81 5.42 12.55
CA SER D 296 -27.05 6.00 12.11
C SER D 296 -28.00 4.90 11.65
N LYS D 297 -29.28 5.26 11.53
CA LYS D 297 -30.28 4.34 11.00
C LYS D 297 -29.91 3.87 9.60
N ARG D 298 -29.43 4.79 8.75
CA ARG D 298 -29.03 4.40 7.38
C ARG D 298 -28.01 3.28 7.43
N ILE D 299 -26.95 3.46 8.23
CA ILE D 299 -25.95 2.42 8.33
C ILE D 299 -26.56 1.16 8.93
N SER D 300 -27.44 1.30 9.94
CA SER D 300 -28.09 0.10 10.47
C SER D 300 -28.83 -0.65 9.38
N ASP D 301 -29.57 0.08 8.53
CA ASP D 301 -30.29 -0.58 7.46
C ASP D 301 -29.34 -1.30 6.51
N TYR D 302 -28.24 -0.66 6.13
CA TYR D 302 -27.31 -1.28 5.19
C TYR D 302 -26.89 -2.66 5.66
N PHE D 303 -26.56 -2.80 6.96
CA PHE D 303 -26.09 -4.07 7.50
C PHE D 303 -27.22 -5.00 7.93
N THR D 304 -28.46 -4.59 7.68
CA THR D 304 -29.58 -5.54 7.67
C THR D 304 -29.63 -6.32 6.37
N ASP D 305 -29.28 -5.67 5.26
CA ASP D 305 -29.22 -6.34 3.97
C ASP D 305 -27.88 -7.01 3.70
N HIS D 306 -26.80 -6.50 4.29
CA HIS D 306 -25.46 -7.03 4.07
C HIS D 306 -24.85 -7.47 5.39
N VAL D 307 -24.05 -8.54 5.33
CA VAL D 307 -23.37 -9.05 6.50
C VAL D 307 -22.35 -8.03 6.97
N LEU D 308 -22.41 -7.69 8.26
CA LEU D 308 -21.39 -6.85 8.90
C LEU D 308 -20.13 -7.66 9.10
N GLN D 309 -19.14 -7.43 8.25
CA GLN D 309 -17.86 -8.18 8.30
C GLN D 309 -16.92 -7.56 9.32
N CYS D 310 -17.42 -7.47 10.54
CA CYS D 310 -16.69 -6.98 11.70
C CYS D 310 -17.01 -7.89 12.87
N GLY D 311 -16.09 -7.96 13.82
CA GLY D 311 -16.25 -8.81 14.98
C GLY D 311 -15.03 -8.80 15.88
N LEU D 312 -15.20 -9.24 17.12
CA LEU D 312 -14.08 -9.46 18.01
C LEU D 312 -14.61 -10.28 19.18
N THR D 313 -13.73 -11.12 19.74
CA THR D 313 -14.17 -12.06 20.77
C THR D 313 -15.00 -11.35 21.84
N TYR D 314 -14.51 -10.21 22.33
CA TYR D 314 -15.06 -9.56 23.52
C TYR D 314 -16.11 -8.48 23.20
N SER D 315 -16.61 -8.42 21.96
CA SER D 315 -17.58 -7.39 21.59
C SER D 315 -18.77 -7.43 22.55
N GLY D 316 -19.10 -6.27 23.11
CA GLY D 316 -20.21 -6.25 24.04
C GLY D 316 -19.96 -7.04 25.31
N HIS D 317 -18.71 -7.07 25.77
CA HIS D 317 -18.33 -7.81 26.97
C HIS D 317 -19.29 -7.49 28.11
N THR D 318 -19.80 -8.55 28.74
CA THR D 318 -20.92 -8.42 29.67
C THR D 318 -20.55 -7.61 30.90
N LEU D 319 -19.47 -8.00 31.59
CA LEU D 319 -19.01 -7.22 32.73
C LEU D 319 -18.83 -5.75 32.35
N ALA D 320 -18.16 -5.52 31.21
CA ALA D 320 -17.88 -4.15 30.76
C ALA D 320 -19.16 -3.36 30.55
N CYS D 321 -20.16 -3.96 29.88
CA CYS D 321 -21.41 -3.24 29.66
C CYS D 321 -22.13 -2.95 30.96
N ALA D 322 -22.14 -3.89 31.91
CA ALA D 322 -22.76 -3.60 33.20
C ALA D 322 -22.18 -2.34 33.81
N ALA D 323 -20.84 -2.20 33.79
CA ALA D 323 -20.27 -0.95 34.28
C ALA D 323 -20.75 0.22 33.45
N GLY D 324 -20.91 0.03 32.14
CA GLY D 324 -21.42 1.09 31.28
C GLY D 324 -22.81 1.54 31.70
N VAL D 325 -23.72 0.59 31.94
CA VAL D 325 -25.06 0.97 32.38
C VAL D 325 -24.99 1.82 33.64
N ALA D 326 -24.15 1.42 34.60
CA ALA D 326 -24.04 2.19 35.82
C ALA D 326 -23.45 3.56 35.56
N ALA D 327 -22.40 3.64 34.74
CA ALA D 327 -21.78 4.92 34.44
C ALA D 327 -22.77 5.86 33.75
N VAL D 328 -23.48 5.36 32.74
CA VAL D 328 -24.41 6.22 32.00
C VAL D 328 -25.55 6.69 32.90
N ASN D 329 -26.11 5.77 33.71
CA ASN D 329 -27.17 6.15 34.64
C ASN D 329 -26.69 7.19 35.62
N TYR D 330 -25.44 7.10 36.02
CA TYR D 330 -24.91 8.12 36.92
C TYR D 330 -24.86 9.47 36.23
N TYR D 331 -24.30 9.54 35.02
CA TYR D 331 -24.22 10.81 34.28
C TYR D 331 -25.58 11.49 34.24
N LEU D 332 -26.63 10.71 33.92
CA LEU D 332 -27.97 11.27 33.77
C LEU D 332 -28.61 11.60 35.12
N GLU D 333 -28.72 10.61 36.00
CA GLU D 333 -29.44 10.85 37.24
C GLU D 333 -28.83 11.97 38.06
N HIS D 334 -27.50 12.13 37.99
CA HIS D 334 -26.81 13.13 38.79
C HIS D 334 -26.50 14.42 38.03
N ASP D 335 -27.13 14.62 36.87
CA ASP D 335 -26.93 15.80 36.02
C ASP D 335 -25.46 16.23 36.00
N VAL D 336 -24.61 15.30 35.54
CA VAL D 336 -23.17 15.58 35.56
C VAL D 336 -22.81 16.61 34.52
N CYS D 337 -23.51 16.62 33.37
CA CYS D 337 -23.22 17.64 32.36
C CYS D 337 -23.45 19.03 32.93
N ALA D 338 -24.60 19.25 33.57
CA ALA D 338 -24.86 20.57 34.14
C ALA D 338 -23.80 20.93 35.17
N HIS D 339 -23.36 19.97 35.97
CA HIS D 339 -22.29 20.27 36.92
C HIS D 339 -20.99 20.60 36.17
N VAL D 340 -20.75 19.91 35.05
CA VAL D 340 -19.54 20.19 34.27
C VAL D 340 -19.62 21.59 33.67
N LYS D 341 -20.77 21.93 33.05
CA LYS D 341 -20.95 23.29 32.55
C LYS D 341 -20.69 24.31 33.64
N GLU D 342 -21.21 24.07 34.85
CA GLU D 342 -20.99 25.03 35.93
C GLU D 342 -19.54 25.04 36.39
N MET D 343 -18.88 23.88 36.45
CA MET D 343 -17.48 23.90 36.83
C MET D 343 -16.63 24.61 35.80
N GLU D 344 -17.12 24.70 34.56
CA GLU D 344 -16.43 25.50 33.55
C GLU D 344 -16.25 26.93 34.06
N GLY D 345 -17.24 27.44 34.82
CA GLY D 345 -17.23 28.79 35.37
C GLY D 345 -16.11 29.05 36.36
N ILE D 346 -15.53 28.01 36.94
CA ILE D 346 -14.35 28.21 37.75
C ILE D 346 -13.08 28.00 36.92
N LEU D 347 -13.05 26.98 36.07
CA LEU D 347 -11.81 26.61 35.38
C LEU D 347 -11.44 27.60 34.27
N LYS D 348 -12.42 27.94 33.41
CA LYS D 348 -12.14 28.83 32.28
C LYS D 348 -11.62 30.19 32.71
N PRO D 349 -12.34 30.96 33.54
CA PRO D 349 -11.83 32.29 33.93
C PRO D 349 -10.48 32.20 34.59
N PHE D 350 -10.22 31.12 35.31
CA PHE D 350 -8.91 30.97 35.93
C PHE D 350 -7.80 30.84 34.88
N LEU D 351 -8.00 30.00 33.86
CA LEU D 351 -6.92 29.81 32.90
C LEU D 351 -6.73 31.06 32.03
N GLU D 352 -7.83 31.69 31.61
CA GLU D 352 -7.74 32.95 30.89
C GLU D 352 -6.92 33.99 31.67
N SER D 353 -7.12 34.06 32.99
CA SER D 353 -6.30 34.95 33.78
C SER D 353 -4.86 34.46 33.91
N MET D 354 -4.61 33.17 33.68
CA MET D 354 -3.23 32.71 33.58
C MET D 354 -2.58 33.22 32.30
N VAL D 355 -3.39 33.46 31.26
CA VAL D 355 -2.90 34.12 30.06
C VAL D 355 -2.42 35.52 30.39
N GLU D 356 -3.28 36.31 31.03
CA GLU D 356 -2.94 37.68 31.40
C GLU D 356 -1.79 37.73 32.40
N LYS D 357 -1.71 36.75 33.30
CA LYS D 357 -0.75 36.81 34.39
C LYS D 357 0.61 36.19 34.06
N HIS D 358 0.73 35.37 33.03
CA HIS D 358 1.96 34.61 32.83
C HIS D 358 2.52 34.84 31.43
N LYS D 359 3.80 35.20 31.36
CA LYS D 359 4.42 35.45 30.06
C LYS D 359 4.61 34.17 29.27
N CYS D 360 4.60 33.01 29.93
CA CYS D 360 4.84 31.71 29.31
C CYS D 360 3.57 31.04 28.83
N VAL D 361 2.41 31.67 29.02
CA VAL D 361 1.11 31.11 28.70
C VAL D 361 0.52 31.94 27.57
N GLY D 362 0.49 31.37 26.36
CA GLY D 362 0.03 32.11 25.19
C GLY D 362 -1.47 32.08 24.94
N GLU D 363 -2.09 30.95 25.25
CA GLU D 363 -3.52 30.80 25.04
C GLU D 363 -4.07 29.81 26.06
N ALA D 364 -5.36 29.96 26.36
CA ALA D 364 -6.08 29.01 27.19
C ALA D 364 -7.33 28.59 26.44
N ARG D 365 -7.58 27.30 26.40
CA ARG D 365 -8.80 26.79 25.81
C ARG D 365 -9.55 26.00 26.86
N CYS D 366 -10.88 26.11 26.83
CA CYS D 366 -11.68 25.41 27.82
C CYS D 366 -13.10 25.28 27.32
N ILE D 367 -13.58 24.05 27.26
CA ILE D 367 -15.00 23.78 27.13
C ILE D 367 -15.32 22.71 28.19
N GLY D 368 -16.28 23.00 29.06
CA GLY D 368 -16.51 22.11 30.20
C GLY D 368 -15.26 21.96 31.06
N LEU D 369 -14.91 20.71 31.39
CA LEU D 369 -13.67 20.40 32.11
C LEU D 369 -12.63 19.78 31.17
N PHE D 370 -12.61 20.28 29.94
CA PHE D 370 -11.75 19.87 28.84
C PHE D 370 -10.94 21.12 28.51
N SER D 371 -9.68 21.18 28.93
CA SER D 371 -8.99 22.46 28.88
C SER D 371 -7.49 22.24 28.67
N ALA D 372 -6.82 23.27 28.16
CA ALA D 372 -5.39 23.19 27.92
C ALA D 372 -4.80 24.60 27.86
N LEU D 373 -3.52 24.68 28.21
CA LEU D 373 -2.72 25.89 28.08
C LEU D 373 -1.65 25.66 27.02
N THR D 374 -1.47 26.61 26.11
CA THR D 374 -0.33 26.62 25.20
C THR D 374 0.81 27.33 25.91
N ILE D 375 1.91 26.63 26.13
CA ILE D 375 3.08 27.23 26.77
C ILE D 375 4.02 27.75 25.69
N VAL D 376 4.53 28.98 25.88
CA VAL D 376 5.39 29.64 24.89
C VAL D 376 6.70 30.06 25.55
N LYS D 377 7.79 30.00 24.77
CA LYS D 377 9.08 30.53 25.22
C LYS D 377 9.17 32.04 25.07
N ASN D 378 8.18 32.66 24.44
CA ASN D 378 8.24 34.06 24.03
C ASN D 378 6.87 34.54 23.57
N LYS D 379 6.17 35.27 24.44
CA LYS D 379 4.81 35.69 24.11
C LYS D 379 4.76 36.56 22.86
N GLU D 380 5.81 37.35 22.60
CA GLU D 380 5.70 38.39 21.58
C GLU D 380 5.78 37.79 20.19
N THR D 381 6.74 36.87 19.96
CA THR D 381 6.90 36.16 18.70
C THR D 381 6.06 34.87 18.60
N ARG D 382 5.41 34.45 19.69
CA ARG D 382 4.66 33.18 19.74
C ARG D 382 5.56 31.95 19.58
N GLU D 383 6.85 32.06 19.92
CA GLU D 383 7.74 30.92 19.84
C GLU D 383 7.33 29.86 20.87
N LEU D 384 7.00 28.67 20.40
CA LEU D 384 6.50 27.62 21.28
C LEU D 384 7.58 27.10 22.21
N MET D 385 7.16 26.70 23.41
CA MET D 385 8.09 26.14 24.39
C MET D 385 8.61 24.77 23.95
N ALA D 386 7.82 24.06 23.14
CA ALA D 386 8.23 22.82 22.50
C ALA D 386 7.58 22.83 21.12
N PRO D 387 8.34 23.15 20.07
CA PRO D 387 7.76 23.14 18.72
C PRO D 387 7.43 21.72 18.32
N TYR D 388 6.59 21.61 17.27
CA TYR D 388 6.05 20.30 16.91
C TYR D 388 7.13 19.24 16.81
N HIS D 389 6.92 18.14 17.54
CA HIS D 389 7.75 16.92 17.47
C HIS D 389 9.21 17.22 17.81
N THR D 390 9.42 18.15 18.73
CA THR D 390 10.76 18.53 19.16
C THR D 390 11.44 17.39 19.92
N PRO D 391 12.75 17.22 19.76
CA PRO D 391 13.50 16.38 20.71
C PRO D 391 13.80 17.16 21.99
N ASN D 392 13.79 16.44 23.11
CA ASN D 392 14.04 17.01 24.44
C ASN D 392 13.08 18.16 24.73
N SER D 393 11.79 17.90 24.56
CA SER D 393 10.80 18.87 25.02
C SER D 393 10.97 19.06 26.51
N VAL D 394 10.99 20.32 26.96
CA VAL D 394 11.08 20.57 28.39
C VAL D 394 9.74 20.38 29.10
N MET D 395 8.67 20.11 28.35
CA MET D 395 7.35 20.02 28.97
C MET D 395 7.25 18.92 30.02
N PRO D 396 7.94 17.77 29.89
CA PRO D 396 7.89 16.80 31.00
C PRO D 396 8.44 17.37 32.29
N GLN D 397 9.48 18.18 32.19
CA GLN D 397 10.00 18.92 33.34
C GLN D 397 8.88 19.68 34.06
N ILE D 398 8.05 20.39 33.28
CA ILE D 398 6.94 21.14 33.87
C ILE D 398 5.93 20.19 34.53
N MET D 399 5.62 19.06 33.87
CA MET D 399 4.70 18.11 34.45
C MET D 399 5.23 17.57 35.78
N ALA D 400 6.56 17.48 35.91
CA ALA D 400 7.12 16.93 37.14
C ALA D 400 7.03 17.94 38.28
N LYS D 401 7.26 19.23 38.00
CA LYS D 401 6.99 20.25 39.00
C LYS D 401 5.55 20.19 39.46
N LEU D 402 4.61 20.02 38.52
CA LEU D 402 3.21 19.88 38.89
C LEU D 402 2.98 18.63 39.73
N MET D 403 3.54 17.49 39.28
CA MET D 403 3.39 16.24 40.02
C MET D 403 3.94 16.37 41.44
N ASP D 404 4.93 17.25 41.63
CA ASP D 404 5.50 17.42 42.97
C ASP D 404 4.50 18.06 43.94
N LEU D 405 3.64 18.97 43.46
CA LEU D 405 2.63 19.58 44.31
C LEU D 405 1.35 18.76 44.41
N GLY D 406 1.33 17.53 43.91
CA GLY D 406 0.13 16.74 43.90
C GLY D 406 -0.88 17.09 42.82
N PHE D 407 -0.46 17.85 41.80
CA PHE D 407 -1.27 18.21 40.62
C PHE D 407 -0.79 17.30 39.49
N SER D 408 -1.48 16.18 39.30
CA SER D 408 -1.08 15.19 38.28
C SER D 408 -1.81 15.45 36.97
N THR D 409 -1.06 15.70 35.91
CA THR D 409 -1.66 15.86 34.60
C THR D 409 -0.63 15.47 33.54
N PHE D 410 -0.96 15.70 32.27
CA PHE D 410 -0.04 15.40 31.19
C PHE D 410 -0.31 16.37 30.04
N GLY D 411 0.52 16.29 29.02
CA GLY D 411 0.32 17.08 27.81
C GLY D 411 1.07 16.47 26.65
N ARG D 412 0.78 16.99 25.47
CA ARG D 412 1.56 16.67 24.30
C ARG D 412 2.07 17.96 23.68
N GLU D 413 3.19 17.86 22.99
CA GLU D 413 3.77 19.01 22.29
C GLU D 413 4.02 20.11 23.30
N THR D 414 3.42 21.29 23.13
CA THR D 414 3.72 22.49 23.90
C THR D 414 2.57 22.86 24.85
N ASN D 415 1.75 21.87 25.23
CA ASN D 415 0.54 22.10 26.01
C ASN D 415 0.59 21.41 27.36
N ILE D 416 -0.13 22.03 28.30
CA ILE D 416 -0.53 21.41 29.56
C ILE D 416 -2.04 21.22 29.47
N ASN D 417 -2.48 19.99 29.69
CA ASN D 417 -3.90 19.75 29.80
C ASN D 417 -4.38 19.97 31.25
N ILE D 418 -5.63 20.39 31.38
CA ILE D 418 -6.31 20.39 32.66
C ILE D 418 -7.66 19.75 32.38
N CYS D 419 -7.80 18.49 32.77
CA CYS D 419 -9.00 17.70 32.51
C CYS D 419 -9.35 16.95 33.79
N PRO D 420 -9.78 17.67 34.82
CA PRO D 420 -10.05 17.02 36.12
C PRO D 420 -11.31 16.17 36.08
N PRO D 421 -11.47 15.24 37.01
CA PRO D 421 -12.68 14.42 37.00
C PRO D 421 -13.94 15.28 37.10
N LEU D 422 -14.96 14.87 36.32
CA LEU D 422 -16.21 15.62 36.19
C LEU D 422 -16.96 15.76 37.51
N ILE D 423 -16.59 15.02 38.55
CA ILE D 423 -17.24 15.15 39.85
C ILE D 423 -16.52 16.11 40.77
N ILE D 424 -15.40 16.67 40.34
CA ILE D 424 -14.64 17.62 41.14
C ILE D 424 -15.55 18.77 41.60
N THR D 425 -15.25 19.34 42.76
CA THR D 425 -16.08 20.40 43.29
C THR D 425 -15.40 21.75 43.15
N ALA D 426 -16.21 22.81 43.25
CA ALA D 426 -15.68 24.16 43.30
C ALA D 426 -14.61 24.27 44.38
N GLU D 427 -14.92 23.78 45.59
CA GLU D 427 -13.93 23.85 46.67
C GLU D 427 -12.64 23.16 46.26
N GLN D 428 -12.77 22.00 45.59
CA GLN D 428 -11.61 21.22 45.16
C GLN D 428 -10.80 21.95 44.08
N LEU D 429 -11.48 22.46 43.04
CA LEU D 429 -10.78 23.26 42.03
C LEU D 429 -10.02 24.43 42.63
N GLU D 430 -10.69 25.23 43.47
CA GLU D 430 -10.05 26.41 44.05
C GLU D 430 -8.85 26.04 44.89
N GLU D 431 -8.72 24.77 45.26
CA GLU D 431 -7.63 24.29 46.09
C GLU D 431 -6.45 23.81 45.27
N GLU D 432 -6.70 23.30 44.06
CA GLU D 432 -5.69 22.72 43.18
C GLU D 432 -5.12 23.75 42.21
N LEU D 433 -5.99 24.60 41.65
CA LEU D 433 -5.53 25.57 40.65
C LEU D 433 -4.42 26.48 41.16
N PRO D 434 -4.41 26.91 42.42
CA PRO D 434 -3.23 27.66 42.90
C PRO D 434 -1.92 26.94 42.61
N LYS D 435 -1.93 25.61 42.62
CA LYS D 435 -0.71 24.86 42.33
C LYS D 435 -0.28 25.05 40.88
N LEU D 436 -1.25 25.14 39.95
CA LEU D 436 -0.92 25.34 38.56
C LEU D 436 -0.29 26.72 38.36
N ASP D 437 -0.85 27.73 39.04
CA ASP D 437 -0.27 29.06 38.99
C ASP D 437 1.15 29.10 39.52
N LYS D 438 1.40 28.41 40.64
CA LYS D 438 2.76 28.39 41.19
C LYS D 438 3.76 27.83 40.19
N VAL D 439 3.42 26.73 39.51
CA VAL D 439 4.37 26.11 38.59
C VAL D 439 4.54 26.99 37.35
N LEU D 440 3.46 27.62 36.90
CA LEU D 440 3.57 28.55 35.78
C LEU D 440 4.55 29.68 36.09
N THR D 441 4.54 30.18 37.34
CA THR D 441 5.51 31.20 37.75
C THR D 441 6.94 30.68 37.63
N TRP D 442 7.18 29.42 38.02
CA TRP D 442 8.51 28.85 37.89
C TRP D 442 8.97 28.86 36.44
N VAL D 443 8.06 28.56 35.50
CA VAL D 443 8.41 28.55 34.09
C VAL D 443 8.72 29.96 33.60
N ASP D 444 7.87 30.93 33.96
CA ASP D 444 8.13 32.33 33.67
C ASP D 444 9.60 32.69 33.93
N GLU D 445 10.12 32.26 35.07
CA GLU D 445 11.43 32.69 35.54
C GLU D 445 12.56 31.77 35.12
N ASN D 446 12.29 30.61 34.52
CA ASN D 446 13.35 29.64 34.24
C ASN D 446 13.41 29.18 32.80
N LEU D 447 12.36 29.37 32.01
CA LEU D 447 12.33 28.94 30.62
C LEU D 447 11.78 30.03 29.72
N CYS D 448 11.49 31.21 30.24
CA CYS D 448 10.97 32.33 29.46
C CYS D 448 9.51 32.12 29.03
N GLU E . -0.42 10.98 32.08
CA GLU E . -1.25 10.10 32.84
C GLU E . -0.90 10.36 34.30
O GLU E . -1.69 10.06 35.25
CB GLU E . -1.02 8.65 32.40
CG GLU E . 0.34 8.13 31.95
CD GLU E . 0.15 6.60 31.80
OE1 GLU E . 0.89 5.72 32.37
OE2 GLU E . -0.84 6.20 31.10
OXT GLU E . 0.21 10.93 34.52
H2 GLU E . 0.42 10.70 32.13
H GLU E . -0.48 11.80 32.44
HA GLU E . -2.20 10.25 32.71
HB2 GLU E . -1.63 8.50 31.67
HB3 GLU E . -1.28 8.10 33.16
HG2 GLU E . 1.03 8.32 32.60
HG3 GLU E . 0.60 8.53 31.10
N GLU F . -17.60 -14.90 16.24
CA GLU F . -18.24 -13.63 16.60
C GLU F . -17.27 -12.61 17.22
O GLU F . -16.04 -12.63 16.89
CB GLU F . -19.40 -14.04 17.50
CG GLU F . -20.60 -13.12 17.33
CD GLU F . -21.70 -13.64 16.42
OE1 GLU F . -21.61 -14.75 15.81
OE2 GLU F . -22.74 -12.94 16.31
OXT GLU F . -17.71 -11.72 17.99
H2 GLU F . -17.29 -15.28 16.99
H GLU F . -18.21 -15.44 15.87
HA GLU F . -18.56 -13.14 15.83
HB2 GLU F . -19.67 -14.95 17.28
HB3 GLU F . -19.12 -14.01 18.43
HG2 GLU F . -20.28 -12.28 16.97
HG3 GLU F . -20.98 -12.96 18.21
N1 PLP G . -5.70 -15.01 17.14
C2 PLP G . -6.38 -16.16 17.20
C2A PLP G . -5.65 -17.49 17.06
C3 PLP G . -7.78 -16.15 17.37
O3 PLP G . -8.51 -17.33 17.43
C4 PLP G . -8.45 -14.97 17.50
C4A PLP G . -10.00 -15.01 17.70
O4A PLP G . -10.67 -15.95 17.27
C5 PLP G . -7.69 -13.76 17.44
C6 PLP G . -6.31 -13.81 17.26
C5A PLP G . -8.42 -12.37 17.58
O4P PLP G . -8.65 -12.21 18.95
P PLP G . -9.70 -11.09 19.46
O1P PLP G . -9.62 -10.94 20.92
O2P PLP G . -9.35 -9.74 18.97
O3P PLP G . -11.24 -11.50 18.93
H2A1 PLP G . -5.49 -17.85 17.95
H2A2 PLP G . -4.81 -17.35 16.61
H2A3 PLP G . -6.21 -18.11 16.56
HO3 PLP G . -8.89 -17.47 16.68
H4A PLP G . -10.43 -14.31 18.14
H6 PLP G . -5.80 -13.02 17.23
H5A1 PLP G . -7.86 -11.66 17.25
H5A2 PLP G . -9.27 -12.38 17.10
HOP3 PLP G . -11.19 -11.88 18.17
N GLU H . 16.61 -5.84 -19.90
CA GLU H . 17.60 -5.10 -19.12
C GLU H . 16.94 -4.43 -17.94
O GLU H . 17.62 -4.20 -16.88
CB GLU H . 18.21 -3.94 -19.92
CG GLU H . 19.24 -3.06 -19.16
CD GLU H . 20.63 -3.71 -19.16
OE1 GLU H . 20.75 -4.97 -19.23
OE2 GLU H . 21.67 -3.00 -19.06
OXT GLU H . 15.72 -4.07 -18.03
H2 GLU H . 16.90 -5.95 -20.73
H GLU H . 16.48 -6.64 -19.52
HA GLU H . 18.28 -5.75 -18.89
HB2 GLU H . 18.65 -4.30 -20.70
HB3 GLU H . 17.48 -3.35 -20.20
HG2 GLU H . 18.93 -2.93 -18.25
HG3 GLU H . 19.29 -2.20 -19.61
N1 PLP I . 8.97 -8.70 -20.14
C2 PLP I . 9.96 -9.53 -20.46
C2A PLP I . 9.66 -10.99 -20.72
C3 PLP I . 11.31 -9.06 -20.56
O3 PLP I . 12.34 -9.91 -20.89
C4 PLP I . 11.59 -7.74 -20.32
C4A PLP I . 13.06 -7.25 -20.42
O4A PLP I . 13.97 -8.01 -20.12
C5 PLP I . 10.51 -6.89 -19.98
C6 PLP I . 9.20 -7.39 -19.90
C5A PLP I . 10.80 -5.37 -19.70
O4P PLP I . 11.01 -4.80 -20.95
P PLP I . 11.57 -3.28 -21.12
O1P PLP I . 13.02 -3.22 -20.92
O2P PLP I . 11.40 -2.85 -22.52
O3P PLP I . 10.78 -2.28 -19.99
H2A1 PLP I . 9.97 -11.22 -21.62
H2A2 PLP I . 8.71 -11.14 -20.65
H2A3 PLP I . 10.12 -11.53 -20.07
HO3 PLP I . 12.60 -9.74 -21.68
H4A PLP I . 13.25 -6.39 -20.72
H6 PLP I . 8.48 -6.82 -19.67
H5A1 PLP I . 10.04 -4.95 -19.26
H5A2 PLP I . 11.59 -5.27 -19.15
HOP3 PLP I . 10.48 -2.76 -19.35
N GLU J . 24.97 -8.86 -22.36
CA GLU J . 23.95 -8.31 -23.22
C GLU J . 24.44 -8.57 -24.65
O GLU J . 24.31 -9.72 -25.11
CB GLU J . 23.79 -6.84 -22.89
CG GLU J . 23.09 -6.64 -21.54
CD GLU J . 22.93 -5.14 -21.24
OE1 GLU J . 23.15 -4.66 -20.08
OE2 GLU J . 22.58 -4.36 -22.17
OXT GLU J . 24.98 -7.68 -25.36
H2 GLU J . 25.76 -8.48 -22.55
H GLU J . 25.04 -9.73 -22.49
HA GLU J . 23.07 -8.71 -23.12
HB2 GLU J . 24.66 -6.42 -22.87
HB3 GLU J . 23.25 -6.42 -23.59
HG2 GLU J . 23.63 -7.04 -20.84
HG3 GLU J . 22.23 -7.06 -21.56
N GLU K . -1.91 19.98 -30.49
CA GLU K . -2.88 19.12 -31.17
C GLU K . -4.34 19.21 -30.69
O GLU K . -4.71 18.50 -29.68
CB GLU K . -2.47 17.66 -30.94
CG GLU K . -2.32 17.36 -29.44
CD GLU K . -3.20 16.24 -28.88
OE1 GLU K . -2.84 15.02 -28.95
OE2 GLU K . -4.30 16.52 -28.33
OXT GLU K . -5.16 19.95 -31.32
H2 GLU K . -1.57 20.54 -31.09
H GLU K . -1.27 19.48 -30.15
HA GLU K . -2.87 19.42 -32.09
HB2 GLU K . -3.14 17.07 -31.33
HB3 GLU K . -1.62 17.50 -31.39
HG2 GLU K . -2.53 18.17 -28.95
HG3 GLU K . -1.39 17.13 -29.27
N GLU L . -0.97 10.87 -25.54
CA GLU L . -1.83 11.70 -24.68
C GLU L . -1.45 11.28 -23.24
O GLU L . -2.33 10.85 -22.43
CB GLU L . -3.24 11.54 -25.28
CG GLU L . -3.34 12.26 -26.64
CD GLU L . -4.64 12.00 -27.43
OE1 GLU L . -5.54 11.18 -27.06
OE2 GLU L . -4.84 12.63 -28.50
OXT GLU L . -0.23 11.39 -22.85
H2 GLU L . -1.03 11.09 -26.40
H GLU L . -0.11 10.90 -25.28
HA GLU L . -1.74 12.66 -24.64
HB2 GLU L . -3.42 10.59 -25.41
HB3 GLU L . -3.88 11.91 -24.67
HG2 GLU L . -2.60 11.99 -27.19
HG3 GLU L . -3.28 13.22 -26.48
N1 PLP M . 6.03 15.18 -16.99
C2 PLP M . 5.45 16.23 -17.56
C2A PLP M . 5.67 17.62 -16.99
C3 PLP M . 4.60 16.06 -18.69
O3 PLP M . 3.98 17.15 -19.30
C4 PLP M . 4.40 14.80 -19.22
C4A PLP M . 3.49 14.62 -20.46
O4A PLP M . 2.42 15.24 -20.52
C5 PLP M . 5.05 13.70 -18.57
C6 PLP M . 5.87 13.93 -17.46
C5A PLP M . 4.86 12.24 -19.11
O4P PLP M . 5.68 12.12 -20.21
P PLP M . 5.52 10.87 -21.25
O1P PLP M . 5.51 9.60 -20.50
O2P PLP M . 4.10 11.03 -22.14
O3P PLP M . 6.70 10.77 -22.12
H2A1 PLP M . 5.64 17.58 -16.02
H2A2 PLP M . 4.98 18.22 -17.31
H2A3 PLP M . 6.54 17.96 -17.28
HO3 PLP M . 3.14 17.04 -19.28
H4A PLP M . 3.73 14.06 -21.15
H6 PLP M . 6.31 13.22 -17.04
H5A1 PLP M . 5.12 11.59 -18.43
H5A2 PLP M . 3.94 12.09 -19.36
HOP2 PLP M . 3.43 11.07 -21.62
N GLU N . -21.79 -21.11 19.44
CA GLU N . -20.63 -20.94 20.30
C GLU N . -21.05 -20.65 21.75
O GLU N . -21.03 -21.59 22.63
CB GLU N . -19.85 -19.74 19.78
CG GLU N . -20.81 -18.61 19.46
CD GLU N . -20.10 -17.45 18.77
OE1 GLU N . -19.36 -17.78 17.82
OE2 GLU N . -20.23 -16.23 19.14
OXT GLU N . -21.39 -19.48 22.05
H2 GLU N . -21.77 -21.92 19.06
H GLU N . -22.54 -21.01 19.91
HA GLU N . -20.10 -21.75 20.30
HB2 GLU N . -19.38 -19.99 18.98
HB3 GLU N . -19.22 -19.45 20.45
HG2 GLU N . -21.52 -18.94 18.88
HG3 GLU N . -21.22 -18.28 20.29
N GLU O . -0.88 7.56 27.55
CA GLU O . -0.01 6.44 27.20
C GLU O . -0.77 5.31 26.46
O GLU O . -0.78 4.14 26.97
CB GLU O . 0.68 5.84 28.45
CG GLU O . 1.77 6.76 29.02
CD GLU O . 3.06 6.07 29.46
OE1 GLU O . 3.16 4.83 29.42
OE2 GLU O . 4.03 6.76 29.89
OXT GLU O . -1.37 5.54 25.36
H2 GLU O . -0.39 8.22 27.88
H GLU O . -1.31 7.84 26.82
HA GLU O . 0.65 6.80 26.60
HB2 GLU O . 0.01 5.69 29.13
HB3 GLU O . 1.08 4.99 28.21
HG2 GLU O . 1.99 7.41 28.33
HG3 GLU O . 1.39 7.24 29.78
N1 PLP P . -9.08 8.77 20.17
C2 PLP P . -8.73 9.69 21.06
C2A PLP P . -9.29 11.11 20.95
C3 PLP P . -7.82 9.37 22.10
O3 PLP P . -7.45 10.31 23.04
C4 PLP P . -7.31 8.11 22.21
C4A PLP P . -6.33 7.79 23.37
O4A PLP P . -5.38 8.55 23.54
C5 PLP P . -7.72 7.15 21.24
C6 PLP P . -8.61 7.52 20.23
C5A PLP P . -7.15 5.68 21.31
O4P PLP P . -7.89 5.02 22.28
P PLP P . -7.37 3.61 22.94
O1P PLP P . -8.43 3.05 23.79
O2P PLP P . -6.92 2.49 21.76
O3P PLP P . -6.27 3.87 23.85
H2A1 PLP P . -9.54 11.29 20.03
H2A2 PLP P . -8.62 11.75 21.24
H2A3 PLP P . -10.07 11.19 21.52
HO3 PLP P . -7.96 10.26 23.71
H4A PLP P . -6.46 7.05 23.92
H6 PLP P . -8.87 6.89 19.58
H5A1 PLP P . -7.25 5.24 20.46
H5A2 PLP P . -6.21 5.70 21.57
HOP2 PLP P . -6.93 2.87 20.99
#